data_5NGT
# 
_entry.id   5NGT 
# 
_audit_conform.dict_name       mmcif_pdbx.dic 
_audit_conform.dict_version    5.383 
_audit_conform.dict_location   http://mmcif.pdb.org/dictionaries/ascii/mmcif_pdbx.dic 
# 
loop_
_database_2.database_id 
_database_2.database_code 
_database_2.pdbx_database_accession 
_database_2.pdbx_DOI 
PDB   5NGT         pdb_00005ngt 10.2210/pdb5ngt/pdb 
WWPDB D_1200004112 ?            ?                   
# 
loop_
_pdbx_audit_revision_history.ordinal 
_pdbx_audit_revision_history.data_content_type 
_pdbx_audit_revision_history.major_revision 
_pdbx_audit_revision_history.minor_revision 
_pdbx_audit_revision_history.revision_date 
1 'Structure model' 1 0 2017-10-04 
2 'Structure model' 1 1 2017-10-25 
3 'Structure model' 1 2 2024-01-17 
# 
_pdbx_audit_revision_details.ordinal             1 
_pdbx_audit_revision_details.revision_ordinal    1 
_pdbx_audit_revision_details.data_content_type   'Structure model' 
_pdbx_audit_revision_details.provider            repository 
_pdbx_audit_revision_details.type                'Initial release' 
_pdbx_audit_revision_details.description         ? 
_pdbx_audit_revision_details.details             ? 
# 
loop_
_pdbx_audit_revision_group.ordinal 
_pdbx_audit_revision_group.revision_ordinal 
_pdbx_audit_revision_group.data_content_type 
_pdbx_audit_revision_group.group 
1 2 'Structure model' 'Database references'    
2 3 'Structure model' 'Data collection'        
3 3 'Structure model' 'Database references'    
4 3 'Structure model' 'Refinement description' 
# 
loop_
_pdbx_audit_revision_category.ordinal 
_pdbx_audit_revision_category.revision_ordinal 
_pdbx_audit_revision_category.data_content_type 
_pdbx_audit_revision_category.category 
1 2 'Structure model' citation                      
2 2 'Structure model' citation_author               
3 3 'Structure model' chem_comp_atom                
4 3 'Structure model' chem_comp_bond                
5 3 'Structure model' database_2                    
6 3 'Structure model' pdbx_initial_refinement_model 
# 
loop_
_pdbx_audit_revision_item.ordinal 
_pdbx_audit_revision_item.revision_ordinal 
_pdbx_audit_revision_item.data_content_type 
_pdbx_audit_revision_item.item 
1 2 'Structure model' '_citation.journal_volume'            
2 2 'Structure model' '_citation.page_first'                
3 2 'Structure model' '_citation.page_last'                 
4 2 'Structure model' '_citation.title'                     
5 2 'Structure model' '_citation_author.name'               
6 3 'Structure model' '_database_2.pdbx_DOI'                
7 3 'Structure model' '_database_2.pdbx_database_accession' 
# 
_pdbx_database_status.status_code                     REL 
_pdbx_database_status.status_code_sf                  REL 
_pdbx_database_status.status_code_mr                  ? 
_pdbx_database_status.entry_id                        5NGT 
_pdbx_database_status.recvd_initial_deposition_date   2017-03-20 
_pdbx_database_status.SG_entry                        N 
_pdbx_database_status.deposit_site                    PDBE 
_pdbx_database_status.process_site                    PDBE 
_pdbx_database_status.status_code_cs                  ? 
_pdbx_database_status.methods_development_category    ? 
_pdbx_database_status.pdb_format_compatible           Y 
_pdbx_database_status.status_code_nmr_data            ? 
# 
loop_
_pdbx_database_related.content_type 
_pdbx_database_related.db_id 
_pdbx_database_related.db_name 
_pdbx_database_related.details 
unspecified 5NGR PDB . 
unspecified 5NGS PDB . 
# 
loop_
_audit_author.name 
_audit_author.pdbx_ordinal 
_audit_author.identifier_ORCID 
'Gustafsson, R.'       1 ? 
'Rudling, A.'          2 ? 
'Almlof, I.'           3 ? 
'Homan, E.'            4 ? 
'Scobie, M.'           5 ? 
'Warpman Berglund, U.' 6 ? 
'Helleday, T.'         7 ? 
'Carlsson, J.'         8 ? 
'Stenmark, P.'         9 ? 
# 
_citation.abstract                  ? 
_citation.abstract_id_CAS           ? 
_citation.book_id_ISBN              ? 
_citation.book_publisher            ? 
_citation.book_publisher_city       ? 
_citation.book_title                ? 
_citation.coordinate_linkage        ? 
_citation.country                   US 
_citation.database_id_Medline       ? 
_citation.details                   ? 
_citation.id                        primary 
_citation.journal_abbrev            'J. Med. Chem.' 
_citation.journal_id_ASTM           JMCMAR 
_citation.journal_id_CSD            0151 
_citation.journal_id_ISSN           1520-4804 
_citation.journal_full              ? 
_citation.journal_issue             ? 
_citation.journal_volume            60 
_citation.language                  ? 
_citation.page_first                8160 
_citation.page_last                 8169 
_citation.title                     
'Fragment-Based Discovery and Optimization of Enzyme Inhibitors by Docking of Commercial Chemical Space.' 
_citation.year                      2017 
_citation.database_id_CSD           ? 
_citation.pdbx_database_id_DOI      10.1021/acs.jmedchem.7b01006 
_citation.pdbx_database_id_PubMed   28929756 
_citation.unpublished_flag          ? 
# 
loop_
_citation_author.citation_id 
_citation_author.name 
_citation_author.ordinal 
_citation_author.identifier_ORCID 
primary 'Rudling, A.'          1 ? 
primary 'Gustafsson, R.'       2 ? 
primary 'Almlof, I.'           3 ? 
primary 'Homan, E.'            4 ? 
primary 'Scobie, M.'           5 ? 
primary 'Warpman Berglund, U.' 6 ? 
primary 'Helleday, T.'         7 ? 
primary 'Stenmark, P.'         8 ? 
primary 'Carlsson, J.'         9 ? 
# 
loop_
_entity.id 
_entity.type 
_entity.src_method 
_entity.pdbx_description 
_entity.formula_weight 
_entity.pdbx_number_of_molecules 
_entity.pdbx_ec 
_entity.pdbx_mutation 
_entity.pdbx_fragment 
_entity.details 
1 polymer     man '7,8-dihydro-8-oxoguanine triphosphatase'        18253.736 1   3.6.1.55,3.6.1.56 ? ? ? 
2 non-polymer syn '7-(furan-2-yl)-5-methyl-1,3-benzoxazol-2-amine' 214.220   1   ?                 ? ? ? 
3 non-polymer syn 'SULFATE ION'                                    96.063    2   ?                 ? ? ? 
4 water       nat water                                            18.015    101 ?                 ? ? ? 
# 
_entity_name_com.entity_id   1 
_entity_name_com.name        
'2-hydroxy-dATP diphosphatase,8-oxo-dGTPase,Nucleoside diphosphate-linked moiety X motif 1,Nudix motif 1' 
# 
_entity_poly.entity_id                      1 
_entity_poly.type                           'polypeptide(L)' 
_entity_poly.nstd_linkage                   no 
_entity_poly.nstd_monomer                   no 
_entity_poly.pdbx_seq_one_letter_code       
;GSHMGASRLYTLVLVLQPQRVLLGMKKRGFGAGRWNGFGGKVQEGETIEDGARRELQEESGLTVDALHKVGQIVFEFVGE
PELMDVHVFCTDSIQGTPVESDEMRPCWFQLDQIPFKDMWPDDSYWFPLLLQKKKFHGYFKFQGQDTILDYTLREVDTV
;
_entity_poly.pdbx_seq_one_letter_code_can   
;GSHMGASRLYTLVLVLQPQRVLLGMKKRGFGAGRWNGFGGKVQEGETIEDGARRELQEESGLTVDALHKVGQIVFEFVGE
PELMDVHVFCTDSIQGTPVESDEMRPCWFQLDQIPFKDMWPDDSYWFPLLLQKKKFHGYFKFQGQDTILDYTLREVDTV
;
_entity_poly.pdbx_strand_id                 A 
_entity_poly.pdbx_target_identifier         ? 
# 
loop_
_pdbx_entity_nonpoly.entity_id 
_pdbx_entity_nonpoly.name 
_pdbx_entity_nonpoly.comp_id 
2 '7-(furan-2-yl)-5-methyl-1,3-benzoxazol-2-amine' 8WZ 
3 'SULFATE ION'                                    SO4 
4 water                                            HOH 
# 
loop_
_entity_poly_seq.entity_id 
_entity_poly_seq.num 
_entity_poly_seq.mon_id 
_entity_poly_seq.hetero 
1 1   GLY n 
1 2   SER n 
1 3   HIS n 
1 4   MET n 
1 5   GLY n 
1 6   ALA n 
1 7   SER n 
1 8   ARG n 
1 9   LEU n 
1 10  TYR n 
1 11  THR n 
1 12  LEU n 
1 13  VAL n 
1 14  LEU n 
1 15  VAL n 
1 16  LEU n 
1 17  GLN n 
1 18  PRO n 
1 19  GLN n 
1 20  ARG n 
1 21  VAL n 
1 22  LEU n 
1 23  LEU n 
1 24  GLY n 
1 25  MET n 
1 26  LYS n 
1 27  LYS n 
1 28  ARG n 
1 29  GLY n 
1 30  PHE n 
1 31  GLY n 
1 32  ALA n 
1 33  GLY n 
1 34  ARG n 
1 35  TRP n 
1 36  ASN n 
1 37  GLY n 
1 38  PHE n 
1 39  GLY n 
1 40  GLY n 
1 41  LYS n 
1 42  VAL n 
1 43  GLN n 
1 44  GLU n 
1 45  GLY n 
1 46  GLU n 
1 47  THR n 
1 48  ILE n 
1 49  GLU n 
1 50  ASP n 
1 51  GLY n 
1 52  ALA n 
1 53  ARG n 
1 54  ARG n 
1 55  GLU n 
1 56  LEU n 
1 57  GLN n 
1 58  GLU n 
1 59  GLU n 
1 60  SER n 
1 61  GLY n 
1 62  LEU n 
1 63  THR n 
1 64  VAL n 
1 65  ASP n 
1 66  ALA n 
1 67  LEU n 
1 68  HIS n 
1 69  LYS n 
1 70  VAL n 
1 71  GLY n 
1 72  GLN n 
1 73  ILE n 
1 74  VAL n 
1 75  PHE n 
1 76  GLU n 
1 77  PHE n 
1 78  VAL n 
1 79  GLY n 
1 80  GLU n 
1 81  PRO n 
1 82  GLU n 
1 83  LEU n 
1 84  MET n 
1 85  ASP n 
1 86  VAL n 
1 87  HIS n 
1 88  VAL n 
1 89  PHE n 
1 90  CYS n 
1 91  THR n 
1 92  ASP n 
1 93  SER n 
1 94  ILE n 
1 95  GLN n 
1 96  GLY n 
1 97  THR n 
1 98  PRO n 
1 99  VAL n 
1 100 GLU n 
1 101 SER n 
1 102 ASP n 
1 103 GLU n 
1 104 MET n 
1 105 ARG n 
1 106 PRO n 
1 107 CYS n 
1 108 TRP n 
1 109 PHE n 
1 110 GLN n 
1 111 LEU n 
1 112 ASP n 
1 113 GLN n 
1 114 ILE n 
1 115 PRO n 
1 116 PHE n 
1 117 LYS n 
1 118 ASP n 
1 119 MET n 
1 120 TRP n 
1 121 PRO n 
1 122 ASP n 
1 123 ASP n 
1 124 SER n 
1 125 TYR n 
1 126 TRP n 
1 127 PHE n 
1 128 PRO n 
1 129 LEU n 
1 130 LEU n 
1 131 LEU n 
1 132 GLN n 
1 133 LYS n 
1 134 LYS n 
1 135 LYS n 
1 136 PHE n 
1 137 HIS n 
1 138 GLY n 
1 139 TYR n 
1 140 PHE n 
1 141 LYS n 
1 142 PHE n 
1 143 GLN n 
1 144 GLY n 
1 145 GLN n 
1 146 ASP n 
1 147 THR n 
1 148 ILE n 
1 149 LEU n 
1 150 ASP n 
1 151 TYR n 
1 152 THR n 
1 153 LEU n 
1 154 ARG n 
1 155 GLU n 
1 156 VAL n 
1 157 ASP n 
1 158 THR n 
1 159 VAL n 
# 
_entity_src_gen.entity_id                          1 
_entity_src_gen.pdbx_src_id                        1 
_entity_src_gen.pdbx_alt_source_flag               sample 
_entity_src_gen.pdbx_seq_type                      'Biological sequence' 
_entity_src_gen.pdbx_beg_seq_num                   1 
_entity_src_gen.pdbx_end_seq_num                   159 
_entity_src_gen.gene_src_common_name               Human 
_entity_src_gen.gene_src_genus                     ? 
_entity_src_gen.pdbx_gene_src_gene                 'NUDT1, MTH1' 
_entity_src_gen.gene_src_species                   ? 
_entity_src_gen.gene_src_strain                    ? 
_entity_src_gen.gene_src_tissue                    ? 
_entity_src_gen.gene_src_tissue_fraction           ? 
_entity_src_gen.gene_src_details                   ? 
_entity_src_gen.pdbx_gene_src_fragment             ? 
_entity_src_gen.pdbx_gene_src_scientific_name      'Homo sapiens' 
_entity_src_gen.pdbx_gene_src_ncbi_taxonomy_id     9606 
_entity_src_gen.pdbx_gene_src_variant              ? 
_entity_src_gen.pdbx_gene_src_cell_line            ? 
_entity_src_gen.pdbx_gene_src_atcc                 ? 
_entity_src_gen.pdbx_gene_src_organ                ? 
_entity_src_gen.pdbx_gene_src_organelle            ? 
_entity_src_gen.pdbx_gene_src_cell                 ? 
_entity_src_gen.pdbx_gene_src_cellular_location    ? 
_entity_src_gen.host_org_common_name               ? 
_entity_src_gen.pdbx_host_org_scientific_name      'Escherichia coli' 
_entity_src_gen.pdbx_host_org_ncbi_taxonomy_id     469008 
_entity_src_gen.host_org_genus                     ? 
_entity_src_gen.pdbx_host_org_gene                 ? 
_entity_src_gen.pdbx_host_org_organ                ? 
_entity_src_gen.host_org_species                   ? 
_entity_src_gen.pdbx_host_org_tissue               ? 
_entity_src_gen.pdbx_host_org_tissue_fraction      ? 
_entity_src_gen.pdbx_host_org_strain               'BL21(DE3)' 
_entity_src_gen.pdbx_host_org_variant              ? 
_entity_src_gen.pdbx_host_org_cell_line            ? 
_entity_src_gen.pdbx_host_org_atcc                 ? 
_entity_src_gen.pdbx_host_org_culture_collection   ? 
_entity_src_gen.pdbx_host_org_cell                 ? 
_entity_src_gen.pdbx_host_org_organelle            ? 
_entity_src_gen.pdbx_host_org_cellular_location    ? 
_entity_src_gen.pdbx_host_org_vector_type          ? 
_entity_src_gen.pdbx_host_org_vector               ? 
_entity_src_gen.host_org_details                   ? 
_entity_src_gen.expression_system_id               ? 
_entity_src_gen.plasmid_name                       ? 
_entity_src_gen.plasmid_details                    ? 
_entity_src_gen.pdbx_description                   ? 
# 
loop_
_chem_comp.id 
_chem_comp.type 
_chem_comp.mon_nstd_flag 
_chem_comp.name 
_chem_comp.pdbx_synonyms 
_chem_comp.formula 
_chem_comp.formula_weight 
8WZ non-polymer         . '7-(furan-2-yl)-5-methyl-1,3-benzoxazol-2-amine' ? 'C12 H10 N2 O2'  214.220 
ALA 'L-peptide linking' y ALANINE                                          ? 'C3 H7 N O2'     89.093  
ARG 'L-peptide linking' y ARGININE                                         ? 'C6 H15 N4 O2 1' 175.209 
ASN 'L-peptide linking' y ASPARAGINE                                       ? 'C4 H8 N2 O3'    132.118 
ASP 'L-peptide linking' y 'ASPARTIC ACID'                                  ? 'C4 H7 N O4'     133.103 
CYS 'L-peptide linking' y CYSTEINE                                         ? 'C3 H7 N O2 S'   121.158 
GLN 'L-peptide linking' y GLUTAMINE                                        ? 'C5 H10 N2 O3'   146.144 
GLU 'L-peptide linking' y 'GLUTAMIC ACID'                                  ? 'C5 H9 N O4'     147.129 
GLY 'peptide linking'   y GLYCINE                                          ? 'C2 H5 N O2'     75.067  
HIS 'L-peptide linking' y HISTIDINE                                        ? 'C6 H10 N3 O2 1' 156.162 
HOH non-polymer         . WATER                                            ? 'H2 O'           18.015  
ILE 'L-peptide linking' y ISOLEUCINE                                       ? 'C6 H13 N O2'    131.173 
LEU 'L-peptide linking' y LEUCINE                                          ? 'C6 H13 N O2'    131.173 
LYS 'L-peptide linking' y LYSINE                                           ? 'C6 H15 N2 O2 1' 147.195 
MET 'L-peptide linking' y METHIONINE                                       ? 'C5 H11 N O2 S'  149.211 
PHE 'L-peptide linking' y PHENYLALANINE                                    ? 'C9 H11 N O2'    165.189 
PRO 'L-peptide linking' y PROLINE                                          ? 'C5 H9 N O2'     115.130 
SER 'L-peptide linking' y SERINE                                           ? 'C3 H7 N O3'     105.093 
SO4 non-polymer         . 'SULFATE ION'                                    ? 'O4 S -2'        96.063  
THR 'L-peptide linking' y THREONINE                                        ? 'C4 H9 N O3'     119.119 
TRP 'L-peptide linking' y TRYPTOPHAN                                       ? 'C11 H12 N2 O2'  204.225 
TYR 'L-peptide linking' y TYROSINE                                         ? 'C9 H11 N O3'    181.189 
VAL 'L-peptide linking' y VALINE                                           ? 'C5 H11 N O2'    117.146 
# 
loop_
_pdbx_poly_seq_scheme.asym_id 
_pdbx_poly_seq_scheme.entity_id 
_pdbx_poly_seq_scheme.seq_id 
_pdbx_poly_seq_scheme.mon_id 
_pdbx_poly_seq_scheme.ndb_seq_num 
_pdbx_poly_seq_scheme.pdb_seq_num 
_pdbx_poly_seq_scheme.auth_seq_num 
_pdbx_poly_seq_scheme.pdb_mon_id 
_pdbx_poly_seq_scheme.auth_mon_id 
_pdbx_poly_seq_scheme.pdb_strand_id 
_pdbx_poly_seq_scheme.pdb_ins_code 
_pdbx_poly_seq_scheme.hetero 
A 1 1   GLY 1   -2  ?   ?   ?   A . n 
A 1 2   SER 2   -1  ?   ?   ?   A . n 
A 1 3   HIS 3   0   ?   ?   ?   A . n 
A 1 4   MET 4   1   ?   ?   ?   A . n 
A 1 5   GLY 5   2   ?   ?   ?   A . n 
A 1 6   ALA 6   3   3   ALA ALA A . n 
A 1 7   SER 7   4   4   SER SER A . n 
A 1 8   ARG 8   5   5   ARG ARG A . n 
A 1 9   LEU 9   6   6   LEU LEU A . n 
A 1 10  TYR 10  7   7   TYR TYR A . n 
A 1 11  THR 11  8   8   THR THR A . n 
A 1 12  LEU 12  9   9   LEU LEU A . n 
A 1 13  VAL 13  10  10  VAL VAL A . n 
A 1 14  LEU 14  11  11  LEU LEU A . n 
A 1 15  VAL 15  12  12  VAL VAL A . n 
A 1 16  LEU 16  13  13  LEU LEU A . n 
A 1 17  GLN 17  14  14  GLN GLN A . n 
A 1 18  PRO 18  15  15  PRO PRO A . n 
A 1 19  GLN 19  16  16  GLN GLN A . n 
A 1 20  ARG 20  17  17  ARG ARG A . n 
A 1 21  VAL 21  18  18  VAL VAL A . n 
A 1 22  LEU 22  19  19  LEU LEU A . n 
A 1 23  LEU 23  20  20  LEU LEU A . n 
A 1 24  GLY 24  21  21  GLY GLY A . n 
A 1 25  MET 25  22  22  MET MET A . n 
A 1 26  LYS 26  23  23  LYS LYS A . n 
A 1 27  LYS 27  24  24  LYS LYS A . n 
A 1 28  ARG 28  25  25  ARG ARG A . n 
A 1 29  GLY 29  26  26  GLY GLY A . n 
A 1 30  PHE 30  27  27  PHE PHE A . n 
A 1 31  GLY 31  28  28  GLY GLY A . n 
A 1 32  ALA 32  29  29  ALA ALA A . n 
A 1 33  GLY 33  30  30  GLY GLY A . n 
A 1 34  ARG 34  31  31  ARG ARG A . n 
A 1 35  TRP 35  32  32  TRP TRP A . n 
A 1 36  ASN 36  33  33  ASN ASN A . n 
A 1 37  GLY 37  34  34  GLY GLY A . n 
A 1 38  PHE 38  35  35  PHE PHE A . n 
A 1 39  GLY 39  36  36  GLY GLY A . n 
A 1 40  GLY 40  37  37  GLY GLY A . n 
A 1 41  LYS 41  38  38  LYS LYS A . n 
A 1 42  VAL 42  39  39  VAL VAL A . n 
A 1 43  GLN 43  40  40  GLN GLN A . n 
A 1 44  GLU 44  41  41  GLU GLU A . n 
A 1 45  GLY 45  42  42  GLY GLY A . n 
A 1 46  GLU 46  43  43  GLU GLU A . n 
A 1 47  THR 47  44  44  THR THR A . n 
A 1 48  ILE 48  45  45  ILE ILE A . n 
A 1 49  GLU 49  46  46  GLU GLU A . n 
A 1 50  ASP 50  47  47  ASP ASP A . n 
A 1 51  GLY 51  48  48  GLY GLY A . n 
A 1 52  ALA 52  49  49  ALA ALA A . n 
A 1 53  ARG 53  50  50  ARG ARG A . n 
A 1 54  ARG 54  51  51  ARG ARG A . n 
A 1 55  GLU 55  52  52  GLU GLU A . n 
A 1 56  LEU 56  53  53  LEU LEU A . n 
A 1 57  GLN 57  54  54  GLN GLN A . n 
A 1 58  GLU 58  55  55  GLU GLU A . n 
A 1 59  GLU 59  56  56  GLU GLU A . n 
A 1 60  SER 60  57  57  SER SER A . n 
A 1 61  GLY 61  58  58  GLY GLY A . n 
A 1 62  LEU 62  59  59  LEU LEU A . n 
A 1 63  THR 63  60  60  THR THR A . n 
A 1 64  VAL 64  61  61  VAL VAL A . n 
A 1 65  ASP 65  62  62  ASP ASP A . n 
A 1 66  ALA 66  63  63  ALA ALA A . n 
A 1 67  LEU 67  64  64  LEU LEU A . n 
A 1 68  HIS 68  65  65  HIS HIS A . n 
A 1 69  LYS 69  66  66  LYS LYS A . n 
A 1 70  VAL 70  67  67  VAL VAL A . n 
A 1 71  GLY 71  68  68  GLY GLY A . n 
A 1 72  GLN 72  69  69  GLN GLN A . n 
A 1 73  ILE 73  70  70  ILE ILE A . n 
A 1 74  VAL 74  71  71  VAL VAL A . n 
A 1 75  PHE 75  72  72  PHE PHE A . n 
A 1 76  GLU 76  73  73  GLU GLU A . n 
A 1 77  PHE 77  74  74  PHE PHE A . n 
A 1 78  VAL 78  75  75  VAL VAL A . n 
A 1 79  GLY 79  76  76  GLY GLY A . n 
A 1 80  GLU 80  77  77  GLU GLU A . n 
A 1 81  PRO 81  78  78  PRO PRO A . n 
A 1 82  GLU 82  79  79  GLU GLU A . n 
A 1 83  LEU 83  80  80  LEU LEU A . n 
A 1 84  MET 84  81  81  MET MET A . n 
A 1 85  ASP 85  82  82  ASP ASP A . n 
A 1 86  VAL 86  83  83  VAL VAL A . n 
A 1 87  HIS 87  84  84  HIS HIS A . n 
A 1 88  VAL 88  85  85  VAL VAL A . n 
A 1 89  PHE 89  86  86  PHE PHE A . n 
A 1 90  CYS 90  87  87  CYS CYS A . n 
A 1 91  THR 91  88  88  THR THR A . n 
A 1 92  ASP 92  89  89  ASP ASP A . n 
A 1 93  SER 93  90  90  SER SER A . n 
A 1 94  ILE 94  91  91  ILE ILE A . n 
A 1 95  GLN 95  92  92  GLN GLN A . n 
A 1 96  GLY 96  93  93  GLY GLY A . n 
A 1 97  THR 97  94  94  THR THR A . n 
A 1 98  PRO 98  95  95  PRO PRO A . n 
A 1 99  VAL 99  96  96  VAL VAL A . n 
A 1 100 GLU 100 97  97  GLU GLU A . n 
A 1 101 SER 101 98  98  SER SER A . n 
A 1 102 ASP 102 99  99  ASP ASP A . n 
A 1 103 GLU 103 100 100 GLU GLU A . n 
A 1 104 MET 104 101 101 MET MET A . n 
A 1 105 ARG 105 102 102 ARG ARG A . n 
A 1 106 PRO 106 103 103 PRO PRO A . n 
A 1 107 CYS 107 104 104 CYS CYS A . n 
A 1 108 TRP 108 105 105 TRP TRP A . n 
A 1 109 PHE 109 106 106 PHE PHE A . n 
A 1 110 GLN 110 107 107 GLN GLN A . n 
A 1 111 LEU 111 108 108 LEU LEU A . n 
A 1 112 ASP 112 109 109 ASP ASP A . n 
A 1 113 GLN 113 110 110 GLN GLN A . n 
A 1 114 ILE 114 111 111 ILE ILE A . n 
A 1 115 PRO 115 112 112 PRO PRO A . n 
A 1 116 PHE 116 113 113 PHE PHE A . n 
A 1 117 LYS 117 114 114 LYS LYS A . n 
A 1 118 ASP 118 115 115 ASP ASP A . n 
A 1 119 MET 119 116 116 MET MET A . n 
A 1 120 TRP 120 117 117 TRP TRP A . n 
A 1 121 PRO 121 118 118 PRO PRO A . n 
A 1 122 ASP 122 119 119 ASP ASP A . n 
A 1 123 ASP 123 120 120 ASP ASP A . n 
A 1 124 SER 124 121 121 SER SER A . n 
A 1 125 TYR 125 122 122 TYR TYR A . n 
A 1 126 TRP 126 123 123 TRP TRP A . n 
A 1 127 PHE 127 124 124 PHE PHE A . n 
A 1 128 PRO 128 125 125 PRO PRO A . n 
A 1 129 LEU 129 126 126 LEU LEU A . n 
A 1 130 LEU 130 127 127 LEU LEU A . n 
A 1 131 LEU 131 128 128 LEU LEU A . n 
A 1 132 GLN 132 129 129 GLN GLN A . n 
A 1 133 LYS 133 130 130 LYS LYS A . n 
A 1 134 LYS 134 131 131 LYS LYS A . n 
A 1 135 LYS 135 132 132 LYS LYS A . n 
A 1 136 PHE 136 133 133 PHE PHE A . n 
A 1 137 HIS 137 134 134 HIS HIS A . n 
A 1 138 GLY 138 135 135 GLY GLY A . n 
A 1 139 TYR 139 136 136 TYR TYR A . n 
A 1 140 PHE 140 137 137 PHE PHE A . n 
A 1 141 LYS 141 138 138 LYS LYS A . n 
A 1 142 PHE 142 139 139 PHE PHE A . n 
A 1 143 GLN 143 140 140 GLN GLN A . n 
A 1 144 GLY 144 141 141 GLY GLY A . n 
A 1 145 GLN 145 142 142 GLN GLN A . n 
A 1 146 ASP 146 143 143 ASP ASP A . n 
A 1 147 THR 147 144 144 THR THR A . n 
A 1 148 ILE 148 145 145 ILE ILE A . n 
A 1 149 LEU 149 146 146 LEU LEU A . n 
A 1 150 ASP 150 147 147 ASP ASP A . n 
A 1 151 TYR 151 148 148 TYR TYR A . n 
A 1 152 THR 152 149 149 THR THR A . n 
A 1 153 LEU 153 150 150 LEU LEU A . n 
A 1 154 ARG 154 151 151 ARG ARG A . n 
A 1 155 GLU 155 152 152 GLU GLU A . n 
A 1 156 VAL 156 153 153 VAL VAL A . n 
A 1 157 ASP 157 154 154 ASP ASP A . n 
A 1 158 THR 158 155 155 THR THR A . n 
A 1 159 VAL 159 156 156 VAL VAL A . n 
# 
loop_
_pdbx_nonpoly_scheme.asym_id 
_pdbx_nonpoly_scheme.entity_id 
_pdbx_nonpoly_scheme.mon_id 
_pdbx_nonpoly_scheme.ndb_seq_num 
_pdbx_nonpoly_scheme.pdb_seq_num 
_pdbx_nonpoly_scheme.auth_seq_num 
_pdbx_nonpoly_scheme.pdb_mon_id 
_pdbx_nonpoly_scheme.auth_mon_id 
_pdbx_nonpoly_scheme.pdb_strand_id 
_pdbx_nonpoly_scheme.pdb_ins_code 
B 2 8WZ 1   201 1   8WZ LIG A . 
C 3 SO4 1   202 1   SO4 SO4 A . 
D 3 SO4 1   203 2   SO4 SO4 A . 
E 4 HOH 1   301 68  HOH HOH A . 
E 4 HOH 2   302 33  HOH HOH A . 
E 4 HOH 3   303 78  HOH HOH A . 
E 4 HOH 4   304 40  HOH HOH A . 
E 4 HOH 5   305 8   HOH HOH A . 
E 4 HOH 6   306 105 HOH HOH A . 
E 4 HOH 7   307 51  HOH HOH A . 
E 4 HOH 8   308 36  HOH HOH A . 
E 4 HOH 9   309 30  HOH HOH A . 
E 4 HOH 10  310 50  HOH HOH A . 
E 4 HOH 11  311 88  HOH HOH A . 
E 4 HOH 12  312 20  HOH HOH A . 
E 4 HOH 13  313 4   HOH HOH A . 
E 4 HOH 14  314 38  HOH HOH A . 
E 4 HOH 15  315 14  HOH HOH A . 
E 4 HOH 16  316 7   HOH HOH A . 
E 4 HOH 17  317 104 HOH HOH A . 
E 4 HOH 18  318 18  HOH HOH A . 
E 4 HOH 19  319 27  HOH HOH A . 
E 4 HOH 20  320 97  HOH HOH A . 
E 4 HOH 21  321 81  HOH HOH A . 
E 4 HOH 22  322 83  HOH HOH A . 
E 4 HOH 23  323 80  HOH HOH A . 
E 4 HOH 24  324 75  HOH HOH A . 
E 4 HOH 25  325 22  HOH HOH A . 
E 4 HOH 26  326 95  HOH HOH A . 
E 4 HOH 27  327 1   HOH HOH A . 
E 4 HOH 28  328 23  HOH HOH A . 
E 4 HOH 29  329 35  HOH HOH A . 
E 4 HOH 30  330 77  HOH HOH A . 
E 4 HOH 31  331 11  HOH HOH A . 
E 4 HOH 32  332 57  HOH HOH A . 
E 4 HOH 33  333 55  HOH HOH A . 
E 4 HOH 34  334 60  HOH HOH A . 
E 4 HOH 35  335 69  HOH HOH A . 
E 4 HOH 36  336 52  HOH HOH A . 
E 4 HOH 37  337 16  HOH HOH A . 
E 4 HOH 38  338 82  HOH HOH A . 
E 4 HOH 39  339 62  HOH HOH A . 
E 4 HOH 40  340 12  HOH HOH A . 
E 4 HOH 41  341 25  HOH HOH A . 
E 4 HOH 42  342 2   HOH HOH A . 
E 4 HOH 43  343 76  HOH HOH A . 
E 4 HOH 44  344 21  HOH HOH A . 
E 4 HOH 45  345 5   HOH HOH A . 
E 4 HOH 46  346 46  HOH HOH A . 
E 4 HOH 47  347 13  HOH HOH A . 
E 4 HOH 48  348 34  HOH HOH A . 
E 4 HOH 49  349 64  HOH HOH A . 
E 4 HOH 50  350 73  HOH HOH A . 
E 4 HOH 51  351 74  HOH HOH A . 
E 4 HOH 52  352 49  HOH HOH A . 
E 4 HOH 53  353 41  HOH HOH A . 
E 4 HOH 54  354 43  HOH HOH A . 
E 4 HOH 55  355 93  HOH HOH A . 
E 4 HOH 56  356 84  HOH HOH A . 
E 4 HOH 57  357 92  HOH HOH A . 
E 4 HOH 58  358 15  HOH HOH A . 
E 4 HOH 59  359 42  HOH HOH A . 
E 4 HOH 60  360 72  HOH HOH A . 
E 4 HOH 61  361 10  HOH HOH A . 
E 4 HOH 62  362 29  HOH HOH A . 
E 4 HOH 63  363 17  HOH HOH A . 
E 4 HOH 64  364 44  HOH HOH A . 
E 4 HOH 65  365 65  HOH HOH A . 
E 4 HOH 66  366 31  HOH HOH A . 
E 4 HOH 67  367 3   HOH HOH A . 
E 4 HOH 68  368 6   HOH HOH A . 
E 4 HOH 69  369 79  HOH HOH A . 
E 4 HOH 70  370 100 HOH HOH A . 
E 4 HOH 71  371 85  HOH HOH A . 
E 4 HOH 72  372 28  HOH HOH A . 
E 4 HOH 73  373 91  HOH HOH A . 
E 4 HOH 74  374 26  HOH HOH A . 
E 4 HOH 75  375 32  HOH HOH A . 
E 4 HOH 76  376 99  HOH HOH A . 
E 4 HOH 77  377 9   HOH HOH A . 
E 4 HOH 78  378 63  HOH HOH A . 
E 4 HOH 79  379 54  HOH HOH A . 
E 4 HOH 80  380 101 HOH HOH A . 
E 4 HOH 81  381 24  HOH HOH A . 
E 4 HOH 82  382 59  HOH HOH A . 
E 4 HOH 83  383 37  HOH HOH A . 
E 4 HOH 84  384 89  HOH HOH A . 
E 4 HOH 85  385 66  HOH HOH A . 
E 4 HOH 86  386 58  HOH HOH A . 
E 4 HOH 87  387 102 HOH HOH A . 
E 4 HOH 88  388 86  HOH HOH A . 
E 4 HOH 89  389 45  HOH HOH A . 
E 4 HOH 90  390 70  HOH HOH A . 
E 4 HOH 91  391 56  HOH HOH A . 
E 4 HOH 92  392 90  HOH HOH A . 
E 4 HOH 93  393 61  HOH HOH A . 
E 4 HOH 94  394 39  HOH HOH A . 
E 4 HOH 95  395 96  HOH HOH A . 
E 4 HOH 96  396 103 HOH HOH A . 
E 4 HOH 97  397 71  HOH HOH A . 
E 4 HOH 98  398 67  HOH HOH A . 
E 4 HOH 99  399 87  HOH HOH A . 
E 4 HOH 100 400 47  HOH HOH A . 
E 4 HOH 101 401 94  HOH HOH A . 
# 
loop_
_software.citation_id 
_software.classification 
_software.compiler_name 
_software.compiler_version 
_software.contact_author 
_software.contact_author_email 
_software.date 
_software.description 
_software.dependencies 
_software.hardware 
_software.language 
_software.location 
_software.mods 
_software.name 
_software.os 
_software.os_version 
_software.type 
_software.version 
_software.pdbx_ordinal 
? refinement       ? ? ? ? ? ? ? ? ? ? ? REFMAC  ? ? ? 5.8.0158 1 
? 'data reduction' ? ? ? ? ? ? ? ? ? ? ? XDS     ? ? ? .        2 
? 'data scaling'   ? ? ? ? ? ? ? ? ? ? ? Aimless ? ? ? .        3 
? phasing          ? ? ? ? ? ? ? ? ? ? ? PHASER  ? ? ? .        4 
# 
_cell.angle_alpha                  90.00 
_cell.angle_alpha_esd              ? 
_cell.angle_beta                   90.00 
_cell.angle_beta_esd               ? 
_cell.angle_gamma                  90.00 
_cell.angle_gamma_esd              ? 
_cell.entry_id                     5NGT 
_cell.details                      ? 
_cell.formula_units_Z              ? 
_cell.length_a                     36.326 
_cell.length_a_esd                 ? 
_cell.length_b                     60.617 
_cell.length_b_esd                 ? 
_cell.length_c                     66.672 
_cell.length_c_esd                 ? 
_cell.volume                       ? 
_cell.volume_esd                   ? 
_cell.Z_PDB                        4 
_cell.reciprocal_angle_alpha       ? 
_cell.reciprocal_angle_beta        ? 
_cell.reciprocal_angle_gamma       ? 
_cell.reciprocal_angle_alpha_esd   ? 
_cell.reciprocal_angle_beta_esd    ? 
_cell.reciprocal_angle_gamma_esd   ? 
_cell.reciprocal_length_a          ? 
_cell.reciprocal_length_b          ? 
_cell.reciprocal_length_c          ? 
_cell.reciprocal_length_a_esd      ? 
_cell.reciprocal_length_b_esd      ? 
_cell.reciprocal_length_c_esd      ? 
_cell.pdbx_unique_axis             ? 
# 
_symmetry.entry_id                         5NGT 
_symmetry.cell_setting                     ? 
_symmetry.Int_Tables_number                18 
_symmetry.space_group_name_Hall            ? 
_symmetry.space_group_name_H-M             'P 2 21 21' 
_symmetry.pdbx_full_space_group_name_H-M   ? 
# 
_exptl.absorpt_coefficient_mu     ? 
_exptl.absorpt_correction_T_max   ? 
_exptl.absorpt_correction_T_min   ? 
_exptl.absorpt_correction_type    ? 
_exptl.absorpt_process_details    ? 
_exptl.entry_id                   5NGT 
_exptl.crystals_number            1 
_exptl.details                    ? 
_exptl.method                     'X-RAY DIFFRACTION' 
_exptl.method_details             ? 
# 
_exptl_crystal.colour                      ? 
_exptl_crystal.density_diffrn              ? 
_exptl_crystal.density_Matthews            2.01 
_exptl_crystal.density_method              ? 
_exptl_crystal.density_percent_sol         38.83 
_exptl_crystal.description                 ? 
_exptl_crystal.F_000                       ? 
_exptl_crystal.id                          1 
_exptl_crystal.preparation                 ? 
_exptl_crystal.size_max                    ? 
_exptl_crystal.size_mid                    ? 
_exptl_crystal.size_min                    ? 
_exptl_crystal.size_rad                    ? 
_exptl_crystal.colour_lustre               ? 
_exptl_crystal.colour_modifier             ? 
_exptl_crystal.colour_primary              ? 
_exptl_crystal.density_meas                ? 
_exptl_crystal.density_meas_esd            ? 
_exptl_crystal.density_meas_gt             ? 
_exptl_crystal.density_meas_lt             ? 
_exptl_crystal.density_meas_temp           ? 
_exptl_crystal.density_meas_temp_esd       ? 
_exptl_crystal.density_meas_temp_gt        ? 
_exptl_crystal.density_meas_temp_lt        ? 
_exptl_crystal.pdbx_crystal_image_url      ? 
_exptl_crystal.pdbx_crystal_image_format   ? 
_exptl_crystal.pdbx_mosaicity              ? 
_exptl_crystal.pdbx_mosaicity_esd          ? 
# 
_exptl_crystal_grow.apparatus       ? 
_exptl_crystal_grow.atmosphere      ? 
_exptl_crystal_grow.crystal_id      1 
_exptl_crystal_grow.details         ? 
_exptl_crystal_grow.method          'VAPOR DIFFUSION, SITTING DROP' 
_exptl_crystal_grow.method_ref      ? 
_exptl_crystal_grow.pH              ? 
_exptl_crystal_grow.pressure        ? 
_exptl_crystal_grow.pressure_esd    ? 
_exptl_crystal_grow.seeding         ? 
_exptl_crystal_grow.seeding_ref     ? 
_exptl_crystal_grow.temp            293 
_exptl_crystal_grow.temp_details    ? 
_exptl_crystal_grow.temp_esd        ? 
_exptl_crystal_grow.time            ? 
_exptl_crystal_grow.pdbx_details    
;5 mmol/L compound and 6 mmol/L MgCl2 were added to MTH1. Sitting drop vapor diffusion experiments at 293K were performed, and MTH1 (9.34 mg/mL) was mixed with reservoir solution (32% (w/v) PEG3350, 0.1 mol/L Sodium Acetate pH 4.0 and 0.2 mol/L LiSO4) in a 1:1 ratio.
;
_exptl_crystal_grow.pdbx_pH_range   ? 
# 
_diffrn.ambient_environment    ? 
_diffrn.ambient_temp           100 
_diffrn.ambient_temp_details   ? 
_diffrn.ambient_temp_esd       ? 
_diffrn.crystal_id             1 
_diffrn.crystal_support        ? 
_diffrn.crystal_treatment      ? 
_diffrn.details                ? 
_diffrn.id                     1 
_diffrn.ambient_pressure       ? 
_diffrn.ambient_pressure_esd   ? 
_diffrn.ambient_pressure_gt    ? 
_diffrn.ambient_pressure_lt    ? 
_diffrn.ambient_temp_gt        ? 
_diffrn.ambient_temp_lt        ? 
# 
_diffrn_detector.details                      ? 
_diffrn_detector.detector                     PIXEL 
_diffrn_detector.diffrn_id                    1 
_diffrn_detector.type                         'DECTRIS PILATUS 6M' 
_diffrn_detector.area_resol_mean              ? 
_diffrn_detector.dtime                        ? 
_diffrn_detector.pdbx_frames_total            ? 
_diffrn_detector.pdbx_collection_time_total   ? 
_diffrn_detector.pdbx_collection_date         2016-09-15 
# 
_diffrn_radiation.collimation                      ? 
_diffrn_radiation.diffrn_id                        1 
_diffrn_radiation.filter_edge                      ? 
_diffrn_radiation.inhomogeneity                    ? 
_diffrn_radiation.monochromator                    ? 
_diffrn_radiation.polarisn_norm                    ? 
_diffrn_radiation.polarisn_ratio                   ? 
_diffrn_radiation.probe                            ? 
_diffrn_radiation.type                             ? 
_diffrn_radiation.xray_symbol                      ? 
_diffrn_radiation.wavelength_id                    1 
_diffrn_radiation.pdbx_monochromatic_or_laue_m_l   M 
_diffrn_radiation.pdbx_wavelength_list             ? 
_diffrn_radiation.pdbx_wavelength                  ? 
_diffrn_radiation.pdbx_diffrn_protocol             'SINGLE WAVELENGTH' 
_diffrn_radiation.pdbx_analyzer                    ? 
_diffrn_radiation.pdbx_scattering_type             x-ray 
# 
_diffrn_radiation_wavelength.id           1 
_diffrn_radiation_wavelength.wavelength   0.9184 
_diffrn_radiation_wavelength.wt           1.0 
# 
_diffrn_source.current                     ? 
_diffrn_source.details                     ? 
_diffrn_source.diffrn_id                   1 
_diffrn_source.power                       ? 
_diffrn_source.size                        ? 
_diffrn_source.source                      SYNCHROTRON 
_diffrn_source.target                      ? 
_diffrn_source.type                        'BESSY BEAMLINE 14.1' 
_diffrn_source.voltage                     ? 
_diffrn_source.take-off_angle              ? 
_diffrn_source.pdbx_wavelength_list        0.9184 
_diffrn_source.pdbx_wavelength             ? 
_diffrn_source.pdbx_synchrotron_beamline   14.1 
_diffrn_source.pdbx_synchrotron_site       BESSY 
# 
_reflns.B_iso_Wilson_estimate            ? 
_reflns.entry_id                         5NGT 
_reflns.data_reduction_details           ? 
_reflns.data_reduction_method            ? 
_reflns.d_resolution_high                1.54 
_reflns.d_resolution_low                 44.85 
_reflns.details                          ? 
_reflns.limit_h_max                      ? 
_reflns.limit_h_min                      ? 
_reflns.limit_k_max                      ? 
_reflns.limit_k_min                      ? 
_reflns.limit_l_max                      ? 
_reflns.limit_l_min                      ? 
_reflns.number_all                       ? 
_reflns.number_obs                       22455 
_reflns.observed_criterion               ? 
_reflns.observed_criterion_F_max         ? 
_reflns.observed_criterion_F_min         ? 
_reflns.observed_criterion_I_max         ? 
_reflns.observed_criterion_I_min         ? 
_reflns.observed_criterion_sigma_F       ? 
_reflns.observed_criterion_sigma_I       ? 
_reflns.percent_possible_obs             0.994 
_reflns.R_free_details                   ? 
_reflns.Rmerge_F_all                     ? 
_reflns.Rmerge_F_obs                     ? 
_reflns.Friedel_coverage                 ? 
_reflns.number_gt                        ? 
_reflns.threshold_expression             ? 
_reflns.pdbx_redundancy                  7.2 
_reflns.pdbx_Rmerge_I_obs                0.102 
_reflns.pdbx_Rmerge_I_all                ? 
_reflns.pdbx_Rsym_value                  ? 
_reflns.pdbx_netI_over_av_sigmaI         ? 
_reflns.pdbx_netI_over_sigmaI            12.0 
_reflns.pdbx_res_netI_over_av_sigmaI_2   ? 
_reflns.pdbx_res_netI_over_sigmaI_2      ? 
_reflns.pdbx_chi_squared                 ? 
_reflns.pdbx_scaling_rejects             ? 
_reflns.pdbx_d_res_high_opt              ? 
_reflns.pdbx_d_res_low_opt               ? 
_reflns.pdbx_d_res_opt_method            ? 
_reflns.phase_calculation_details        ? 
_reflns.pdbx_Rrim_I_all                  ? 
_reflns.pdbx_Rpim_I_all                  ? 
_reflns.pdbx_d_opt                       ? 
_reflns.pdbx_number_measured_all         ? 
_reflns.pdbx_diffrn_id                   1 
_reflns.pdbx_ordinal                     1 
_reflns.pdbx_CC_half                     0.998 
_reflns.pdbx_R_split                     ? 
# 
_reflns_shell.d_res_high                  1.54 
_reflns_shell.d_res_low                   1.56 
_reflns_shell.meanI_over_sigI_all         ? 
_reflns_shell.meanI_over_sigI_obs         1.6 
_reflns_shell.number_measured_all         ? 
_reflns_shell.number_measured_obs         ? 
_reflns_shell.number_possible             ? 
_reflns_shell.number_unique_all           ? 
_reflns_shell.number_unique_obs           1056 
_reflns_shell.percent_possible_all        96.6 
_reflns_shell.percent_possible_obs        ? 
_reflns_shell.Rmerge_F_all                ? 
_reflns_shell.Rmerge_F_obs                ? 
_reflns_shell.Rmerge_I_all                ? 
_reflns_shell.Rmerge_I_obs                1.182 
_reflns_shell.meanI_over_sigI_gt          ? 
_reflns_shell.meanI_over_uI_all           ? 
_reflns_shell.meanI_over_uI_gt            ? 
_reflns_shell.number_measured_gt          ? 
_reflns_shell.number_unique_gt            ? 
_reflns_shell.percent_possible_gt         ? 
_reflns_shell.Rmerge_F_gt                 ? 
_reflns_shell.Rmerge_I_gt                 ? 
_reflns_shell.pdbx_redundancy             7.0 
_reflns_shell.pdbx_Rsym_value             ? 
_reflns_shell.pdbx_chi_squared            ? 
_reflns_shell.pdbx_netI_over_sigmaI_all   ? 
_reflns_shell.pdbx_netI_over_sigmaI_obs   ? 
_reflns_shell.pdbx_Rrim_I_all             ? 
_reflns_shell.pdbx_Rpim_I_all             ? 
_reflns_shell.pdbx_rejects                ? 
_reflns_shell.pdbx_ordinal                1 
_reflns_shell.pdbx_diffrn_id              1 
_reflns_shell.pdbx_CC_half                0.559 
_reflns_shell.pdbx_R_split                ? 
# 
_refine.aniso_B[1][1]                            0.10 
_refine.aniso_B[1][2]                            0.00 
_refine.aniso_B[1][3]                            0.00 
_refine.aniso_B[2][2]                            0.22 
_refine.aniso_B[2][3]                            0.00 
_refine.aniso_B[3][3]                            -0.32 
_refine.B_iso_max                                ? 
_refine.B_iso_mean                               18.577 
_refine.B_iso_min                                ? 
_refine.correlation_coeff_Fo_to_Fc               0.962 
_refine.correlation_coeff_Fo_to_Fc_free          0.953 
_refine.details                                  'HYDROGENS HAVE BEEN ADDED IN THE RIDING POSITIONS' 
_refine.diff_density_max                         ? 
_refine.diff_density_max_esd                     ? 
_refine.diff_density_min                         ? 
_refine.diff_density_min_esd                     ? 
_refine.diff_density_rms                         ? 
_refine.diff_density_rms_esd                     ? 
_refine.entry_id                                 5NGT 
_refine.pdbx_refine_id                           'X-RAY DIFFRACTION' 
_refine.ls_abs_structure_details                 ? 
_refine.ls_abs_structure_Flack                   ? 
_refine.ls_abs_structure_Flack_esd               ? 
_refine.ls_abs_structure_Rogers                  ? 
_refine.ls_abs_structure_Rogers_esd              ? 
_refine.ls_d_res_high                            1.54 
_refine.ls_d_res_low                             44.85 
_refine.ls_extinction_coef                       ? 
_refine.ls_extinction_coef_esd                   ? 
_refine.ls_extinction_expression                 ? 
_refine.ls_extinction_method                     ? 
_refine.ls_goodness_of_fit_all                   ? 
_refine.ls_goodness_of_fit_all_esd               ? 
_refine.ls_goodness_of_fit_obs                   ? 
_refine.ls_goodness_of_fit_obs_esd               ? 
_refine.ls_hydrogen_treatment                    ? 
_refine.ls_matrix_type                           ? 
_refine.ls_number_constraints                    ? 
_refine.ls_number_parameters                     ? 
_refine.ls_number_reflns_all                     ? 
_refine.ls_number_reflns_obs                     21343 
_refine.ls_number_reflns_R_free                  1075 
_refine.ls_number_reflns_R_work                  ? 
_refine.ls_number_restraints                     ? 
_refine.ls_percent_reflns_obs                    99.22 
_refine.ls_percent_reflns_R_free                 4.8 
_refine.ls_R_factor_all                          ? 
_refine.ls_R_factor_obs                          0.18588 
_refine.ls_R_factor_R_free                       0.22031 
_refine.ls_R_factor_R_free_error                 ? 
_refine.ls_R_factor_R_free_error_details         ? 
_refine.ls_R_factor_R_work                       0.18413 
_refine.ls_R_Fsqd_factor_obs                     ? 
_refine.ls_R_I_factor_obs                        ? 
_refine.ls_redundancy_reflns_all                 ? 
_refine.ls_redundancy_reflns_obs                 ? 
_refine.ls_restrained_S_all                      ? 
_refine.ls_restrained_S_obs                      ? 
_refine.ls_shift_over_esd_max                    ? 
_refine.ls_shift_over_esd_mean                   ? 
_refine.ls_structure_factor_coef                 ? 
_refine.ls_weighting_details                     ? 
_refine.ls_weighting_scheme                      ? 
_refine.ls_wR_factor_all                         ? 
_refine.ls_wR_factor_obs                         ? 
_refine.ls_wR_factor_R_free                      ? 
_refine.ls_wR_factor_R_work                      ? 
_refine.occupancy_max                            ? 
_refine.occupancy_min                            ? 
_refine.solvent_model_details                    ? 
_refine.solvent_model_param_bsol                 ? 
_refine.solvent_model_param_ksol                 ? 
_refine.ls_R_factor_gt                           ? 
_refine.ls_goodness_of_fit_gt                    ? 
_refine.ls_goodness_of_fit_ref                   ? 
_refine.ls_shift_over_su_max                     ? 
_refine.ls_shift_over_su_max_lt                  ? 
_refine.ls_shift_over_su_mean                    ? 
_refine.ls_shift_over_su_mean_lt                 ? 
_refine.pdbx_ls_sigma_I                          ? 
_refine.pdbx_ls_sigma_F                          ? 
_refine.pdbx_ls_sigma_Fsqd                       ? 
_refine.pdbx_data_cutoff_high_absF               ? 
_refine.pdbx_data_cutoff_high_rms_absF           ? 
_refine.pdbx_data_cutoff_low_absF                ? 
_refine.pdbx_isotropic_thermal_model             ? 
_refine.pdbx_ls_cross_valid_method               THROUGHOUT 
_refine.pdbx_method_to_determine_struct          'MOLECULAR REPLACEMENT' 
_refine.pdbx_starting_model                      3ZR1 
_refine.pdbx_stereochemistry_target_values       ? 
_refine.pdbx_R_Free_selection_details            RANDOM 
_refine.pdbx_stereochem_target_val_spec_case     ? 
_refine.pdbx_overall_ESU_R                       0.086 
_refine.pdbx_overall_ESU_R_Free                  0.088 
_refine.pdbx_solvent_vdw_probe_radii             1.20 
_refine.pdbx_solvent_ion_probe_radii             0.80 
_refine.pdbx_solvent_shrinkage_radii             0.80 
_refine.pdbx_real_space_R                        ? 
_refine.pdbx_density_correlation                 ? 
_refine.pdbx_pd_number_of_powder_patterns        ? 
_refine.pdbx_pd_number_of_points                 ? 
_refine.pdbx_pd_meas_number_of_points            ? 
_refine.pdbx_pd_proc_ls_prof_R_factor            ? 
_refine.pdbx_pd_proc_ls_prof_wR_factor           ? 
_refine.pdbx_pd_Marquardt_correlation_coeff      ? 
_refine.pdbx_pd_Fsqrd_R_factor                   ? 
_refine.pdbx_pd_ls_matrix_band_width             ? 
_refine.pdbx_overall_phase_error                 ? 
_refine.pdbx_overall_SU_R_free_Cruickshank_DPI   ? 
_refine.pdbx_overall_SU_R_free_Blow_DPI          ? 
_refine.pdbx_overall_SU_R_Blow_DPI               ? 
_refine.pdbx_TLS_residual_ADP_flag               ? 
_refine.pdbx_diffrn_id                           1 
_refine.overall_SU_B                             1.759 
_refine.overall_SU_ML                            0.063 
_refine.overall_SU_R_Cruickshank_DPI             ? 
_refine.overall_SU_R_free                        ? 
_refine.overall_FOM_free_R_set                   ? 
_refine.overall_FOM_work_R_set                   ? 
_refine.pdbx_average_fsc_overall                 ? 
_refine.pdbx_average_fsc_work                    ? 
_refine.pdbx_average_fsc_free                    ? 
# 
_refine_hist.pdbx_refine_id                   'X-RAY DIFFRACTION' 
_refine_hist.cycle_id                         1 
_refine_hist.pdbx_number_atoms_protein        1254 
_refine_hist.pdbx_number_atoms_nucleic_acid   0 
_refine_hist.pdbx_number_atoms_ligand         26 
_refine_hist.number_atoms_solvent             101 
_refine_hist.number_atoms_total               1381 
_refine_hist.d_res_high                       1.54 
_refine_hist.d_res_low                        44.85 
# 
loop_
_refine_ls_restr.pdbx_refine_id 
_refine_ls_restr.criterion 
_refine_ls_restr.dev_ideal 
_refine_ls_restr.dev_ideal_target 
_refine_ls_restr.number 
_refine_ls_restr.rejects 
_refine_ls_restr.type 
_refine_ls_restr.weight 
_refine_ls_restr.pdbx_restraint_function 
'X-RAY DIFFRACTION' ? 0.015  0.019  1326 ? r_bond_refined_d             ? ? 
'X-RAY DIFFRACTION' ? 0.002  0.020  1194 ? r_bond_other_d               ? ? 
'X-RAY DIFFRACTION' ? 1.708  1.976  1798 ? r_angle_refined_deg          ? ? 
'X-RAY DIFFRACTION' ? 0.940  3.000  2771 ? r_angle_other_deg            ? ? 
'X-RAY DIFFRACTION' ? 6.406  5.000  157  ? r_dihedral_angle_1_deg       ? ? 
'X-RAY DIFFRACTION' ? 31.850 24.242 66   ? r_dihedral_angle_2_deg       ? ? 
'X-RAY DIFFRACTION' ? 12.105 15.000 225  ? r_dihedral_angle_3_deg       ? ? 
'X-RAY DIFFRACTION' ? 9.222  15.000 8    ? r_dihedral_angle_4_deg       ? ? 
'X-RAY DIFFRACTION' ? 0.103  0.200  185  ? r_chiral_restr               ? ? 
'X-RAY DIFFRACTION' ? 0.009  0.021  1481 ? r_gen_planes_refined         ? ? 
'X-RAY DIFFRACTION' ? 0.001  0.020  290  ? r_gen_planes_other           ? ? 
'X-RAY DIFFRACTION' ? ?      ?      ?    ? r_nbd_refined                ? ? 
'X-RAY DIFFRACTION' ? ?      ?      ?    ? r_nbd_other                  ? ? 
'X-RAY DIFFRACTION' ? ?      ?      ?    ? r_nbtor_refined              ? ? 
'X-RAY DIFFRACTION' ? ?      ?      ?    ? r_nbtor_other                ? ? 
'X-RAY DIFFRACTION' ? ?      ?      ?    ? r_xyhbond_nbd_refined        ? ? 
'X-RAY DIFFRACTION' ? ?      ?      ?    ? r_xyhbond_nbd_other          ? ? 
'X-RAY DIFFRACTION' ? ?      ?      ?    ? r_metal_ion_refined          ? ? 
'X-RAY DIFFRACTION' ? ?      ?      ?    ? r_metal_ion_other            ? ? 
'X-RAY DIFFRACTION' ? ?      ?      ?    ? r_symmetry_vdw_refined       ? ? 
'X-RAY DIFFRACTION' ? ?      ?      ?    ? r_symmetry_vdw_other         ? ? 
'X-RAY DIFFRACTION' ? ?      ?      ?    ? r_symmetry_hbond_refined     ? ? 
'X-RAY DIFFRACTION' ? ?      ?      ?    ? r_symmetry_hbond_other       ? ? 
'X-RAY DIFFRACTION' ? ?      ?      ?    ? r_symmetry_metal_ion_refined ? ? 
'X-RAY DIFFRACTION' ? ?      ?      ?    ? r_symmetry_metal_ion_other   ? ? 
'X-RAY DIFFRACTION' ? 1.539  1.551  625  ? r_mcbond_it                  ? ? 
'X-RAY DIFFRACTION' ? 1.532  1.550  624  ? r_mcbond_other               ? ? 
'X-RAY DIFFRACTION' ? 2.384  2.324  783  ? r_mcangle_it                 ? ? 
'X-RAY DIFFRACTION' ? 2.384  2.326  784  ? r_mcangle_other              ? ? 
'X-RAY DIFFRACTION' ? 2.896  1.985  701  ? r_scbond_it                  ? ? 
'X-RAY DIFFRACTION' ? 2.818  1.952  694  ? r_scbond_other               ? ? 
'X-RAY DIFFRACTION' ? ?      ?      ?    ? r_scangle_it                 ? ? 
'X-RAY DIFFRACTION' ? 4.410  2.782  1004 ? r_scangle_other              ? ? 
'X-RAY DIFFRACTION' ? 5.878  19.276 1437 ? r_long_range_B_refined       ? ? 
'X-RAY DIFFRACTION' ? 5.834  19.025 1426 ? r_long_range_B_other         ? ? 
'X-RAY DIFFRACTION' ? ?      ?      ?    ? r_rigid_bond_restr           ? ? 
'X-RAY DIFFRACTION' ? ?      ?      ?    ? r_sphericity_free            ? ? 
'X-RAY DIFFRACTION' ? ?      ?      ?    ? r_sphericity_bonded          ? ? 
# 
_refine_ls_shell.pdbx_refine_id                   'X-RAY DIFFRACTION' 
_refine_ls_shell.d_res_high                       1.537 
_refine_ls_shell.d_res_low                        1.577 
_refine_ls_shell.number_reflns_all                ? 
_refine_ls_shell.number_reflns_obs                ? 
_refine_ls_shell.number_reflns_R_free             62 
_refine_ls_shell.number_reflns_R_work             1539 
_refine_ls_shell.percent_reflns_obs               97.50 
_refine_ls_shell.percent_reflns_R_free            ? 
_refine_ls_shell.R_factor_all                     ? 
_refine_ls_shell.R_factor_obs                     ? 
_refine_ls_shell.R_factor_R_free                  0.297 
_refine_ls_shell.R_factor_R_free_error            ? 
_refine_ls_shell.R_factor_R_work                  0.275 
_refine_ls_shell.redundancy_reflns_all            ? 
_refine_ls_shell.redundancy_reflns_obs            ? 
_refine_ls_shell.wR_factor_all                    ? 
_refine_ls_shell.wR_factor_obs                    ? 
_refine_ls_shell.wR_factor_R_free                 ? 
_refine_ls_shell.wR_factor_R_work                 ? 
_refine_ls_shell.pdbx_total_number_of_bins_used   20 
_refine_ls_shell.pdbx_phase_error                 ? 
_refine_ls_shell.pdbx_fsc_work                    ? 
_refine_ls_shell.pdbx_fsc_free                    ? 
# 
_struct.entry_id                     5NGT 
_struct.title                        
'Crystal structure of human MTH1 in complex with inhibitor 7-(furan-2-yl)-5-methyl-1,3-benzoxazol-2-amine' 
_struct.pdbx_model_details           ? 
_struct.pdbx_formula_weight          ? 
_struct.pdbx_formula_weight_method   ? 
_struct.pdbx_model_type_details      ? 
_struct.pdbx_CASP_flag               N 
# 
_struct_keywords.entry_id        5NGT 
_struct_keywords.text            'Inhibitor, Fragment, Oxidised nucleotides, hydrolase' 
_struct_keywords.pdbx_keywords   HYDROLASE 
# 
loop_
_struct_asym.id 
_struct_asym.pdbx_blank_PDB_chainid_flag 
_struct_asym.pdbx_modified 
_struct_asym.entity_id 
_struct_asym.details 
A N N 1 ? 
B N N 2 ? 
C N N 3 ? 
D N N 3 ? 
E N N 4 ? 
# 
_struct_ref.id                         1 
_struct_ref.db_name                    UNP 
_struct_ref.db_code                    8ODP_HUMAN 
_struct_ref.pdbx_db_accession          P36639 
_struct_ref.pdbx_db_isoform            ? 
_struct_ref.entity_id                  1 
_struct_ref.pdbx_seq_one_letter_code   
;MGASRLYTLVLVLQPQRVLLGMKKRGFGAGRWNGFGGKVQEGETIEDGARRELQEESGLTVDALHKVGQIVFEFVGEPEL
MDVHVFCTDSIQGTPVESDEMRPCWFQLDQIPFKDMWPDDSYWFPLLLQKKKFHGYFKFQGQDTILDYTLREVDTV
;
_struct_ref.pdbx_align_begin           42 
# 
_struct_ref_seq.align_id                      1 
_struct_ref_seq.ref_id                        1 
_struct_ref_seq.pdbx_PDB_id_code              5NGT 
_struct_ref_seq.pdbx_strand_id                A 
_struct_ref_seq.seq_align_beg                 4 
_struct_ref_seq.pdbx_seq_align_beg_ins_code   ? 
_struct_ref_seq.seq_align_end                 159 
_struct_ref_seq.pdbx_seq_align_end_ins_code   ? 
_struct_ref_seq.pdbx_db_accession             P36639 
_struct_ref_seq.db_align_beg                  42 
_struct_ref_seq.pdbx_db_align_beg_ins_code    ? 
_struct_ref_seq.db_align_end                  197 
_struct_ref_seq.pdbx_db_align_end_ins_code    ? 
_struct_ref_seq.pdbx_auth_seq_align_beg       1 
_struct_ref_seq.pdbx_auth_seq_align_end       156 
# 
loop_
_struct_ref_seq_dif.align_id 
_struct_ref_seq_dif.pdbx_pdb_id_code 
_struct_ref_seq_dif.mon_id 
_struct_ref_seq_dif.pdbx_pdb_strand_id 
_struct_ref_seq_dif.seq_num 
_struct_ref_seq_dif.pdbx_pdb_ins_code 
_struct_ref_seq_dif.pdbx_seq_db_name 
_struct_ref_seq_dif.pdbx_seq_db_accession_code 
_struct_ref_seq_dif.db_mon_id 
_struct_ref_seq_dif.pdbx_seq_db_seq_num 
_struct_ref_seq_dif.details 
_struct_ref_seq_dif.pdbx_auth_seq_num 
_struct_ref_seq_dif.pdbx_ordinal 
1 5NGT GLY A 1 ? UNP P36639 ? ? 'expression tag' -2 1 
1 5NGT SER A 2 ? UNP P36639 ? ? 'expression tag' -1 2 
1 5NGT HIS A 3 ? UNP P36639 ? ? 'expression tag' 0  3 
# 
_pdbx_struct_assembly.id                   1 
_pdbx_struct_assembly.details              software_defined_assembly 
_pdbx_struct_assembly.method_details       PISA 
_pdbx_struct_assembly.oligomeric_details   monomeric 
_pdbx_struct_assembly.oligomeric_count     1 
# 
loop_
_pdbx_struct_assembly_prop.biol_id 
_pdbx_struct_assembly_prop.type 
_pdbx_struct_assembly_prop.value 
_pdbx_struct_assembly_prop.details 
1 'ABSA (A^2)' 300  ? 
1 MORE         -20  ? 
1 'SSA (A^2)'  8150 ? 
# 
_pdbx_struct_assembly_gen.assembly_id       1 
_pdbx_struct_assembly_gen.oper_expression   1 
_pdbx_struct_assembly_gen.asym_id_list      A,B,C,D,E 
# 
_pdbx_struct_assembly_auth_evidence.id                     1 
_pdbx_struct_assembly_auth_evidence.assembly_id            1 
_pdbx_struct_assembly_auth_evidence.experimental_support   'gel filtration' 
_pdbx_struct_assembly_auth_evidence.details                ? 
# 
_pdbx_struct_oper_list.id                   1 
_pdbx_struct_oper_list.type                 'identity operation' 
_pdbx_struct_oper_list.name                 1_555 
_pdbx_struct_oper_list.symmetry_operation   x,y,z 
_pdbx_struct_oper_list.matrix[1][1]         1.0000000000 
_pdbx_struct_oper_list.matrix[1][2]         0.0000000000 
_pdbx_struct_oper_list.matrix[1][3]         0.0000000000 
_pdbx_struct_oper_list.vector[1]            0.0000000000 
_pdbx_struct_oper_list.matrix[2][1]         0.0000000000 
_pdbx_struct_oper_list.matrix[2][2]         1.0000000000 
_pdbx_struct_oper_list.matrix[2][3]         0.0000000000 
_pdbx_struct_oper_list.vector[2]            0.0000000000 
_pdbx_struct_oper_list.matrix[3][1]         0.0000000000 
_pdbx_struct_oper_list.matrix[3][2]         0.0000000000 
_pdbx_struct_oper_list.matrix[3][3]         1.0000000000 
_pdbx_struct_oper_list.vector[3]            0.0000000000 
# 
loop_
_struct_conf.conf_type_id 
_struct_conf.id 
_struct_conf.pdbx_PDB_helix_id 
_struct_conf.beg_label_comp_id 
_struct_conf.beg_label_asym_id 
_struct_conf.beg_label_seq_id 
_struct_conf.pdbx_beg_PDB_ins_code 
_struct_conf.end_label_comp_id 
_struct_conf.end_label_asym_id 
_struct_conf.end_label_seq_id 
_struct_conf.pdbx_end_PDB_ins_code 
_struct_conf.beg_auth_comp_id 
_struct_conf.beg_auth_asym_id 
_struct_conf.beg_auth_seq_id 
_struct_conf.end_auth_comp_id 
_struct_conf.end_auth_asym_id 
_struct_conf.end_auth_seq_id 
_struct_conf.pdbx_PDB_helix_class 
_struct_conf.details 
_struct_conf.pdbx_PDB_helix_length 
HELX_P HELX_P1 AA1 THR A 47  ? GLY A 61  ? THR A 44  GLY A 58  1 ? 15 
HELX_P HELX_P2 AA2 ASP A 112 ? ILE A 114 ? ASP A 109 ILE A 111 5 ? 3  
HELX_P HELX_P3 AA3 PRO A 115 ? MET A 119 ? PRO A 112 MET A 116 5 ? 5  
HELX_P HELX_P4 AA4 TRP A 120 ? PRO A 121 ? TRP A 117 PRO A 118 5 ? 2  
HELX_P HELX_P5 AA5 ASP A 122 ? GLN A 132 ? ASP A 119 GLN A 129 1 ? 11 
# 
_struct_conf_type.id          HELX_P 
_struct_conf_type.criteria    ? 
_struct_conf_type.reference   ? 
# 
loop_
_struct_sheet.id 
_struct_sheet.type 
_struct_sheet.number_strands 
_struct_sheet.details 
AA1 ? 4 ? 
AA2 ? 7 ? 
AA3 ? 2 ? 
# 
loop_
_struct_sheet_order.sheet_id 
_struct_sheet_order.range_id_1 
_struct_sheet_order.range_id_2 
_struct_sheet_order.offset 
_struct_sheet_order.sense 
AA1 1 2 ? anti-parallel 
AA1 2 3 ? anti-parallel 
AA2 1 2 ? anti-parallel 
AA2 2 3 ? anti-parallel 
AA2 4 5 ? anti-parallel 
AA2 5 6 ? parallel      
AA2 6 7 ? anti-parallel 
AA3 1 2 ? anti-parallel 
# 
loop_
_struct_sheet_range.sheet_id 
_struct_sheet_range.id 
_struct_sheet_range.beg_label_comp_id 
_struct_sheet_range.beg_label_asym_id 
_struct_sheet_range.beg_label_seq_id 
_struct_sheet_range.pdbx_beg_PDB_ins_code 
_struct_sheet_range.end_label_comp_id 
_struct_sheet_range.end_label_asym_id 
_struct_sheet_range.end_label_seq_id 
_struct_sheet_range.pdbx_end_PDB_ins_code 
_struct_sheet_range.beg_auth_comp_id 
_struct_sheet_range.beg_auth_asym_id 
_struct_sheet_range.beg_auth_seq_id 
_struct_sheet_range.end_auth_comp_id 
_struct_sheet_range.end_auth_asym_id 
_struct_sheet_range.end_auth_seq_id 
AA1 1 TRP A 35  ? ASN A 36  ? TRP A 32  ASN A 33  
AA1 2 ARG A 20  ? LYS A 26  ? ARG A 17  LYS A 23  
AA1 3 SER A 7   ? LEU A 16  ? SER A 4   LEU A 13  
AA1 4 MET A 104 ? GLN A 110 ? MET A 101 GLN A 107 
AA2 1 PHE A 38  ? LYS A 41  ? PHE A 35  LYS A 38  
AA2 2 SER A 7   ? LEU A 16  ? SER A 4   LEU A 13  
AA2 3 ARG A 20  ? LYS A 26  ? ARG A 17  LYS A 23  
AA2 4 LEU A 83  ? THR A 91  ? LEU A 80  THR A 88  
AA2 5 HIS A 68  ? PHE A 77  ? HIS A 65  PHE A 74  
AA2 6 LYS A 135 ? GLN A 143 ? LYS A 132 GLN A 140 
AA2 7 THR A 147 ? VAL A 156 ? THR A 144 VAL A 153 
AA3 1 THR A 63  ? VAL A 64  ? THR A 60  VAL A 61  
AA3 2 ILE A 94  ? GLN A 95  ? ILE A 91  GLN A 92  
# 
loop_
_pdbx_struct_sheet_hbond.sheet_id 
_pdbx_struct_sheet_hbond.range_id_1 
_pdbx_struct_sheet_hbond.range_id_2 
_pdbx_struct_sheet_hbond.range_1_label_atom_id 
_pdbx_struct_sheet_hbond.range_1_label_comp_id 
_pdbx_struct_sheet_hbond.range_1_label_asym_id 
_pdbx_struct_sheet_hbond.range_1_label_seq_id 
_pdbx_struct_sheet_hbond.range_1_PDB_ins_code 
_pdbx_struct_sheet_hbond.range_1_auth_atom_id 
_pdbx_struct_sheet_hbond.range_1_auth_comp_id 
_pdbx_struct_sheet_hbond.range_1_auth_asym_id 
_pdbx_struct_sheet_hbond.range_1_auth_seq_id 
_pdbx_struct_sheet_hbond.range_2_label_atom_id 
_pdbx_struct_sheet_hbond.range_2_label_comp_id 
_pdbx_struct_sheet_hbond.range_2_label_asym_id 
_pdbx_struct_sheet_hbond.range_2_label_seq_id 
_pdbx_struct_sheet_hbond.range_2_PDB_ins_code 
_pdbx_struct_sheet_hbond.range_2_auth_atom_id 
_pdbx_struct_sheet_hbond.range_2_auth_comp_id 
_pdbx_struct_sheet_hbond.range_2_auth_asym_id 
_pdbx_struct_sheet_hbond.range_2_auth_seq_id 
AA1 1 2 O ASN A 36  ? O ASN A 33  N GLY A 24  ? N GLY A 21  
AA1 2 3 O LEU A 22  ? O LEU A 19  N VAL A 15  ? N VAL A 12  
AA2 1 2 O PHE A 38  ? O PHE A 35  N VAL A 13  ? N VAL A 10  
AA2 2 3 N VAL A 15  ? N VAL A 12  O LEU A 22  ? O LEU A 19  
AA2 4 5 O VAL A 86  ? O VAL A 83  N ILE A 73  ? N ILE A 70  
AA2 5 6 N GLU A 76  ? N GLU A 73  O PHE A 142 ? O PHE A 139 
AA2 6 7 N LYS A 141 ? N LYS A 138 O LEU A 149 ? O LEU A 146 
AA3 1 2 N THR A 63  ? N THR A 60  O GLN A 95  ? O GLN A 92  
# 
loop_
_struct_site.id 
_struct_site.pdbx_evidence_code 
_struct_site.pdbx_auth_asym_id 
_struct_site.pdbx_auth_comp_id 
_struct_site.pdbx_auth_seq_id 
_struct_site.pdbx_auth_ins_code 
_struct_site.pdbx_num_residues 
_struct_site.details 
AC1 Software A 8WZ 201 ? 9 'binding site for residue 8WZ A 201' 
AC2 Software A SO4 202 ? 9 'binding site for residue SO4 A 202' 
AC3 Software A SO4 203 ? 3 'binding site for residue SO4 A 203' 
# 
loop_
_struct_site_gen.id 
_struct_site_gen.site_id 
_struct_site_gen.pdbx_num_res 
_struct_site_gen.label_comp_id 
_struct_site_gen.label_asym_id 
_struct_site_gen.label_seq_id 
_struct_site_gen.pdbx_auth_ins_code 
_struct_site_gen.auth_comp_id 
_struct_site_gen.auth_asym_id 
_struct_site_gen.auth_seq_id 
_struct_site_gen.label_atom_id 
_struct_site_gen.label_alt_id 
_struct_site_gen.symmetry 
_struct_site_gen.details 
1  AC1 9 THR A 11  ? THR A 8   . ? 1_555 ? 
2  AC1 9 ASN A 36  ? ASN A 33  . ? 1_555 ? 
3  AC1 9 PHE A 75  ? PHE A 72  . ? 1_555 ? 
4  AC1 9 PHE A 77  ? PHE A 74  . ? 1_555 ? 
5  AC1 9 MET A 84  ? MET A 81  . ? 1_555 ? 
6  AC1 9 TRP A 120 ? TRP A 117 . ? 1_555 ? 
7  AC1 9 ASP A 122 ? ASP A 119 . ? 1_555 ? 
8  AC1 9 ASP A 123 ? ASP A 120 . ? 1_555 ? 
9  AC1 9 TRP A 126 ? TRP A 123 . ? 1_555 ? 
10 AC2 9 ARG A 20  ? ARG A 17  . ? 4_544 ? 
11 AC2 9 THR A 97  ? THR A 94  . ? 4_544 ? 
12 AC2 9 PRO A 98  ? PRO A 95  . ? 4_544 ? 
13 AC2 9 TRP A 108 ? TRP A 105 . ? 4_544 ? 
14 AC2 9 ARG A 154 ? ARG A 151 . ? 1_555 ? 
15 AC2 9 HOH E .   ? HOH A 302 . ? 1_555 ? 
16 AC2 9 HOH E .   ? HOH A 309 . ? 1_555 ? 
17 AC2 9 HOH E .   ? HOH A 332 . ? 1_555 ? 
18 AC2 9 HOH E .   ? HOH A 349 . ? 1_555 ? 
19 AC3 3 TYR A 151 ? TYR A 148 . ? 1_555 ? 
20 AC3 3 THR A 152 ? THR A 149 . ? 1_555 ? 
21 AC3 3 LEU A 153 ? LEU A 150 . ? 1_555 ? 
# 
loop_
_pdbx_validate_close_contact.id 
_pdbx_validate_close_contact.PDB_model_num 
_pdbx_validate_close_contact.auth_atom_id_1 
_pdbx_validate_close_contact.auth_asym_id_1 
_pdbx_validate_close_contact.auth_comp_id_1 
_pdbx_validate_close_contact.auth_seq_id_1 
_pdbx_validate_close_contact.PDB_ins_code_1 
_pdbx_validate_close_contact.label_alt_id_1 
_pdbx_validate_close_contact.auth_atom_id_2 
_pdbx_validate_close_contact.auth_asym_id_2 
_pdbx_validate_close_contact.auth_comp_id_2 
_pdbx_validate_close_contact.auth_seq_id_2 
_pdbx_validate_close_contact.PDB_ins_code_2 
_pdbx_validate_close_contact.label_alt_id_2 
_pdbx_validate_close_contact.dist 
1 1 OH A TYR 122 ? ? O A HOH 301 ? ? 1.98 
2 1 O4 A SO4 202 ? ? O A HOH 302 ? ? 2.12 
# 
_pdbx_validate_rmsd_bond.id                        1 
_pdbx_validate_rmsd_bond.PDB_model_num             1 
_pdbx_validate_rmsd_bond.auth_atom_id_1            CD 
_pdbx_validate_rmsd_bond.auth_asym_id_1            A 
_pdbx_validate_rmsd_bond.auth_comp_id_1            GLU 
_pdbx_validate_rmsd_bond.auth_seq_id_1             97 
_pdbx_validate_rmsd_bond.PDB_ins_code_1            ? 
_pdbx_validate_rmsd_bond.label_alt_id_1            ? 
_pdbx_validate_rmsd_bond.auth_atom_id_2            OE1 
_pdbx_validate_rmsd_bond.auth_asym_id_2            A 
_pdbx_validate_rmsd_bond.auth_comp_id_2            GLU 
_pdbx_validate_rmsd_bond.auth_seq_id_2             97 
_pdbx_validate_rmsd_bond.PDB_ins_code_2            ? 
_pdbx_validate_rmsd_bond.label_alt_id_2            ? 
_pdbx_validate_rmsd_bond.bond_value                1.179 
_pdbx_validate_rmsd_bond.bond_target_value         1.252 
_pdbx_validate_rmsd_bond.bond_deviation            -0.073 
_pdbx_validate_rmsd_bond.bond_standard_deviation   0.011 
_pdbx_validate_rmsd_bond.linker_flag               N 
# 
_pdbx_validate_torsion.id              1 
_pdbx_validate_torsion.PDB_model_num   1 
_pdbx_validate_torsion.auth_comp_id    ASP 
_pdbx_validate_torsion.auth_asym_id    A 
_pdbx_validate_torsion.auth_seq_id     62 
_pdbx_validate_torsion.PDB_ins_code    ? 
_pdbx_validate_torsion.label_alt_id    ? 
_pdbx_validate_torsion.phi             -94.02 
_pdbx_validate_torsion.psi             -96.14 
# 
loop_
_pdbx_unobs_or_zero_occ_residues.id 
_pdbx_unobs_or_zero_occ_residues.PDB_model_num 
_pdbx_unobs_or_zero_occ_residues.polymer_flag 
_pdbx_unobs_or_zero_occ_residues.occupancy_flag 
_pdbx_unobs_or_zero_occ_residues.auth_asym_id 
_pdbx_unobs_or_zero_occ_residues.auth_comp_id 
_pdbx_unobs_or_zero_occ_residues.auth_seq_id 
_pdbx_unobs_or_zero_occ_residues.PDB_ins_code 
_pdbx_unobs_or_zero_occ_residues.label_asym_id 
_pdbx_unobs_or_zero_occ_residues.label_comp_id 
_pdbx_unobs_or_zero_occ_residues.label_seq_id 
1 1 Y 1 A GLY -2 ? A GLY 1 
2 1 Y 1 A SER -1 ? A SER 2 
3 1 Y 1 A HIS 0  ? A HIS 3 
4 1 Y 1 A MET 1  ? A MET 4 
5 1 Y 1 A GLY 2  ? A GLY 5 
# 
loop_
_chem_comp_atom.comp_id 
_chem_comp_atom.atom_id 
_chem_comp_atom.type_symbol 
_chem_comp_atom.pdbx_aromatic_flag 
_chem_comp_atom.pdbx_stereo_config 
_chem_comp_atom.pdbx_ordinal 
8WZ C10  C Y N 1   
8WZ C15  C Y N 2   
8WZ C01  C N N 3   
8WZ C02  C Y N 4   
8WZ C03  C Y N 5   
8WZ C04  C Y N 6   
8WZ C05  C Y N 7   
8WZ C06  C Y N 8   
8WZ C07  C Y N 9   
8WZ C08  C Y N 10  
8WZ O09  O Y N 11  
8WZ O11  O Y N 12  
8WZ C12  C Y N 13  
8WZ N13  N N N 14  
8WZ N14  N Y N 15  
8WZ C16  C Y N 16  
8WZ H1   H N N 17  
8WZ H2   H N N 18  
8WZ H3   H N N 19  
8WZ H4   H N N 20  
8WZ H5   H N N 21  
8WZ H6   H N N 22  
8WZ H7   H N N 23  
8WZ H8   H N N 24  
8WZ H9   H N N 25  
8WZ H10  H N N 26  
ALA N    N N N 27  
ALA CA   C N S 28  
ALA C    C N N 29  
ALA O    O N N 30  
ALA CB   C N N 31  
ALA OXT  O N N 32  
ALA H    H N N 33  
ALA H2   H N N 34  
ALA HA   H N N 35  
ALA HB1  H N N 36  
ALA HB2  H N N 37  
ALA HB3  H N N 38  
ALA HXT  H N N 39  
ARG N    N N N 40  
ARG CA   C N S 41  
ARG C    C N N 42  
ARG O    O N N 43  
ARG CB   C N N 44  
ARG CG   C N N 45  
ARG CD   C N N 46  
ARG NE   N N N 47  
ARG CZ   C N N 48  
ARG NH1  N N N 49  
ARG NH2  N N N 50  
ARG OXT  O N N 51  
ARG H    H N N 52  
ARG H2   H N N 53  
ARG HA   H N N 54  
ARG HB2  H N N 55  
ARG HB3  H N N 56  
ARG HG2  H N N 57  
ARG HG3  H N N 58  
ARG HD2  H N N 59  
ARG HD3  H N N 60  
ARG HE   H N N 61  
ARG HH11 H N N 62  
ARG HH12 H N N 63  
ARG HH21 H N N 64  
ARG HH22 H N N 65  
ARG HXT  H N N 66  
ASN N    N N N 67  
ASN CA   C N S 68  
ASN C    C N N 69  
ASN O    O N N 70  
ASN CB   C N N 71  
ASN CG   C N N 72  
ASN OD1  O N N 73  
ASN ND2  N N N 74  
ASN OXT  O N N 75  
ASN H    H N N 76  
ASN H2   H N N 77  
ASN HA   H N N 78  
ASN HB2  H N N 79  
ASN HB3  H N N 80  
ASN HD21 H N N 81  
ASN HD22 H N N 82  
ASN HXT  H N N 83  
ASP N    N N N 84  
ASP CA   C N S 85  
ASP C    C N N 86  
ASP O    O N N 87  
ASP CB   C N N 88  
ASP CG   C N N 89  
ASP OD1  O N N 90  
ASP OD2  O N N 91  
ASP OXT  O N N 92  
ASP H    H N N 93  
ASP H2   H N N 94  
ASP HA   H N N 95  
ASP HB2  H N N 96  
ASP HB3  H N N 97  
ASP HD2  H N N 98  
ASP HXT  H N N 99  
CYS N    N N N 100 
CYS CA   C N R 101 
CYS C    C N N 102 
CYS O    O N N 103 
CYS CB   C N N 104 
CYS SG   S N N 105 
CYS OXT  O N N 106 
CYS H    H N N 107 
CYS H2   H N N 108 
CYS HA   H N N 109 
CYS HB2  H N N 110 
CYS HB3  H N N 111 
CYS HG   H N N 112 
CYS HXT  H N N 113 
GLN N    N N N 114 
GLN CA   C N S 115 
GLN C    C N N 116 
GLN O    O N N 117 
GLN CB   C N N 118 
GLN CG   C N N 119 
GLN CD   C N N 120 
GLN OE1  O N N 121 
GLN NE2  N N N 122 
GLN OXT  O N N 123 
GLN H    H N N 124 
GLN H2   H N N 125 
GLN HA   H N N 126 
GLN HB2  H N N 127 
GLN HB3  H N N 128 
GLN HG2  H N N 129 
GLN HG3  H N N 130 
GLN HE21 H N N 131 
GLN HE22 H N N 132 
GLN HXT  H N N 133 
GLU N    N N N 134 
GLU CA   C N S 135 
GLU C    C N N 136 
GLU O    O N N 137 
GLU CB   C N N 138 
GLU CG   C N N 139 
GLU CD   C N N 140 
GLU OE1  O N N 141 
GLU OE2  O N N 142 
GLU OXT  O N N 143 
GLU H    H N N 144 
GLU H2   H N N 145 
GLU HA   H N N 146 
GLU HB2  H N N 147 
GLU HB3  H N N 148 
GLU HG2  H N N 149 
GLU HG3  H N N 150 
GLU HE2  H N N 151 
GLU HXT  H N N 152 
GLY N    N N N 153 
GLY CA   C N N 154 
GLY C    C N N 155 
GLY O    O N N 156 
GLY OXT  O N N 157 
GLY H    H N N 158 
GLY H2   H N N 159 
GLY HA2  H N N 160 
GLY HA3  H N N 161 
GLY HXT  H N N 162 
HIS N    N N N 163 
HIS CA   C N S 164 
HIS C    C N N 165 
HIS O    O N N 166 
HIS CB   C N N 167 
HIS CG   C Y N 168 
HIS ND1  N Y N 169 
HIS CD2  C Y N 170 
HIS CE1  C Y N 171 
HIS NE2  N Y N 172 
HIS OXT  O N N 173 
HIS H    H N N 174 
HIS H2   H N N 175 
HIS HA   H N N 176 
HIS HB2  H N N 177 
HIS HB3  H N N 178 
HIS HD1  H N N 179 
HIS HD2  H N N 180 
HIS HE1  H N N 181 
HIS HE2  H N N 182 
HIS HXT  H N N 183 
HOH O    O N N 184 
HOH H1   H N N 185 
HOH H2   H N N 186 
ILE N    N N N 187 
ILE CA   C N S 188 
ILE C    C N N 189 
ILE O    O N N 190 
ILE CB   C N S 191 
ILE CG1  C N N 192 
ILE CG2  C N N 193 
ILE CD1  C N N 194 
ILE OXT  O N N 195 
ILE H    H N N 196 
ILE H2   H N N 197 
ILE HA   H N N 198 
ILE HB   H N N 199 
ILE HG12 H N N 200 
ILE HG13 H N N 201 
ILE HG21 H N N 202 
ILE HG22 H N N 203 
ILE HG23 H N N 204 
ILE HD11 H N N 205 
ILE HD12 H N N 206 
ILE HD13 H N N 207 
ILE HXT  H N N 208 
LEU N    N N N 209 
LEU CA   C N S 210 
LEU C    C N N 211 
LEU O    O N N 212 
LEU CB   C N N 213 
LEU CG   C N N 214 
LEU CD1  C N N 215 
LEU CD2  C N N 216 
LEU OXT  O N N 217 
LEU H    H N N 218 
LEU H2   H N N 219 
LEU HA   H N N 220 
LEU HB2  H N N 221 
LEU HB3  H N N 222 
LEU HG   H N N 223 
LEU HD11 H N N 224 
LEU HD12 H N N 225 
LEU HD13 H N N 226 
LEU HD21 H N N 227 
LEU HD22 H N N 228 
LEU HD23 H N N 229 
LEU HXT  H N N 230 
LYS N    N N N 231 
LYS CA   C N S 232 
LYS C    C N N 233 
LYS O    O N N 234 
LYS CB   C N N 235 
LYS CG   C N N 236 
LYS CD   C N N 237 
LYS CE   C N N 238 
LYS NZ   N N N 239 
LYS OXT  O N N 240 
LYS H    H N N 241 
LYS H2   H N N 242 
LYS HA   H N N 243 
LYS HB2  H N N 244 
LYS HB3  H N N 245 
LYS HG2  H N N 246 
LYS HG3  H N N 247 
LYS HD2  H N N 248 
LYS HD3  H N N 249 
LYS HE2  H N N 250 
LYS HE3  H N N 251 
LYS HZ1  H N N 252 
LYS HZ2  H N N 253 
LYS HZ3  H N N 254 
LYS HXT  H N N 255 
MET N    N N N 256 
MET CA   C N S 257 
MET C    C N N 258 
MET O    O N N 259 
MET CB   C N N 260 
MET CG   C N N 261 
MET SD   S N N 262 
MET CE   C N N 263 
MET OXT  O N N 264 
MET H    H N N 265 
MET H2   H N N 266 
MET HA   H N N 267 
MET HB2  H N N 268 
MET HB3  H N N 269 
MET HG2  H N N 270 
MET HG3  H N N 271 
MET HE1  H N N 272 
MET HE2  H N N 273 
MET HE3  H N N 274 
MET HXT  H N N 275 
PHE N    N N N 276 
PHE CA   C N S 277 
PHE C    C N N 278 
PHE O    O N N 279 
PHE CB   C N N 280 
PHE CG   C Y N 281 
PHE CD1  C Y N 282 
PHE CD2  C Y N 283 
PHE CE1  C Y N 284 
PHE CE2  C Y N 285 
PHE CZ   C Y N 286 
PHE OXT  O N N 287 
PHE H    H N N 288 
PHE H2   H N N 289 
PHE HA   H N N 290 
PHE HB2  H N N 291 
PHE HB3  H N N 292 
PHE HD1  H N N 293 
PHE HD2  H N N 294 
PHE HE1  H N N 295 
PHE HE2  H N N 296 
PHE HZ   H N N 297 
PHE HXT  H N N 298 
PRO N    N N N 299 
PRO CA   C N S 300 
PRO C    C N N 301 
PRO O    O N N 302 
PRO CB   C N N 303 
PRO CG   C N N 304 
PRO CD   C N N 305 
PRO OXT  O N N 306 
PRO H    H N N 307 
PRO HA   H N N 308 
PRO HB2  H N N 309 
PRO HB3  H N N 310 
PRO HG2  H N N 311 
PRO HG3  H N N 312 
PRO HD2  H N N 313 
PRO HD3  H N N 314 
PRO HXT  H N N 315 
SER N    N N N 316 
SER CA   C N S 317 
SER C    C N N 318 
SER O    O N N 319 
SER CB   C N N 320 
SER OG   O N N 321 
SER OXT  O N N 322 
SER H    H N N 323 
SER H2   H N N 324 
SER HA   H N N 325 
SER HB2  H N N 326 
SER HB3  H N N 327 
SER HG   H N N 328 
SER HXT  H N N 329 
SO4 S    S N N 330 
SO4 O1   O N N 331 
SO4 O2   O N N 332 
SO4 O3   O N N 333 
SO4 O4   O N N 334 
THR N    N N N 335 
THR CA   C N S 336 
THR C    C N N 337 
THR O    O N N 338 
THR CB   C N R 339 
THR OG1  O N N 340 
THR CG2  C N N 341 
THR OXT  O N N 342 
THR H    H N N 343 
THR H2   H N N 344 
THR HA   H N N 345 
THR HB   H N N 346 
THR HG1  H N N 347 
THR HG21 H N N 348 
THR HG22 H N N 349 
THR HG23 H N N 350 
THR HXT  H N N 351 
TRP N    N N N 352 
TRP CA   C N S 353 
TRP C    C N N 354 
TRP O    O N N 355 
TRP CB   C N N 356 
TRP CG   C Y N 357 
TRP CD1  C Y N 358 
TRP CD2  C Y N 359 
TRP NE1  N Y N 360 
TRP CE2  C Y N 361 
TRP CE3  C Y N 362 
TRP CZ2  C Y N 363 
TRP CZ3  C Y N 364 
TRP CH2  C Y N 365 
TRP OXT  O N N 366 
TRP H    H N N 367 
TRP H2   H N N 368 
TRP HA   H N N 369 
TRP HB2  H N N 370 
TRP HB3  H N N 371 
TRP HD1  H N N 372 
TRP HE1  H N N 373 
TRP HE3  H N N 374 
TRP HZ2  H N N 375 
TRP HZ3  H N N 376 
TRP HH2  H N N 377 
TRP HXT  H N N 378 
TYR N    N N N 379 
TYR CA   C N S 380 
TYR C    C N N 381 
TYR O    O N N 382 
TYR CB   C N N 383 
TYR CG   C Y N 384 
TYR CD1  C Y N 385 
TYR CD2  C Y N 386 
TYR CE1  C Y N 387 
TYR CE2  C Y N 388 
TYR CZ   C Y N 389 
TYR OH   O N N 390 
TYR OXT  O N N 391 
TYR H    H N N 392 
TYR H2   H N N 393 
TYR HA   H N N 394 
TYR HB2  H N N 395 
TYR HB3  H N N 396 
TYR HD1  H N N 397 
TYR HD2  H N N 398 
TYR HE1  H N N 399 
TYR HE2  H N N 400 
TYR HH   H N N 401 
TYR HXT  H N N 402 
VAL N    N N N 403 
VAL CA   C N S 404 
VAL C    C N N 405 
VAL O    O N N 406 
VAL CB   C N N 407 
VAL CG1  C N N 408 
VAL CG2  C N N 409 
VAL OXT  O N N 410 
VAL H    H N N 411 
VAL H2   H N N 412 
VAL HA   H N N 413 
VAL HB   H N N 414 
VAL HG11 H N N 415 
VAL HG12 H N N 416 
VAL HG13 H N N 417 
VAL HG21 H N N 418 
VAL HG22 H N N 419 
VAL HG23 H N N 420 
VAL HXT  H N N 421 
# 
loop_
_chem_comp_bond.comp_id 
_chem_comp_bond.atom_id_1 
_chem_comp_bond.atom_id_2 
_chem_comp_bond.value_order 
_chem_comp_bond.pdbx_aromatic_flag 
_chem_comp_bond.pdbx_stereo_config 
_chem_comp_bond.pdbx_ordinal 
8WZ C01 C02  sing N N 1   
8WZ C03 C02  doub Y N 2   
8WZ C03 C04  sing Y N 3   
8WZ C02 C16  sing Y N 4   
8WZ C06 C07  sing Y N 5   
8WZ C06 C05  doub Y N 6   
8WZ C07 C08  doub Y N 7   
8WZ C16 C15  doub Y N 8   
8WZ C05 C04  sing N N 9   
8WZ C05 O09  sing Y N 10  
8WZ C04 C10  doub Y N 11  
8WZ C08 O09  sing Y N 12  
8WZ C15 C10  sing Y N 13  
8WZ C15 N14  sing Y N 14  
8WZ C10 O11  sing Y N 15  
8WZ N14 C12  doub Y N 16  
8WZ O11 C12  sing Y N 17  
8WZ C12 N13  sing N N 18  
8WZ C01 H1   sing N N 19  
8WZ C01 H2   sing N N 20  
8WZ C01 H3   sing N N 21  
8WZ C03 H4   sing N N 22  
8WZ C06 H5   sing N N 23  
8WZ C07 H6   sing N N 24  
8WZ C08 H7   sing N N 25  
8WZ N13 H8   sing N N 26  
8WZ N13 H9   sing N N 27  
8WZ C16 H10  sing N N 28  
ALA N   CA   sing N N 29  
ALA N   H    sing N N 30  
ALA N   H2   sing N N 31  
ALA CA  C    sing N N 32  
ALA CA  CB   sing N N 33  
ALA CA  HA   sing N N 34  
ALA C   O    doub N N 35  
ALA C   OXT  sing N N 36  
ALA CB  HB1  sing N N 37  
ALA CB  HB2  sing N N 38  
ALA CB  HB3  sing N N 39  
ALA OXT HXT  sing N N 40  
ARG N   CA   sing N N 41  
ARG N   H    sing N N 42  
ARG N   H2   sing N N 43  
ARG CA  C    sing N N 44  
ARG CA  CB   sing N N 45  
ARG CA  HA   sing N N 46  
ARG C   O    doub N N 47  
ARG C   OXT  sing N N 48  
ARG CB  CG   sing N N 49  
ARG CB  HB2  sing N N 50  
ARG CB  HB3  sing N N 51  
ARG CG  CD   sing N N 52  
ARG CG  HG2  sing N N 53  
ARG CG  HG3  sing N N 54  
ARG CD  NE   sing N N 55  
ARG CD  HD2  sing N N 56  
ARG CD  HD3  sing N N 57  
ARG NE  CZ   sing N N 58  
ARG NE  HE   sing N N 59  
ARG CZ  NH1  sing N N 60  
ARG CZ  NH2  doub N N 61  
ARG NH1 HH11 sing N N 62  
ARG NH1 HH12 sing N N 63  
ARG NH2 HH21 sing N N 64  
ARG NH2 HH22 sing N N 65  
ARG OXT HXT  sing N N 66  
ASN N   CA   sing N N 67  
ASN N   H    sing N N 68  
ASN N   H2   sing N N 69  
ASN CA  C    sing N N 70  
ASN CA  CB   sing N N 71  
ASN CA  HA   sing N N 72  
ASN C   O    doub N N 73  
ASN C   OXT  sing N N 74  
ASN CB  CG   sing N N 75  
ASN CB  HB2  sing N N 76  
ASN CB  HB3  sing N N 77  
ASN CG  OD1  doub N N 78  
ASN CG  ND2  sing N N 79  
ASN ND2 HD21 sing N N 80  
ASN ND2 HD22 sing N N 81  
ASN OXT HXT  sing N N 82  
ASP N   CA   sing N N 83  
ASP N   H    sing N N 84  
ASP N   H2   sing N N 85  
ASP CA  C    sing N N 86  
ASP CA  CB   sing N N 87  
ASP CA  HA   sing N N 88  
ASP C   O    doub N N 89  
ASP C   OXT  sing N N 90  
ASP CB  CG   sing N N 91  
ASP CB  HB2  sing N N 92  
ASP CB  HB3  sing N N 93  
ASP CG  OD1  doub N N 94  
ASP CG  OD2  sing N N 95  
ASP OD2 HD2  sing N N 96  
ASP OXT HXT  sing N N 97  
CYS N   CA   sing N N 98  
CYS N   H    sing N N 99  
CYS N   H2   sing N N 100 
CYS CA  C    sing N N 101 
CYS CA  CB   sing N N 102 
CYS CA  HA   sing N N 103 
CYS C   O    doub N N 104 
CYS C   OXT  sing N N 105 
CYS CB  SG   sing N N 106 
CYS CB  HB2  sing N N 107 
CYS CB  HB3  sing N N 108 
CYS SG  HG   sing N N 109 
CYS OXT HXT  sing N N 110 
GLN N   CA   sing N N 111 
GLN N   H    sing N N 112 
GLN N   H2   sing N N 113 
GLN CA  C    sing N N 114 
GLN CA  CB   sing N N 115 
GLN CA  HA   sing N N 116 
GLN C   O    doub N N 117 
GLN C   OXT  sing N N 118 
GLN CB  CG   sing N N 119 
GLN CB  HB2  sing N N 120 
GLN CB  HB3  sing N N 121 
GLN CG  CD   sing N N 122 
GLN CG  HG2  sing N N 123 
GLN CG  HG3  sing N N 124 
GLN CD  OE1  doub N N 125 
GLN CD  NE2  sing N N 126 
GLN NE2 HE21 sing N N 127 
GLN NE2 HE22 sing N N 128 
GLN OXT HXT  sing N N 129 
GLU N   CA   sing N N 130 
GLU N   H    sing N N 131 
GLU N   H2   sing N N 132 
GLU CA  C    sing N N 133 
GLU CA  CB   sing N N 134 
GLU CA  HA   sing N N 135 
GLU C   O    doub N N 136 
GLU C   OXT  sing N N 137 
GLU CB  CG   sing N N 138 
GLU CB  HB2  sing N N 139 
GLU CB  HB3  sing N N 140 
GLU CG  CD   sing N N 141 
GLU CG  HG2  sing N N 142 
GLU CG  HG3  sing N N 143 
GLU CD  OE1  doub N N 144 
GLU CD  OE2  sing N N 145 
GLU OE2 HE2  sing N N 146 
GLU OXT HXT  sing N N 147 
GLY N   CA   sing N N 148 
GLY N   H    sing N N 149 
GLY N   H2   sing N N 150 
GLY CA  C    sing N N 151 
GLY CA  HA2  sing N N 152 
GLY CA  HA3  sing N N 153 
GLY C   O    doub N N 154 
GLY C   OXT  sing N N 155 
GLY OXT HXT  sing N N 156 
HIS N   CA   sing N N 157 
HIS N   H    sing N N 158 
HIS N   H2   sing N N 159 
HIS CA  C    sing N N 160 
HIS CA  CB   sing N N 161 
HIS CA  HA   sing N N 162 
HIS C   O    doub N N 163 
HIS C   OXT  sing N N 164 
HIS CB  CG   sing N N 165 
HIS CB  HB2  sing N N 166 
HIS CB  HB3  sing N N 167 
HIS CG  ND1  sing Y N 168 
HIS CG  CD2  doub Y N 169 
HIS ND1 CE1  doub Y N 170 
HIS ND1 HD1  sing N N 171 
HIS CD2 NE2  sing Y N 172 
HIS CD2 HD2  sing N N 173 
HIS CE1 NE2  sing Y N 174 
HIS CE1 HE1  sing N N 175 
HIS NE2 HE2  sing N N 176 
HIS OXT HXT  sing N N 177 
HOH O   H1   sing N N 178 
HOH O   H2   sing N N 179 
ILE N   CA   sing N N 180 
ILE N   H    sing N N 181 
ILE N   H2   sing N N 182 
ILE CA  C    sing N N 183 
ILE CA  CB   sing N N 184 
ILE CA  HA   sing N N 185 
ILE C   O    doub N N 186 
ILE C   OXT  sing N N 187 
ILE CB  CG1  sing N N 188 
ILE CB  CG2  sing N N 189 
ILE CB  HB   sing N N 190 
ILE CG1 CD1  sing N N 191 
ILE CG1 HG12 sing N N 192 
ILE CG1 HG13 sing N N 193 
ILE CG2 HG21 sing N N 194 
ILE CG2 HG22 sing N N 195 
ILE CG2 HG23 sing N N 196 
ILE CD1 HD11 sing N N 197 
ILE CD1 HD12 sing N N 198 
ILE CD1 HD13 sing N N 199 
ILE OXT HXT  sing N N 200 
LEU N   CA   sing N N 201 
LEU N   H    sing N N 202 
LEU N   H2   sing N N 203 
LEU CA  C    sing N N 204 
LEU CA  CB   sing N N 205 
LEU CA  HA   sing N N 206 
LEU C   O    doub N N 207 
LEU C   OXT  sing N N 208 
LEU CB  CG   sing N N 209 
LEU CB  HB2  sing N N 210 
LEU CB  HB3  sing N N 211 
LEU CG  CD1  sing N N 212 
LEU CG  CD2  sing N N 213 
LEU CG  HG   sing N N 214 
LEU CD1 HD11 sing N N 215 
LEU CD1 HD12 sing N N 216 
LEU CD1 HD13 sing N N 217 
LEU CD2 HD21 sing N N 218 
LEU CD2 HD22 sing N N 219 
LEU CD2 HD23 sing N N 220 
LEU OXT HXT  sing N N 221 
LYS N   CA   sing N N 222 
LYS N   H    sing N N 223 
LYS N   H2   sing N N 224 
LYS CA  C    sing N N 225 
LYS CA  CB   sing N N 226 
LYS CA  HA   sing N N 227 
LYS C   O    doub N N 228 
LYS C   OXT  sing N N 229 
LYS CB  CG   sing N N 230 
LYS CB  HB2  sing N N 231 
LYS CB  HB3  sing N N 232 
LYS CG  CD   sing N N 233 
LYS CG  HG2  sing N N 234 
LYS CG  HG3  sing N N 235 
LYS CD  CE   sing N N 236 
LYS CD  HD2  sing N N 237 
LYS CD  HD3  sing N N 238 
LYS CE  NZ   sing N N 239 
LYS CE  HE2  sing N N 240 
LYS CE  HE3  sing N N 241 
LYS NZ  HZ1  sing N N 242 
LYS NZ  HZ2  sing N N 243 
LYS NZ  HZ3  sing N N 244 
LYS OXT HXT  sing N N 245 
MET N   CA   sing N N 246 
MET N   H    sing N N 247 
MET N   H2   sing N N 248 
MET CA  C    sing N N 249 
MET CA  CB   sing N N 250 
MET CA  HA   sing N N 251 
MET C   O    doub N N 252 
MET C   OXT  sing N N 253 
MET CB  CG   sing N N 254 
MET CB  HB2  sing N N 255 
MET CB  HB3  sing N N 256 
MET CG  SD   sing N N 257 
MET CG  HG2  sing N N 258 
MET CG  HG3  sing N N 259 
MET SD  CE   sing N N 260 
MET CE  HE1  sing N N 261 
MET CE  HE2  sing N N 262 
MET CE  HE3  sing N N 263 
MET OXT HXT  sing N N 264 
PHE N   CA   sing N N 265 
PHE N   H    sing N N 266 
PHE N   H2   sing N N 267 
PHE CA  C    sing N N 268 
PHE CA  CB   sing N N 269 
PHE CA  HA   sing N N 270 
PHE C   O    doub N N 271 
PHE C   OXT  sing N N 272 
PHE CB  CG   sing N N 273 
PHE CB  HB2  sing N N 274 
PHE CB  HB3  sing N N 275 
PHE CG  CD1  doub Y N 276 
PHE CG  CD2  sing Y N 277 
PHE CD1 CE1  sing Y N 278 
PHE CD1 HD1  sing N N 279 
PHE CD2 CE2  doub Y N 280 
PHE CD2 HD2  sing N N 281 
PHE CE1 CZ   doub Y N 282 
PHE CE1 HE1  sing N N 283 
PHE CE2 CZ   sing Y N 284 
PHE CE2 HE2  sing N N 285 
PHE CZ  HZ   sing N N 286 
PHE OXT HXT  sing N N 287 
PRO N   CA   sing N N 288 
PRO N   CD   sing N N 289 
PRO N   H    sing N N 290 
PRO CA  C    sing N N 291 
PRO CA  CB   sing N N 292 
PRO CA  HA   sing N N 293 
PRO C   O    doub N N 294 
PRO C   OXT  sing N N 295 
PRO CB  CG   sing N N 296 
PRO CB  HB2  sing N N 297 
PRO CB  HB3  sing N N 298 
PRO CG  CD   sing N N 299 
PRO CG  HG2  sing N N 300 
PRO CG  HG3  sing N N 301 
PRO CD  HD2  sing N N 302 
PRO CD  HD3  sing N N 303 
PRO OXT HXT  sing N N 304 
SER N   CA   sing N N 305 
SER N   H    sing N N 306 
SER N   H2   sing N N 307 
SER CA  C    sing N N 308 
SER CA  CB   sing N N 309 
SER CA  HA   sing N N 310 
SER C   O    doub N N 311 
SER C   OXT  sing N N 312 
SER CB  OG   sing N N 313 
SER CB  HB2  sing N N 314 
SER CB  HB3  sing N N 315 
SER OG  HG   sing N N 316 
SER OXT HXT  sing N N 317 
SO4 S   O1   doub N N 318 
SO4 S   O2   doub N N 319 
SO4 S   O3   sing N N 320 
SO4 S   O4   sing N N 321 
THR N   CA   sing N N 322 
THR N   H    sing N N 323 
THR N   H2   sing N N 324 
THR CA  C    sing N N 325 
THR CA  CB   sing N N 326 
THR CA  HA   sing N N 327 
THR C   O    doub N N 328 
THR C   OXT  sing N N 329 
THR CB  OG1  sing N N 330 
THR CB  CG2  sing N N 331 
THR CB  HB   sing N N 332 
THR OG1 HG1  sing N N 333 
THR CG2 HG21 sing N N 334 
THR CG2 HG22 sing N N 335 
THR CG2 HG23 sing N N 336 
THR OXT HXT  sing N N 337 
TRP N   CA   sing N N 338 
TRP N   H    sing N N 339 
TRP N   H2   sing N N 340 
TRP CA  C    sing N N 341 
TRP CA  CB   sing N N 342 
TRP CA  HA   sing N N 343 
TRP C   O    doub N N 344 
TRP C   OXT  sing N N 345 
TRP CB  CG   sing N N 346 
TRP CB  HB2  sing N N 347 
TRP CB  HB3  sing N N 348 
TRP CG  CD1  doub Y N 349 
TRP CG  CD2  sing Y N 350 
TRP CD1 NE1  sing Y N 351 
TRP CD1 HD1  sing N N 352 
TRP CD2 CE2  doub Y N 353 
TRP CD2 CE3  sing Y N 354 
TRP NE1 CE2  sing Y N 355 
TRP NE1 HE1  sing N N 356 
TRP CE2 CZ2  sing Y N 357 
TRP CE3 CZ3  doub Y N 358 
TRP CE3 HE3  sing N N 359 
TRP CZ2 CH2  doub Y N 360 
TRP CZ2 HZ2  sing N N 361 
TRP CZ3 CH2  sing Y N 362 
TRP CZ3 HZ3  sing N N 363 
TRP CH2 HH2  sing N N 364 
TRP OXT HXT  sing N N 365 
TYR N   CA   sing N N 366 
TYR N   H    sing N N 367 
TYR N   H2   sing N N 368 
TYR CA  C    sing N N 369 
TYR CA  CB   sing N N 370 
TYR CA  HA   sing N N 371 
TYR C   O    doub N N 372 
TYR C   OXT  sing N N 373 
TYR CB  CG   sing N N 374 
TYR CB  HB2  sing N N 375 
TYR CB  HB3  sing N N 376 
TYR CG  CD1  doub Y N 377 
TYR CG  CD2  sing Y N 378 
TYR CD1 CE1  sing Y N 379 
TYR CD1 HD1  sing N N 380 
TYR CD2 CE2  doub Y N 381 
TYR CD2 HD2  sing N N 382 
TYR CE1 CZ   doub Y N 383 
TYR CE1 HE1  sing N N 384 
TYR CE2 CZ   sing Y N 385 
TYR CE2 HE2  sing N N 386 
TYR CZ  OH   sing N N 387 
TYR OH  HH   sing N N 388 
TYR OXT HXT  sing N N 389 
VAL N   CA   sing N N 390 
VAL N   H    sing N N 391 
VAL N   H2   sing N N 392 
VAL CA  C    sing N N 393 
VAL CA  CB   sing N N 394 
VAL CA  HA   sing N N 395 
VAL C   O    doub N N 396 
VAL C   OXT  sing N N 397 
VAL CB  CG1  sing N N 398 
VAL CB  CG2  sing N N 399 
VAL CB  HB   sing N N 400 
VAL CG1 HG11 sing N N 401 
VAL CG1 HG12 sing N N 402 
VAL CG1 HG13 sing N N 403 
VAL CG2 HG21 sing N N 404 
VAL CG2 HG22 sing N N 405 
VAL CG2 HG23 sing N N 406 
VAL OXT HXT  sing N N 407 
# 
loop_
_pdbx_audit_support.funding_organization 
_pdbx_audit_support.country 
_pdbx_audit_support.grant_number 
_pdbx_audit_support.ordinal 
'Swedish e-Science Research Center'       Sweden ? 1  
'Science for Life Laboratory'             Sweden ? 2  
'Knut and Alice Wallenberg Foundation'    Sweden ? 3  
'Wenner-Gren Foundation'                  Sweden ? 4  
'Clas Groschinskys Foundation'            Sweden ? 5  
'Ake Wiberg Foundation'                   Sweden ? 6  
'Goran Gustafsson Foundation'             Sweden ? 7  
;Swedish Children's Cancer Foundation
;
Sweden ? 8  
'Swedish Pain Relief Foundation'          Sweden ? 9  
'Torsten and Ragnar Soderberg Foundation' Sweden ? 10 
'Swedish Cancer Society'                  Sweden ? 11 
'Swedish Research Council'                Sweden ? 12 
# 
_pdbx_initial_refinement_model.id               1 
_pdbx_initial_refinement_model.entity_id_list   ? 
_pdbx_initial_refinement_model.type             'experimental model' 
_pdbx_initial_refinement_model.source_name      PDB 
_pdbx_initial_refinement_model.accession_code   3ZR1 
_pdbx_initial_refinement_model.details          ? 
# 
_atom_sites.entry_id                    5NGT 
_atom_sites.fract_transf_matrix[1][1]   0.01907853 
_atom_sites.fract_transf_matrix[1][2]   -0.01941009 
_atom_sites.fract_transf_matrix[1][3]   0.00412903 
_atom_sites.fract_transf_matrix[2][1]   0.00561620 
_atom_sites.fract_transf_matrix[2][2]   0.00225563 
_atom_sites.fract_transf_matrix[2][3]   -0.01534671 
_atom_sites.fract_transf_matrix[3][1]   0.00953082 
_atom_sites.fract_transf_matrix[3][2]   0.01043626 
_atom_sites.fract_transf_matrix[3][3]   0.00502175 
_atom_sites.fract_transf_vector[1]      -0.243779 
_atom_sites.fract_transf_vector[2]      -0.230372 
_atom_sites.fract_transf_vector[3]      0.199001 
# 
loop_
_atom_type.symbol 
C 
N 
O 
S 
# 
loop_
_atom_site.group_PDB 
_atom_site.id 
_atom_site.type_symbol 
_atom_site.label_atom_id 
_atom_site.label_alt_id 
_atom_site.label_comp_id 
_atom_site.label_asym_id 
_atom_site.label_entity_id 
_atom_site.label_seq_id 
_atom_site.pdbx_PDB_ins_code 
_atom_site.Cartn_x 
_atom_site.Cartn_y 
_atom_site.Cartn_z 
_atom_site.occupancy 
_atom_site.B_iso_or_equiv 
_atom_site.pdbx_formal_charge 
_atom_site.auth_seq_id 
_atom_site.auth_comp_id 
_atom_site.auth_asym_id 
_atom_site.auth_atom_id 
_atom_site.pdbx_PDB_model_num 
ATOM   1    N N   . ALA A 1 6   ? -17.296 -8.124  -8.846  1.00 27.38 ? 3   ALA A N   1 
ATOM   2    C CA  . ALA A 1 6   ? -17.353 -6.651  -9.043  1.00 27.21 ? 3   ALA A CA  1 
ATOM   3    C C   . ALA A 1 6   ? -16.054 -6.060  -8.485  1.00 24.92 ? 3   ALA A C   1 
ATOM   4    O O   . ALA A 1 6   ? -16.111 -5.065  -7.753  1.00 24.46 ? 3   ALA A O   1 
ATOM   5    C CB  . ALA A 1 6   ? -18.557 -6.057  -8.279  1.00 27.34 ? 3   ALA A CB  1 
ATOM   6    N N   . SER A 1 7   ? -14.898 -6.663  -8.760  1.00 23.52 ? 4   SER A N   1 
ATOM   7    C CA  . SER A 1 7   ? -13.663 -6.153  -8.135  1.00 22.72 ? 4   SER A CA  1 
ATOM   8    C C   . SER A 1 7   ? -12.624 -5.715  -9.171  1.00 23.01 ? 4   SER A C   1 
ATOM   9    O O   . SER A 1 7   ? -12.553 -6.266  -10.294 1.00 26.88 ? 4   SER A O   1 
ATOM   10   C CB  . SER A 1 7   ? -13.094 -7.157  -7.137  1.00 26.50 ? 4   SER A CB  1 
ATOM   11   O OG  . SER A 1 7   ? -12.259 -8.084  -7.784  1.00 32.81 ? 4   SER A OG  1 
ATOM   12   N N   . ARG A 1 8   ? -11.859 -4.689  -8.818  1.00 18.87 ? 5   ARG A N   1 
ATOM   13   C CA  . ARG A 1 8   ? -10.820 -4.159  -9.682  1.00 16.96 ? 5   ARG A CA  1 
ATOM   14   C C   . ARG A 1 8   ? -9.472  -4.393  -8.956  1.00 15.72 ? 5   ARG A C   1 
ATOM   15   O O   . ARG A 1 8   ? -9.359  -4.151  -7.768  1.00 13.93 ? 5   ARG A O   1 
ATOM   16   C CB  . ARG A 1 8   ? -11.022 -2.688  -9.951  1.00 19.20 ? 5   ARG A CB  1 
ATOM   17   C CG  . ARG A 1 8   ? -9.982  -2.156  -10.937 1.00 21.29 ? 5   ARG A CG  1 
ATOM   18   C CD  . ARG A 1 8   ? -10.509 -1.226  -11.989 1.00 27.24 ? 5   ARG A CD  1 
ATOM   19   N NE  . ARG A 1 8   ? -9.429  -0.758  -12.863 1.00 31.18 ? 5   ARG A NE  1 
ATOM   20   C CZ  . ARG A 1 8   ? -9.566  0.173   -13.812 1.00 35.45 ? 5   ARG A CZ  1 
ATOM   21   N NH1 . ARG A 1 8   ? -10.734 0.783   -14.015 1.00 40.49 ? 5   ARG A NH1 1 
ATOM   22   N NH2 . ARG A 1 8   ? -8.523  0.508   -14.560 1.00 38.01 ? 5   ARG A NH2 1 
ATOM   23   N N   . LEU A 1 9   ? -8.455  -4.804  -9.702  1.00 13.39 ? 6   LEU A N   1 
ATOM   24   C CA  . LEU A 1 9   ? -7.131  -5.012  -9.153  1.00 12.66 ? 6   LEU A CA  1 
ATOM   25   C C   . LEU A 1 9   ? -6.344  -3.750  -8.946  1.00 11.25 ? 6   LEU A C   1 
ATOM   26   O O   . LEU A 1 9   ? -6.230  -2.868  -9.836  1.00 12.71 ? 6   LEU A O   1 
ATOM   27   C CB  . LEU A 1 9   ? -6.317  -5.912  -10.095 1.00 12.62 ? 6   LEU A CB  1 
ATOM   28   C CG  . LEU A 1 9   ? -6.813  -7.319  -10.170 1.00 14.34 ? 6   LEU A CG  1 
ATOM   29   C CD1 . LEU A 1 9   ? -6.110  -7.966  -11.370 1.00 16.80 ? 6   LEU A CD1 1 
ATOM   30   C CD2 . LEU A 1 9   ? -6.547  -8.115  -8.891  1.00 15.37 ? 6   LEU A CD2 1 
ATOM   31   N N   . TYR A 1 10  ? -5.724  -3.689  -7.773  1.00 11.14 ? 7   TYR A N   1 
ATOM   32   C CA  . TYR A 1 10  ? -4.772  -2.654  -7.417  1.00 10.32 ? 7   TYR A CA  1 
ATOM   33   C C   . TYR A 1 10  ? -3.557  -3.293  -6.734  1.00 10.12 ? 7   TYR A C   1 
ATOM   34   O O   . TYR A 1 10  ? -3.656  -4.399  -6.216  1.00 10.47 ? 7   TYR A O   1 
ATOM   35   C CB  . TYR A 1 10  ? -5.386  -1.645  -6.432  1.00 10.74 ? 7   TYR A CB  1 
ATOM   36   C CG  . TYR A 1 10  ? -6.519  -0.824  -7.003  1.00 11.23 ? 7   TYR A CG  1 
ATOM   37   C CD1 . TYR A 1 10  ? -7.784  -1.347  -7.063  1.00 12.56 ? 7   TYR A CD1 1 
ATOM   38   C CD2 . TYR A 1 10  ? -6.307  0.446   -7.486  1.00 13.58 ? 7   TYR A CD2 1 
ATOM   39   C CE1 . TYR A 1 10  ? -8.842  -0.619  -7.602  1.00 14.07 ? 7   TYR A CE1 1 
ATOM   40   C CE2 . TYR A 1 10  ? -7.364  1.178   -8.049  1.00 14.30 ? 7   TYR A CE2 1 
ATOM   41   C CZ  . TYR A 1 10  ? -8.623  0.615   -8.107  1.00 15.38 ? 7   TYR A CZ  1 
ATOM   42   O OH  . TYR A 1 10  ? -9.721  1.342   -8.610  1.00 18.02 ? 7   TYR A OH  1 
ATOM   43   N N   . THR A 1 11  ? -2.459  -2.550  -6.743  1.00 10.24 ? 8   THR A N   1 
ATOM   44   C CA  . THR A 1 11  ? -1.231  -2.947  -5.987  1.00 10.03 ? 8   THR A CA  1 
ATOM   45   C C   . THR A 1 11  ? -0.882  -1.883  -4.961  1.00 9.79  ? 8   THR A C   1 
ATOM   46   O O   . THR A 1 11  ? -1.273  -0.706  -5.054  1.00 10.07 ? 8   THR A O   1 
ATOM   47   C CB  . THR A 1 11  ? -0.035  -3.079  -6.983  1.00 11.53 ? 8   THR A CB  1 
ATOM   48   O OG1 . THR A 1 11  ? 0.209   -1.823  -7.620  1.00 13.28 ? 8   THR A OG1 1 
ATOM   49   C CG2 . THR A 1 11  ? -0.356  -4.186  -7.943  1.00 12.24 ? 8   THR A CG2 1 
ATOM   50   N N   . LEU A 1 12  ? -0.190  -2.342  -3.909  1.00 9.13  ? 9   LEU A N   1 
ATOM   51   C CA  . LEU A 1 12  ? 0.336   -1.452  -2.901  1.00 9.59  ? 9   LEU A CA  1 
ATOM   52   C C   . LEU A 1 12  ? 1.682   -1.976  -2.476  1.00 9.83  ? 9   LEU A C   1 
ATOM   53   O O   . LEU A 1 12  ? 1.758   -3.142  -2.121  1.00 10.68 ? 9   LEU A O   1 
ATOM   54   C CB  . LEU A 1 12  ? -0.664  -1.339  -1.727  1.00 9.79  ? 9   LEU A CB  1 
ATOM   55   C CG  . LEU A 1 12  ? -0.267  -0.367  -0.599  1.00 11.37 ? 9   LEU A CG  1 
ATOM   56   C CD1 . LEU A 1 12  ? -0.221  1.052   -1.110  1.00 12.02 ? 9   LEU A CD1 1 
ATOM   57   C CD2 . LEU A 1 12  ? -1.188  -0.509  0.575   1.00 12.35 ? 9   LEU A CD2 1 
ATOM   58   N N   . VAL A 1 13  ? 2.735   -1.147  -2.561  1.00 9.38  ? 10  VAL A N   1 
ATOM   59   C CA  . VAL A 1 13  ? 4.089   -1.592  -2.240  1.00 10.14 ? 10  VAL A CA  1 
ATOM   60   C C   . VAL A 1 13  ? 4.686   -0.773  -1.102  1.00 10.11 ? 10  VAL A C   1 
ATOM   61   O O   . VAL A 1 13  ? 4.704   0.436   -1.121  1.00 9.04  ? 10  VAL A O   1 
ATOM   62   C CB  . VAL A 1 13  ? 5.015   -1.480  -3.450  1.00 11.30 ? 10  VAL A CB  1 
ATOM   63   C CG1 . VAL A 1 13  ? 6.384   -2.068  -3.137  1.00 12.51 ? 10  VAL A CG1 1 
ATOM   64   C CG2 . VAL A 1 13  ? 4.373   -2.128  -4.662  1.00 12.16 ? 10  VAL A CG2 1 
ATOM   65   N N   . LEU A 1 14  ? 5.196   -1.502  -0.097  1.00 9.89  ? 11  LEU A N   1 
ATOM   66   C CA  . LEU A 1 14  ? 5.894   -0.911  1.051   1.00 10.89 ? 11  LEU A CA  1 
ATOM   67   C C   . LEU A 1 14  ? 7.375   -1.247  0.947   1.00 10.79 ? 11  LEU A C   1 
ATOM   68   O O   . LEU A 1 14  ? 7.789   -2.431  0.918   1.00 10.96 ? 11  LEU A O   1 
ATOM   69   C CB  . LEU A 1 14  ? 5.313   -1.412  2.372   1.00 11.98 ? 11  LEU A CB  1 
ATOM   70   C CG  . LEU A 1 14  ? 3.953   -0.845  2.810   1.00 14.59 ? 11  LEU A CG  1 
ATOM   71   C CD1 . LEU A 1 14  ? 3.951   0.683   2.802   1.00 14.81 ? 11  LEU A CD1 1 
ATOM   72   C CD2 . LEU A 1 14  ? 2.870   -1.433  1.958   1.00 17.29 ? 11  LEU A CD2 1 
ATOM   73   N N   . VAL A 1 15  ? 8.202   -0.199  0.992   1.00 10.24 ? 12  VAL A N   1 
ATOM   74   C CA  . VAL A 1 15  ? 9.651   -0.316  0.989   1.00 11.46 ? 12  VAL A CA  1 
ATOM   75   C C   . VAL A 1 15  ? 10.090  -0.264  2.437   1.00 11.55 ? 12  VAL A C   1 
ATOM   76   O O   . VAL A 1 15  ? 9.976   0.780   3.103   1.00 11.30 ? 12  VAL A O   1 
ATOM   77   C CB  . VAL A 1 15  ? 10.336  0.802   0.169   1.00 12.85 ? 12  VAL A CB  1 
ATOM   78   C CG1 . VAL A 1 15  ? 11.847  0.676   0.270   1.00 14.85 ? 12  VAL A CG1 1 
ATOM   79   C CG2 . VAL A 1 15  ? 9.831   0.771   -1.287  1.00 13.47 ? 12  VAL A CG2 1 
ATOM   80   N N   . LEU A 1 16  ? 10.519  -1.424  2.944   1.00 14.60 ? 13  LEU A N   1 
ATOM   81   C CA  . LEU A 1 16  ? 10.659  -1.641  4.386   1.00 18.01 ? 13  LEU A CA  1 
ATOM   82   C C   . LEU A 1 16  ? 12.024  -2.167  4.647   1.00 19.86 ? 13  LEU A C   1 
ATOM   83   O O   . LEU A 1 16  ? 12.337  -3.266  4.217   1.00 22.78 ? 13  LEU A O   1 
ATOM   84   C CB  . LEU A 1 16  ? 9.584   -2.621  4.894   1.00 20.69 ? 13  LEU A CB  1 
ATOM   85   C CG  . LEU A 1 16  ? 9.634   -2.979  6.375   1.00 22.19 ? 13  LEU A CG  1 
ATOM   86   C CD1 . LEU A 1 16  ? 9.342   -1.783  7.254   1.00 20.80 ? 13  LEU A CD1 1 
ATOM   87   C CD2 . LEU A 1 16  ? 8.622   -4.077  6.652   1.00 22.31 ? 13  LEU A CD2 1 
ATOM   88   N N   . GLN A 1 17  ? 12.844  -1.350  5.320   1.00 20.49 ? 14  GLN A N   1 
ATOM   89   C CA  . GLN A 1 17  ? 14.221  -1.678  5.667   1.00 22.97 ? 14  GLN A CA  1 
ATOM   90   C C   . GLN A 1 17  ? 14.222  -1.929  7.155   1.00 23.53 ? 14  GLN A C   1 
ATOM   91   O O   . GLN A 1 17  ? 13.224  -1.683  7.808   1.00 22.35 ? 14  GLN A O   1 
ATOM   92   C CB  . GLN A 1 17  ? 15.114  -0.507  5.276   1.00 21.47 ? 14  GLN A CB  1 
ATOM   93   C CG  . GLN A 1 17  ? 15.049  -0.301  3.785   1.00 24.72 ? 14  GLN A CG  1 
ATOM   94   C CD  . GLN A 1 17  ? 15.979  0.757   3.269   1.00 23.88 ? 14  GLN A CD  1 
ATOM   95   O OE1 . GLN A 1 17  ? 16.275  1.708   3.941   1.00 24.77 ? 14  GLN A OE1 1 
ATOM   96   N NE2 . GLN A 1 17  ? 16.457  0.569   2.049   1.00 26.27 ? 14  GLN A NE2 1 
ATOM   97   N N   . PRO A 1 18  ? 15.342  -2.441  7.699   1.00 27.30 ? 15  PRO A N   1 
ATOM   98   C CA  . PRO A 1 18  ? 15.323  -2.838  9.107   1.00 27.81 ? 15  PRO A CA  1 
ATOM   99   C C   . PRO A 1 18  ? 14.879  -1.793  10.128  1.00 27.00 ? 15  PRO A C   1 
ATOM   100  O O   . PRO A 1 18  ? 14.201  -2.186  11.098  1.00 29.52 ? 15  PRO A O   1 
ATOM   101  C CB  . PRO A 1 18  ? 16.764  -3.307  9.346   1.00 29.23 ? 15  PRO A CB  1 
ATOM   102  C CG  . PRO A 1 18  ? 17.209  -3.787  7.996   1.00 30.80 ? 15  PRO A CG  1 
ATOM   103  C CD  . PRO A 1 18  ? 16.648  -2.718  7.074   1.00 29.77 ? 15  PRO A CD  1 
ATOM   104  N N   . GLN A 1 19  ? 15.188  -0.502  9.909   1.00 24.15 ? 16  GLN A N   1 
ATOM   105  C CA  . GLN A 1 19  ? 14.765  0.568   10.824  1.00 24.39 ? 16  GLN A CA  1 
ATOM   106  C C   . GLN A 1 19  ? 13.853  1.662   10.271  1.00 21.34 ? 16  GLN A C   1 
ATOM   107  O O   . GLN A 1 19  ? 13.454  2.584   11.010  1.00 21.71 ? 16  GLN A O   1 
ATOM   108  C CB  . GLN A 1 19  ? 16.001  1.260   11.426  1.00 29.08 ? 16  GLN A CB  1 
ATOM   109  C CG  . GLN A 1 19  ? 17.009  0.293   12.014  1.00 33.57 ? 16  GLN A CG  1 
ATOM   110  C CD  . GLN A 1 19  ? 16.374  -0.658  12.997  1.00 37.71 ? 16  GLN A CD  1 
ATOM   111  O OE1 . GLN A 1 19  ? 15.497  -0.271  13.782  1.00 39.80 ? 16  GLN A OE1 1 
ATOM   112  N NE2 . GLN A 1 19  ? 16.801  -1.926  12.951  1.00 44.26 ? 16  GLN A NE2 1 
ATOM   113  N N   . ARG A 1 20  ? 13.457  1.541   9.020   1.00 17.53 ? 17  ARG A N   1 
ATOM   114  C CA  . ARG A 1 20  ? 12.622  2.580   8.452   1.00 15.31 ? 17  ARG A CA  1 
ATOM   115  C C   . ARG A 1 20  ? 11.775  2.057   7.311   1.00 13.58 ? 17  ARG A C   1 
ATOM   116  O O   . ARG A 1 20  ? 12.075  1.039   6.725   1.00 14.48 ? 17  ARG A O   1 
ATOM   117  C CB  . ARG A 1 20  ? 13.473  3.748   7.972   1.00 17.00 ? 17  ARG A CB  1 
ATOM   118  C CG  . ARG A 1 20  ? 14.469  3.361   6.945   1.00 17.23 ? 17  ARG A CG  1 
ATOM   119  C CD  . ARG A 1 20  ? 15.359  4.521   6.531   1.00 20.59 ? 17  ARG A CD  1 
ATOM   120  N NE  . ARG A 1 20  ? 16.114  4.204   5.337   1.00 23.54 ? 17  ARG A NE  1 
ATOM   121  C CZ  . ARG A 1 20  ? 16.901  5.072   4.682   1.00 26.17 ? 17  ARG A CZ  1 
ATOM   122  N NH1 . ARG A 1 20  ? 17.011  6.327   5.094   1.00 26.47 ? 17  ARG A NH1 1 
ATOM   123  N NH2 . ARG A 1 20  ? 17.547  4.676   3.596   1.00 27.29 ? 17  ARG A NH2 1 
ATOM   124  N N   . VAL A 1 21  ? 10.729  2.824   7.012   1.00 11.70 ? 18  VAL A N   1 
ATOM   125  C CA  . VAL A 1 21  ? 9.787   2.519   5.937   1.00 10.92 ? 18  VAL A CA  1 
ATOM   126  C C   . VAL A 1 21  ? 9.615   3.786   5.100   1.00 10.05 ? 18  VAL A C   1 
ATOM   127  O O   . VAL A 1 21  ? 9.583   4.908   5.623   1.00 10.96 ? 18  VAL A O   1 
ATOM   128  C CB  . VAL A 1 21  ? 8.430   2.016   6.536   1.00 11.28 ? 18  VAL A CB  1 
ATOM   129  C CG1 . VAL A 1 21  ? 7.728   3.055   7.379   1.00 10.83 ? 18  VAL A CG1 1 
ATOM   130  C CG2 . VAL A 1 21  ? 7.521   1.489   5.452   1.00 11.36 ? 18  VAL A CG2 1 
ATOM   131  N N   . LEU A 1 22  ? 9.494   3.594   3.790   1.00 10.38 ? 19  LEU A N   1 
ATOM   132  C CA  . LEU A 1 22  ? 9.208   4.691   2.871   1.00 9.25  ? 19  LEU A CA  1 
ATOM   133  C C   . LEU A 1 22  ? 7.727   4.846   2.645   1.00 8.91  ? 19  LEU A C   1 
ATOM   134  O O   . LEU A 1 22  ? 7.059   3.868   2.253   1.00 10.44 ? 19  LEU A O   1 
ATOM   135  C CB  . LEU A 1 22  ? 9.865   4.432   1.529   1.00 9.70  ? 19  LEU A CB  1 
ATOM   136  C CG  . LEU A 1 22  ? 9.886   5.636   0.567   1.00 10.29 ? 19  LEU A CG  1 
ATOM   137  C CD1 . LEU A 1 22  ? 10.738  6.798   1.042   1.00 11.28 ? 19  LEU A CD1 1 
ATOM   138  C CD2 . LEU A 1 22  ? 10.326  5.162   -0.828  1.00 10.81 ? 19  LEU A CD2 1 
ATOM   139  N N   . LEU A 1 23  ? 7.201   6.050   2.806   1.00 8.59  ? 20  LEU A N   1 
ATOM   140  C CA  . LEU A 1 23  ? 5.836   6.320   2.482   1.00 9.01  ? 20  LEU A CA  1 
ATOM   141  C C   . LEU A 1 23  ? 5.793   7.538   1.592   1.00 10.39 ? 20  LEU A C   1 
ATOM   142  O O   . LEU A 1 23  ? 6.723   8.334   1.578   1.00 10.91 ? 20  LEU A O   1 
ATOM   143  C CB  . LEU A 1 23  ? 4.988   6.549   3.730   1.00 9.54  ? 20  LEU A CB  1 
ATOM   144  C CG  . LEU A 1 23  ? 4.947   5.374   4.727   1.00 9.50  ? 20  LEU A CG  1 
ATOM   145  C CD1 . LEU A 1 23  ? 4.409   5.899   6.069   1.00 10.08 ? 20  LEU A CD1 1 
ATOM   146  C CD2 . LEU A 1 23  ? 4.125   4.253   4.125   1.00 10.01 ? 20  LEU A CD2 1 
ATOM   147  N N   . GLY A 1 24  ? 4.717   7.682   0.858   1.00 9.52  ? 21  GLY A N   1 
ATOM   148  C CA  . GLY A 1 24  ? 4.563   8.825   -0.014  1.00 10.22 ? 21  GLY A CA  1 
ATOM   149  C C   . GLY A 1 24  ? 3.327   9.578   0.305   1.00 10.19 ? 21  GLY A C   1 
ATOM   150  O O   . GLY A 1 24  ? 2.296   8.959   0.578   1.00 10.65 ? 21  GLY A O   1 
ATOM   151  N N   . MET A 1 25  ? 3.395   10.909  0.220   1.00 11.78 ? 22  MET A N   1 
ATOM   152  C CA  . MET A 1 25  ? 2.200   11.767  0.414   1.00 14.00 ? 22  MET A CA  1 
ATOM   153  C C   . MET A 1 25  ? 1.705   12.140  -0.971  1.00 13.71 ? 22  MET A C   1 
ATOM   154  O O   . MET A 1 25  ? 2.416   12.826  -1.712  1.00 12.38 ? 22  MET A O   1 
ATOM   155  C CB  . MET A 1 25  ? 2.610   13.002  1.208   1.00 17.42 ? 22  MET A CB  1 
ATOM   156  C CG  . MET A 1 25  ? 1.668   14.166  1.247   1.00 21.68 ? 22  MET A CG  1 
ATOM   157  S SD  . MET A 1 25  ? 0.179   13.855  2.139   1.00 26.48 ? 22  MET A SD  1 
ATOM   158  C CE  . MET A 1 25  ? 0.754   13.434  3.816   1.00 22.33 ? 22  MET A CE  1 
ATOM   159  N N   . LYS A 1 26  ? 0.505   11.683  -1.323  1.00 16.86 ? 23  LYS A N   1 
ATOM   160  C CA  . LYS A 1 26  ? -0.088  11.977  -2.617  1.00 18.33 ? 23  LYS A CA  1 
ATOM   161  C C   . LYS A 1 26  ? -0.600  13.395  -2.649  1.00 18.31 ? 23  LYS A C   1 
ATOM   162  O O   . LYS A 1 26  ? -1.282  13.826  -1.732  1.00 17.22 ? 23  LYS A O   1 
ATOM   163  C CB  . LYS A 1 26  ? -1.212  10.975  -2.912  1.00 22.49 ? 23  LYS A CB  1 
ATOM   164  C CG  . LYS A 1 26  ? -1.305  10.633  -4.371  1.00 25.51 ? 23  LYS A CG  1 
ATOM   165  C CD  . LYS A 1 26  ? -2.329  9.544   -4.600  1.00 30.68 ? 23  LYS A CD  1 
ATOM   166  C CE  . LYS A 1 26  ? -2.681  9.447   -6.076  1.00 32.86 ? 23  LYS A CE  1 
ATOM   167  N NZ  . LYS A 1 26  ? -4.078  8.975   -6.201  1.00 38.54 ? 23  LYS A NZ  1 
ATOM   168  N N   . LYS A 1 27  ? -0.310  14.127  -3.722  1.00 19.24 ? 24  LYS A N   1 
ATOM   169  C CA  . LYS A 1 27  ? -0.707  15.526  -3.820  1.00 23.66 ? 24  LYS A CA  1 
ATOM   170  C C   . LYS A 1 27  ? -2.146  15.691  -4.313  1.00 23.75 ? 24  LYS A C   1 
ATOM   171  O O   . LYS A 1 27  ? -2.801  16.609  -3.914  1.00 27.04 ? 24  LYS A O   1 
ATOM   172  C CB  . LYS A 1 27  ? 0.228   16.315  -4.756  1.00 26.88 ? 24  LYS A CB  1 
ATOM   173  C CG  . LYS A 1 27  ? -0.153  17.801  -4.873  1.00 31.54 ? 24  LYS A CG  1 
ATOM   174  C CD  . LYS A 1 27  ? 1.049   18.754  -4.997  1.00 36.90 ? 24  LYS A CD  1 
ATOM   175  C CE  . LYS A 1 27  ? 0.576   20.173  -5.271  1.00 37.88 ? 24  LYS A CE  1 
ATOM   176  N NZ  . LYS A 1 27  ? 1.616   20.976  -5.966  1.00 41.60 ? 24  LYS A NZ  1 
ATOM   177  N N   . ARG A 1 28  ? -2.606  14.836  -5.210  1.00 24.66 ? 25  ARG A N   1 
ATOM   178  C CA  . ARG A 1 28  ? -3.964  14.967  -5.767  1.00 26.82 ? 25  ARG A CA  1 
ATOM   179  C C   . ARG A 1 28  ? -4.606  13.641  -6.010  1.00 26.49 ? 25  ARG A C   1 
ATOM   180  O O   . ARG A 1 28  ? -3.933  12.624  -6.129  1.00 26.88 ? 25  ARG A O   1 
ATOM   181  C CB  . ARG A 1 28  ? -3.953  15.599  -7.165  1.00 30.44 ? 25  ARG A CB  1 
ATOM   182  C CG  . ARG A 1 28  ? -3.079  16.777  -7.364  1.00 32.29 ? 25  ARG A CG  1 
ATOM   183  C CD  . ARG A 1 28  ? -3.217  17.233  -8.806  1.00 32.65 ? 25  ARG A CD  1 
ATOM   184  N NE  . ARG A 1 28  ? -2.488  18.486  -8.911  1.00 33.93 ? 25  ARG A NE  1 
ATOM   185  C CZ  . ARG A 1 28  ? -1.165  18.584  -8.995  1.00 35.10 ? 25  ARG A CZ  1 
ATOM   186  N NH1 . ARG A 1 28  ? -0.407  17.499  -9.050  1.00 34.78 ? 25  ARG A NH1 1 
ATOM   187  N NH2 . ARG A 1 28  ? -0.602  19.789  -9.059  1.00 36.81 ? 25  ARG A NH2 1 
ATOM   188  N N   . GLY A 1 29  ? -5.922  13.685  -6.186  1.00 23.65 ? 26  GLY A N   1 
ATOM   189  C CA  . GLY A 1 29  ? -6.668  12.518  -6.575  1.00 24.36 ? 26  GLY A CA  1 
ATOM   190  C C   . GLY A 1 29  ? -6.980  11.644  -5.380  1.00 23.54 ? 26  GLY A C   1 
ATOM   191  O O   . GLY A 1 29  ? -7.001  12.117  -4.237  1.00 23.65 ? 26  GLY A O   1 
ATOM   192  N N   . PHE A 1 30  ? -7.224  10.377  -5.668  1.00 23.16 ? 27  PHE A N   1 
ATOM   193  C CA  . PHE A 1 30  ? -7.649  9.420   -4.643  1.00 24.74 ? 27  PHE A CA  1 
ATOM   194  C C   . PHE A 1 30  ? -6.533  9.254   -3.594  1.00 23.33 ? 27  PHE A C   1 
ATOM   195  O O   . PHE A 1 30  ? -5.416  8.887   -3.941  1.00 24.28 ? 27  PHE A O   1 
ATOM   196  C CB  . PHE A 1 30  ? -7.964  8.067   -5.281  1.00 26.81 ? 27  PHE A CB  1 
ATOM   197  C CG  . PHE A 1 30  ? -8.588  7.094   -4.328  1.00 29.61 ? 27  PHE A CG  1 
ATOM   198  C CD1 . PHE A 1 30  ? -9.903  7.270   -3.920  1.00 30.67 ? 27  PHE A CD1 1 
ATOM   199  C CD2 . PHE A 1 30  ? -7.843  6.036   -3.805  1.00 30.80 ? 27  PHE A CD2 1 
ATOM   200  C CE1 . PHE A 1 30  ? -10.489 6.395   -3.031  1.00 30.43 ? 27  PHE A CE1 1 
ATOM   201  C CE2 . PHE A 1 30  ? -8.424  5.158   -2.921  1.00 32.70 ? 27  PHE A CE2 1 
ATOM   202  C CZ  . PHE A 1 30  ? -9.752  5.336   -2.544  1.00 29.91 ? 27  PHE A CZ  1 
ATOM   203  N N   . GLY A 1 31  ? -6.861  9.524   -2.332  1.00 21.31 ? 28  GLY A N   1 
ATOM   204  C CA  . GLY A 1 31  ? -5.907  9.432   -1.226  1.00 20.65 ? 28  GLY A CA  1 
ATOM   205  C C   . GLY A 1 31  ? -5.064  10.679  -0.996  1.00 19.50 ? 28  GLY A C   1 
ATOM   206  O O   . GLY A 1 31  ? -4.127  10.644  -0.232  1.00 18.32 ? 28  GLY A O   1 
ATOM   207  N N   . ALA A 1 32  ? -5.355  11.787  -1.691  1.00 19.25 ? 29  ALA A N   1 
ATOM   208  C CA  . ALA A 1 32  ? -4.542  12.999  -1.547  1.00 19.50 ? 29  ALA A CA  1 
ATOM   209  C C   . ALA A 1 32  ? -4.495  13.377  -0.075  1.00 18.72 ? 29  ALA A C   1 
ATOM   210  O O   . ALA A 1 32  ? -5.529  13.326  0.612   1.00 19.71 ? 29  ALA A O   1 
ATOM   211  C CB  . ALA A 1 32  ? -5.160  14.145  -2.337  1.00 21.20 ? 29  ALA A CB  1 
ATOM   212  N N   . GLY A 1 33  ? -3.351  13.807  0.405   1.00 16.37 ? 30  GLY A N   1 
ATOM   213  C CA  . GLY A 1 33  ? -3.226  14.300  1.725   1.00 16.39 ? 30  GLY A CA  1 
ATOM   214  C C   . GLY A 1 33  ? -2.905  13.230  2.757   1.00 14.76 ? 30  GLY A C   1 
ATOM   215  O O   . GLY A 1 33  ? -2.759  13.533  3.939   1.00 16.73 ? 30  GLY A O   1 
ATOM   216  N N   . ARG A 1 34  ? -2.866  11.961  2.348   1.00 12.98 ? 31  ARG A N   1 
ATOM   217  C CA  . ARG A 1 34  ? -2.441  10.909  3.273   1.00 12.70 ? 31  ARG A CA  1 
ATOM   218  C C   . ARG A 1 34  ? -1.109  10.328  2.872   1.00 11.62 ? 31  ARG A C   1 
ATOM   219  O O   . ARG A 1 34  ? -0.822  10.275  1.669   1.00 14.18 ? 31  ARG A O   1 
ATOM   220  C CB  . ARG A 1 34  ? -3.473  9.818   3.267   1.00 12.84 ? 31  ARG A CB  1 
ATOM   221  C CG  . ARG A 1 34  ? -4.695  10.224  4.069   1.00 15.67 ? 31  ARG A CG  1 
ATOM   222  C CD  . ARG A 1 34  ? -5.879  9.298   3.889   1.00 17.67 ? 31  ARG A CD  1 
ATOM   223  N NE  . ARG A 1 34  ? -6.789  9.482   5.040   1.00 19.23 ? 31  ARG A NE  1 
ATOM   224  C CZ  . ARG A 1 34  ? -8.046  9.023   5.092   1.00 21.47 ? 31  ARG A CZ  1 
ATOM   225  N NH1 . ARG A 1 34  ? -8.556  8.348   4.087   1.00 21.69 ? 31  ARG A NH1 1 
ATOM   226  N NH2 . ARG A 1 34  ? -8.788  9.230   6.182   1.00 24.31 ? 31  ARG A NH2 1 
ATOM   227  N N   . TRP A 1 35  ? -0.372  9.823   3.852   1.00 10.24 ? 32  TRP A N   1 
ATOM   228  C CA  . TRP A 1 35  ? 0.789   8.970   3.585   1.00 10.09 ? 32  TRP A CA  1 
ATOM   229  C C   . TRP A 1 35  ? 0.325   7.553   3.251   1.00 9.79  ? 32  TRP A C   1 
ATOM   230  O O   . TRP A 1 35  ? -0.597  7.067   3.889   1.00 10.25 ? 32  TRP A O   1 
ATOM   231  C CB  . TRP A 1 35  ? 1.693   8.889   4.812   1.00 10.40 ? 32  TRP A CB  1 
ATOM   232  C CG  . TRP A 1 35  ? 2.269   10.219  5.213   1.00 10.60 ? 32  TRP A CG  1 
ATOM   233  C CD1 . TRP A 1 35  ? 1.811   11.009  6.226   1.00 12.53 ? 32  TRP A CD1 1 
ATOM   234  C CD2 . TRP A 1 35  ? 3.360   10.894  4.621   1.00 10.44 ? 32  TRP A CD2 1 
ATOM   235  N NE1 . TRP A 1 35  ? 2.558   12.149  6.316   1.00 12.91 ? 32  TRP A NE1 1 
ATOM   236  C CE2 . TRP A 1 35  ? 3.506   12.124  5.316   1.00 11.81 ? 32  TRP A CE2 1 
ATOM   237  C CE3 . TRP A 1 35  ? 4.277   10.575  3.607   1.00 10.84 ? 32  TRP A CE3 1 
ATOM   238  C CZ2 . TRP A 1 35  ? 4.508   13.032  5.014   1.00 12.08 ? 32  TRP A CZ2 1 
ATOM   239  C CZ3 . TRP A 1 35  ? 5.247   11.528  3.289   1.00 11.22 ? 32  TRP A CZ3 1 
ATOM   240  C CH2 . TRP A 1 35  ? 5.323   12.725  3.980   1.00 11.43 ? 32  TRP A CH2 1 
ATOM   241  N N   . ASN A 1 36  ? 0.984   6.904   2.300   1.00 9.54  ? 33  ASN A N   1 
ATOM   242  C CA  . ASN A 1 36  ? 0.646   5.524   1.928   1.00 9.50  ? 33  ASN A CA  1 
ATOM   243  C C   . ASN A 1 36  ? 1.842   4.906   1.250   1.00 9.72  ? 33  ASN A C   1 
ATOM   244  O O   . ASN A 1 36  ? 2.807   5.611   0.945   1.00 9.51  ? 33  ASN A O   1 
ATOM   245  C CB  . ASN A 1 36  ? -0.548  5.530   0.994   1.00 10.19 ? 33  ASN A CB  1 
ATOM   246  C CG  . ASN A 1 36  ? -1.332  4.218   0.949   1.00 11.01 ? 33  ASN A CG  1 
ATOM   247  O OD1 . ASN A 1 36  ? -0.987  3.212   1.583   1.00 10.78 ? 33  ASN A OD1 1 
ATOM   248  N ND2 . ASN A 1 36  ? -2.449  4.260   0.205   1.00 12.76 ? 33  ASN A ND2 1 
ATOM   249  N N   . GLY A 1 37  ? 1.733   3.613   0.955   1.00 10.03 ? 34  GLY A N   1 
ATOM   250  C CA  . GLY A 1 37  ? 2.648   2.948   0.075   1.00 9.86  ? 34  GLY A CA  1 
ATOM   251  C C   . GLY A 1 37  ? 2.351   3.388   -1.351  1.00 9.58  ? 34  GLY A C   1 
ATOM   252  O O   . GLY A 1 37  ? 1.506   4.288   -1.643  1.00 10.01 ? 34  GLY A O   1 
ATOM   253  N N   . PHE A 1 38  ? 3.123   2.818   -2.249  1.00 9.46  ? 35  PHE A N   1 
ATOM   254  C CA  . PHE A 1 38  ? 3.072   3.151   -3.674  1.00 9.79  ? 35  PHE A CA  1 
ATOM   255  C C   . PHE A 1 38  ? 2.298   2.129   -4.469  1.00 11.34 ? 35  PHE A C   1 
ATOM   256  O O   . PHE A 1 38  ? 2.433   0.955   -4.263  1.00 11.50 ? 35  PHE A O   1 
ATOM   257  C CB  . PHE A 1 38  ? 4.503   3.286   -4.225  1.00 10.33 ? 35  PHE A CB  1 
ATOM   258  C CG  . PHE A 1 38  ? 5.302   4.285   -3.484  1.00 10.41 ? 35  PHE A CG  1 
ATOM   259  C CD1 . PHE A 1 38  ? 5.161   5.634   -3.718  1.00 11.10 ? 35  PHE A CD1 1 
ATOM   260  C CD2 . PHE A 1 38  ? 6.106   3.874   -2.435  1.00 11.09 ? 35  PHE A CD2 1 
ATOM   261  C CE1 . PHE A 1 38  ? 5.852   6.561   -2.961  1.00 10.44 ? 35  PHE A CE1 1 
ATOM   262  C CE2 . PHE A 1 38  ? 6.808   4.785   -1.671  1.00 12.05 ? 35  PHE A CE2 1 
ATOM   263  C CZ  . PHE A 1 38  ? 6.661   6.144   -1.926  1.00 11.35 ? 35  PHE A CZ  1 
ATOM   264  N N   . GLY A 1 39  ? 1.419   2.571   -5.350  1.00 11.23 ? 36  GLY A N   1 
ATOM   265  C CA  . GLY A 1 39  ? 0.669   1.589   -6.130  1.00 12.66 ? 36  GLY A CA  1 
ATOM   266  C C   . GLY A 1 39  ? -0.384  2.204   -6.976  1.00 13.45 ? 36  GLY A C   1 
ATOM   267  O O   . GLY A 1 39  ? -0.426  3.414   -7.151  1.00 15.65 ? 36  GLY A O   1 
ATOM   268  N N   . GLY A 1 40  ? -1.233  1.354   -7.507  1.00 13.01 ? 37  GLY A N   1 
ATOM   269  C CA  . GLY A 1 40  ? -2.265  1.823   -8.425  1.00 13.20 ? 37  GLY A CA  1 
ATOM   270  C C   . GLY A 1 40  ? -2.862  0.646   -9.175  1.00 13.08 ? 37  GLY A C   1 
ATOM   271  O O   . GLY A 1 40  ? -2.727  -0.488  -8.750  1.00 12.19 ? 37  GLY A O   1 
ATOM   272  N N   . LYS A 1 41  ? -3.571  0.971   -10.258 1.00 13.35 ? 38  LYS A N   1 
ATOM   273  C CA  . LYS A 1 41  ? -4.287  -0.038  -11.033 1.00 14.82 ? 38  LYS A CA  1 
ATOM   274  C C   . LYS A 1 41  ? -3.313  -0.911  -11.820 1.00 14.88 ? 38  LYS A C   1 
ATOM   275  O O   . LYS A 1 41  ? -2.236  -0.498  -12.153 1.00 17.51 ? 38  LYS A O   1 
ATOM   276  C CB  . LYS A 1 41  ? -5.232  0.670   -12.026 1.00 17.46 ? 38  LYS A CB  1 
ATOM   277  C CG  . LYS A 1 41  ? -6.331  1.397   -11.301 1.00 22.28 ? 38  LYS A CG  1 
ATOM   278  C CD  . LYS A 1 41  ? -7.122  2.282   -12.237 1.00 28.48 ? 38  LYS A CD  1 
ATOM   279  C CE  . LYS A 1 41  ? -8.480  2.604   -11.633 1.00 32.03 ? 38  LYS A CE  1 
ATOM   280  N NZ  . LYS A 1 41  ? -9.259  3.431   -12.596 1.00 38.36 ? 38  LYS A NZ  1 
ATOM   281  N N   . VAL A 1 42  ? -3.675  -2.169  -11.981 1.00 15.87 ? 39  VAL A N   1 
ATOM   282  C CA  . VAL A 1 42  ? -2.920  -3.108  -12.789 1.00 14.97 ? 39  VAL A CA  1 
ATOM   283  C C   . VAL A 1 42  ? -3.491  -2.990  -14.205 1.00 17.97 ? 39  VAL A C   1 
ATOM   284  O O   . VAL A 1 42  ? -4.725  -2.883  -14.369 1.00 19.01 ? 39  VAL A O   1 
ATOM   285  C CB  . VAL A 1 42  ? -3.141  -4.541  -12.263 1.00 15.70 ? 39  VAL A CB  1 
ATOM   286  C CG1 . VAL A 1 42  ? -2.298  -5.534  -13.047 1.00 15.88 ? 39  VAL A CG1 1 
ATOM   287  C CG2 . VAL A 1 42  ? -2.752  -4.677  -10.782 1.00 14.45 ? 39  VAL A CG2 1 
ATOM   288  N N   . GLN A 1 43  ? -2.604  -3.050  -15.170 1.00 17.10 ? 40  GLN A N   1 
ATOM   289  C CA  . GLN A 1 43  ? -2.954  -2.858  -16.583 1.00 18.41 ? 40  GLN A CA  1 
ATOM   290  C C   . GLN A 1 43  ? -3.297  -4.163  -17.276 1.00 17.46 ? 40  GLN A C   1 
ATOM   291  O O   . GLN A 1 43  ? -2.974  -5.260  -16.817 1.00 15.34 ? 40  GLN A O   1 
ATOM   292  C CB  . GLN A 1 43  ? -1.838  -2.192  -17.358 1.00 19.80 ? 40  GLN A CB  1 
ATOM   293  C CG  . GLN A 1 43  ? -1.576  -0.772  -16.892 1.00 24.17 ? 40  GLN A CG  1 
ATOM   294  C CD  . GLN A 1 43  ? -0.329  -0.136  -17.470 1.00 29.07 ? 40  GLN A CD  1 
ATOM   295  O OE1 . GLN A 1 43  ? 0.473   -0.743  -18.194 1.00 34.20 ? 40  GLN A OE1 1 
ATOM   296  N NE2 . GLN A 1 43  ? -0.147  1.133   -17.114 1.00 37.07 ? 40  GLN A NE2 1 
ATOM   297  N N   . GLU A 1 44  ? -3.958  -3.993  -18.414 1.00 16.91 ? 41  GLU A N   1 
ATOM   298  C CA  . GLU A 1 44  ? -4.221  -5.096  -19.330 1.00 17.51 ? 41  GLU A CA  1 
ATOM   299  C C   . GLU A 1 44  ? -2.928  -5.776  -19.758 1.00 16.26 ? 41  GLU A C   1 
ATOM   300  O O   . GLU A 1 44  ? -1.975  -5.108  -20.143 1.00 16.06 ? 41  GLU A O   1 
ATOM   301  C CB  . GLU A 1 44  ? -5.005  -4.591  -20.554 1.00 19.58 ? 41  GLU A CB  1 
ATOM   302  C CG  . GLU A 1 44  ? -6.430  -4.238  -20.179 1.00 22.21 ? 41  GLU A CG  1 
ATOM   303  C CD  . GLU A 1 44  ? -7.277  -3.662  -21.299 1.00 28.54 ? 41  GLU A CD  1 
ATOM   304  O OE1 . GLU A 1 44  ? -6.785  -3.513  -22.453 1.00 34.43 ? 41  GLU A OE1 1 
ATOM   305  O OE2 . GLU A 1 44  ? -8.472  -3.329  -21.012 1.00 30.24 ? 41  GLU A OE2 1 
ATOM   306  N N   . GLY A 1 45  ? -2.872  -7.105  -19.598 1.00 16.79 ? 42  GLY A N   1 
ATOM   307  C CA  . GLY A 1 45  ? -1.703  -7.854  -20.047 1.00 17.08 ? 42  GLY A CA  1 
ATOM   308  C C   . GLY A 1 45  ? -0.472  -7.808  -19.165 1.00 17.50 ? 42  GLY A C   1 
ATOM   309  O O   . GLY A 1 45  ? 0.572   -8.290  -19.541 1.00 20.04 ? 42  GLY A O   1 
ATOM   310  N N   . GLU A 1 46  ? -0.626  -7.213  -17.984 1.00 17.10 ? 43  GLU A N   1 
ATOM   311  C CA  . GLU A 1 46  ? 0.412   -7.116  -16.991 1.00 17.80 ? 43  GLU A CA  1 
ATOM   312  C C   . GLU A 1 46  ? 0.063   -8.020  -15.825 1.00 16.91 ? 43  GLU A C   1 
ATOM   313  O O   . GLU A 1 46  ? -1.068  -8.026  -15.411 1.00 16.77 ? 43  GLU A O   1 
ATOM   314  C CB  . GLU A 1 46  ? 0.407   -5.660  -16.535 1.00 20.23 ? 43  GLU A CB  1 
ATOM   315  C CG  . GLU A 1 46  ? 1.504   -5.244  -15.640 1.00 21.98 ? 43  GLU A CG  1 
ATOM   316  C CD  . GLU A 1 46  ? 1.377   -3.768  -15.264 1.00 19.46 ? 43  GLU A CD  1 
ATOM   317  O OE1 . GLU A 1 46  ? 2.391   -3.088  -15.439 1.00 22.67 ? 43  GLU A OE1 1 
ATOM   318  O OE2 . GLU A 1 46  ? 0.314   -3.332  -14.751 1.00 19.57 ? 43  GLU A OE2 1 
ATOM   319  N N   . THR A 1 47  ? 1.010   -8.801  -15.309 1.00 16.25 ? 44  THR A N   1 
ATOM   320  C CA  . THR A 1 47  ? 0.768   -9.478  -14.034 1.00 16.72 ? 44  THR A CA  1 
ATOM   321  C C   . THR A 1 47  ? 0.680   -8.470  -12.866 1.00 15.23 ? 44  THR A C   1 
ATOM   322  O O   . THR A 1 47  ? 1.195   -7.346  -12.916 1.00 15.02 ? 44  THR A O   1 
ATOM   323  C CB  . THR A 1 47  ? 1.848   -10.503 -13.649 1.00 18.03 ? 44  THR A CB  1 
ATOM   324  O OG1 . THR A 1 47  ? 3.091   -9.847  -13.471 1.00 19.49 ? 44  THR A OG1 1 
ATOM   325  C CG2 . THR A 1 47  ? 2.008   -11.539 -14.734 1.00 20.35 ? 44  THR A CG2 1 
ATOM   326  N N   . ILE A 1 48  ? 0.045   -8.928  -11.817 1.00 14.48 ? 45  ILE A N   1 
ATOM   327  C CA  . ILE A 1 48  ? -0.084  -8.098  -10.575 1.00 15.83 ? 45  ILE A CA  1 
ATOM   328  C C   . ILE A 1 48  ? 1.293   -7.662  -10.034 1.00 16.44 ? 45  ILE A C   1 
ATOM   329  O O   . ILE A 1 48  ? 1.544   -6.486  -9.814  1.00 15.12 ? 45  ILE A O   1 
ATOM   330  C CB  . ILE A 1 48  ? -0.907  -8.830  -9.526  1.00 15.70 ? 45  ILE A CB  1 
ATOM   331  C CG1 . ILE A 1 48  ? -2.353  -9.035  -9.985  1.00 17.65 ? 45  ILE A CG1 1 
ATOM   332  C CG2 . ILE A 1 48  ? -0.909  -8.066  -8.197  1.00 16.93 ? 45  ILE A CG2 1 
ATOM   333  C CD1 . ILE A 1 48  ? -3.115  -9.942  -9.088  1.00 17.06 ? 45  ILE A CD1 1 
ATOM   334  N N   . GLU A 1 49  ? 2.237   -8.595  -9.935  1.00 17.97 ? 46  GLU A N   1 
ATOM   335  C CA  . GLU A 1 49  ? 3.587   -8.236  -9.530  1.00 19.05 ? 46  GLU A CA  1 
ATOM   336  C C   . GLU A 1 49  ? 4.303   -7.262  -10.473 1.00 17.50 ? 46  GLU A C   1 
ATOM   337  O O   . GLU A 1 49  ? 4.987   -6.361  -10.050 1.00 16.09 ? 46  GLU A O   1 
ATOM   338  C CB  . GLU A 1 49  ? 4.419   -9.502  -9.360  1.00 22.65 ? 46  GLU A CB  1 
ATOM   339  C CG  . GLU A 1 49  ? 5.806   -9.221  -8.816  1.00 26.36 ? 46  GLU A CG  1 
ATOM   340  C CD  . GLU A 1 49  ? 6.601   -10.498 -8.656  1.00 30.76 ? 46  GLU A CD  1 
ATOM   341  O OE1 . GLU A 1 49  ? 5.985   -11.504 -8.251  1.00 34.49 ? 46  GLU A OE1 1 
ATOM   342  O OE2 . GLU A 1 49  ? 7.809   -10.485 -8.965  1.00 39.82 ? 46  GLU A OE2 1 
ATOM   343  N N   . ASP A 1 50  ? 4.154   -7.422  -11.795 1.00 17.44 ? 47  ASP A N   1 
ATOM   344  C CA  . ASP A 1 50  ? 4.785   -6.471  -12.685 1.00 18.30 ? 47  ASP A CA  1 
ATOM   345  C C   . ASP A 1 50  ? 4.129   -5.085  -12.560 1.00 15.14 ? 47  ASP A C   1 
ATOM   346  O O   . ASP A 1 50  ? 4.821   -4.081  -12.657 1.00 16.83 ? 47  ASP A O   1 
ATOM   347  C CB  . ASP A 1 50  ? 4.748   -6.952  -14.152 1.00 19.94 ? 47  ASP A CB  1 
ATOM   348  C CG  . ASP A 1 50  ? 5.741   -8.105  -14.426 1.00 23.94 ? 47  ASP A CG  1 
ATOM   349  O OD1 . ASP A 1 50  ? 6.578   -8.404  -13.573 1.00 30.58 ? 47  ASP A OD1 1 
ATOM   350  O OD2 . ASP A 1 50  ? 5.676   -8.727  -15.498 1.00 28.46 ? 47  ASP A OD2 1 
ATOM   351  N N   . GLY A 1 51  ? 2.822   -5.069  -12.272 1.00 14.71 ? 48  GLY A N   1 
ATOM   352  C CA  . GLY A 1 51  ? 2.081   -3.863  -11.995 1.00 14.76 ? 48  GLY A CA  1 
ATOM   353  C C   . GLY A 1 51  ? 2.610   -3.177  -10.748 1.00 14.33 ? 48  GLY A C   1 
ATOM   354  O O   . GLY A 1 51  ? 2.828   -1.982  -10.743 1.00 12.89 ? 48  GLY A O   1 
ATOM   355  N N   . ALA A 1 52  ? 2.882   -3.984  -9.739  1.00 14.43 ? 49  ALA A N   1 
ATOM   356  C CA  . ALA A 1 52  ? 3.418   -3.457  -8.478  1.00 14.07 ? 49  ALA A CA  1 
ATOM   357  C C   . ALA A 1 52  ? 4.812   -2.850  -8.656  1.00 13.94 ? 49  ALA A C   1 
ATOM   358  O O   . ALA A 1 52  ? 5.091   -1.749  -8.192  1.00 13.80 ? 49  ALA A O   1 
ATOM   359  C CB  . ALA A 1 52  ? 3.382   -4.550  -7.421  1.00 13.91 ? 49  ALA A CB  1 
ATOM   360  N N   . ARG A 1 53  ? 5.678   -3.523  -9.417  1.00 13.63 ? 50  ARG A N   1 
ATOM   361  C CA  . ARG A 1 53  ? 6.987   -2.991  -9.696  1.00 14.94 ? 50  ARG A CA  1 
ATOM   362  C C   . ARG A 1 53  ? 6.956   -1.684  -10.481 1.00 14.70 ? 50  ARG A C   1 
ATOM   363  O O   . ARG A 1 53  ? 7.667   -0.774  -10.188 1.00 14.16 ? 50  ARG A O   1 
ATOM   364  C CB  . ARG A 1 53  ? 7.802   -4.055  -10.460 1.00 18.18 ? 50  ARG A CB  1 
ATOM   365  C CG  . ARG A 1 53  ? 9.168   -3.583  -10.920 1.00 22.65 ? 50  ARG A CG  1 
ATOM   366  C CD  . ARG A 1 53  ? 9.922   -4.725  -11.636 1.00 26.92 ? 50  ARG A CD  1 
ATOM   367  N NE  . ARG A 1 53  ? 10.193  -5.831  -10.722 1.00 31.16 ? 50  ARG A NE  1 
ATOM   368  C CZ  . ARG A 1 53  ? 9.474   -6.943  -10.564 1.00 31.36 ? 50  ARG A CZ  1 
ATOM   369  N NH1 . ARG A 1 53  ? 8.368   -7.177  -11.262 1.00 37.37 ? 50  ARG A NH1 1 
ATOM   370  N NH2 . ARG A 1 53  ? 9.880   -7.827  -9.656  1.00 33.77 ? 50  ARG A NH2 1 
ATOM   371  N N   . ARG A 1 54  ? 6.108   -1.618  -11.499 1.00 13.80 ? 51  ARG A N   1 
ATOM   372  C CA  . ARG A 1 54  ? 5.936   -0.430  -12.295 1.00 15.53 ? 51  ARG A CA  1 
ATOM   373  C C   . ARG A 1 54  ? 5.464   0.783   -11.508 1.00 15.01 ? 51  ARG A C   1 
ATOM   374  O O   . ARG A 1 54  ? 5.996   1.864   -11.631 1.00 15.06 ? 51  ARG A O   1 
ATOM   375  C CB  . ARG A 1 54  ? 4.918   -0.707  -13.419 1.00 16.23 ? 51  ARG A CB  1 
ATOM   376  C CG  . ARG A 1 54  ? 4.615   0.493   -14.272 1.00 18.01 ? 51  ARG A CG  1 
ATOM   377  C CD  . ARG A 1 54  ? 3.571   0.180   -15.360 1.00 18.49 ? 51  ARG A CD  1 
ATOM   378  N NE  . ARG A 1 54  ? 2.391   -0.471  -14.828 1.00 18.38 ? 51  ARG A NE  1 
ATOM   379  C CZ  . ARG A 1 54  ? 1.398   0.142   -14.186 1.00 19.79 ? 51  ARG A CZ  1 
ATOM   380  N NH1 . ARG A 1 54  ? 1.405   1.473   -14.018 1.00 20.98 ? 51  ARG A NH1 1 
ATOM   381  N NH2 . ARG A 1 54  ? 0.388   -0.575  -13.699 1.00 20.04 ? 51  ARG A NH2 1 
ATOM   382  N N   . GLU A 1 55  ? 4.465   0.567   -10.676 1.00 15.86 ? 52  GLU A N   1 
ATOM   383  C CA  . GLU A 1 55  ? 3.921   1.666   -9.872  1.00 16.68 ? 52  GLU A CA  1 
ATOM   384  C C   . GLU A 1 55  ? 4.917   2.165   -8.839  1.00 14.71 ? 52  GLU A C   1 
ATOM   385  O O   . GLU A 1 55  ? 5.049   3.352   -8.657  1.00 14.25 ? 52  GLU A O   1 
ATOM   386  C CB  . GLU A 1 55  ? 2.629   1.230   -9.223  1.00 20.33 ? 52  GLU A CB  1 
ATOM   387  C CG  . GLU A 1 55  ? 1.505   1.065   -10.233 1.00 23.89 ? 52  GLU A CG  1 
ATOM   388  C CD  . GLU A 1 55  ? 0.781   2.353   -10.547 1.00 30.04 ? 52  GLU A CD  1 
ATOM   389  O OE1 . GLU A 1 55  ? 1.234   3.440   -10.144 1.00 33.15 ? 52  GLU A OE1 1 
ATOM   390  O OE2 . GLU A 1 55  ? -0.262  2.265   -11.228 1.00 36.46 ? 52  GLU A OE2 1 
ATOM   391  N N   . LEU A 1 56  ? 5.659   1.252   -8.186  1.00 14.53 ? 53  LEU A N   1 
ATOM   392  C CA  . LEU A 1 56  ? 6.739   1.687   -7.302  1.00 15.70 ? 53  LEU A CA  1 
ATOM   393  C C   . LEU A 1 56  ? 7.723   2.562   -8.041  1.00 16.36 ? 53  LEU A C   1 
ATOM   394  O O   . LEU A 1 56  ? 8.057   3.620   -7.595  1.00 15.40 ? 53  LEU A O   1 
ATOM   395  C CB  . LEU A 1 56  ? 7.454   0.498   -6.654  1.00 16.71 ? 53  LEU A CB  1 
ATOM   396  C CG  . LEU A 1 56  ? 8.594   0.947   -5.723  1.00 18.00 ? 53  LEU A CG  1 
ATOM   397  C CD1 . LEU A 1 56  ? 8.007   1.660   -4.506  1.00 18.09 ? 53  LEU A CD1 1 
ATOM   398  C CD2 . LEU A 1 56  ? 9.422   -0.215  -5.316  1.00 19.74 ? 53  LEU A CD2 1 
ATOM   399  N N   . GLN A 1 57  ? 8.135   2.108   -9.231  1.00 17.94 ? 54  GLN A N   1 
ATOM   400  C CA  . GLN A 1 57  ? 9.118   2.779   -10.022 1.00 20.83 ? 54  GLN A CA  1 
ATOM   401  C C   . GLN A 1 57  ? 8.601   4.142   -10.501 1.00 20.20 ? 54  GLN A C   1 
ATOM   402  O O   . GLN A 1 57  ? 9.225   5.168   -10.258 1.00 21.41 ? 54  GLN A O   1 
ATOM   403  C CB  . GLN A 1 57  ? 9.645   1.777   -11.089 1.00 22.39 ? 54  GLN A CB  1 
ATOM   404  C CG  . GLN A 1 57  ? 10.340  0.505   -10.443 1.00 24.25 ? 54  GLN A CG  1 
ATOM   405  C CD  . GLN A 1 57  ? 11.070  -0.457  -11.410 1.00 25.86 ? 54  GLN A CD  1 
ATOM   406  O OE1 . GLN A 1 57  ? 11.925  -1.281  -10.977 1.00 28.97 ? 54  GLN A OE1 1 
ATOM   407  N NE2 . GLN A 1 57  ? 10.758  -0.375  -12.662 1.00 26.16 ? 54  GLN A NE2 1 
ATOM   408  N N   . GLU A 1 58  ? 7.379   4.185   -11.038 1.00 18.81 ? 55  GLU A N   1 
ATOM   409  C CA  . GLU A 1 58  ? 6.741   5.429   -11.509 1.00 20.57 ? 55  GLU A CA  1 
ATOM   410  C C   . GLU A 1 58  ? 6.489   6.462   -10.435 1.00 20.32 ? 55  GLU A C   1 
ATOM   411  O O   . GLU A 1 58  ? 6.713   7.633   -10.643 1.00 20.77 ? 55  GLU A O   1 
ATOM   412  C CB  . GLU A 1 58  ? 5.398   5.141   -12.210 1.00 24.34 ? 55  GLU A CB  1 
ATOM   413  C CG  . GLU A 1 58  ? 5.542   4.375   -13.523 1.00 29.05 ? 55  GLU A CG  1 
ATOM   414  C CD  . GLU A 1 58  ? 4.206   4.049   -14.211 1.00 33.20 ? 55  GLU A CD  1 
ATOM   415  O OE1 . GLU A 1 58  ? 3.130   4.422   -13.692 1.00 37.74 ? 55  GLU A OE1 1 
ATOM   416  O OE2 . GLU A 1 58  ? 4.229   3.420   -15.282 1.00 38.44 ? 55  GLU A OE2 1 
ATOM   417  N N   . GLU A 1 59  ? 6.053   6.019   -9.252  1.00 17.87 ? 56  GLU A N   1 
ATOM   418  C CA  . GLU A 1 59  ? 5.630   6.934   -8.206  1.00 17.00 ? 56  GLU A CA  1 
ATOM   419  C C   . GLU A 1 59  ? 6.776   7.347   -7.250  1.00 16.68 ? 56  GLU A C   1 
ATOM   420  O O   . GLU A 1 59  ? 6.738   8.436   -6.654  1.00 18.06 ? 56  GLU A O   1 
ATOM   421  C CB  . GLU A 1 59  ? 4.526   6.305   -7.371  1.00 17.31 ? 56  GLU A CB  1 
ATOM   422  C CG  . GLU A 1 59  ? 3.266   6.132   -8.191  1.00 18.72 ? 56  GLU A CG  1 
ATOM   423  C CD  . GLU A 1 59  ? 2.170   5.481   -7.432  1.00 21.49 ? 56  GLU A CD  1 
ATOM   424  O OE1 . GLU A 1 59  ? 2.282   5.254   -6.189  1.00 18.23 ? 56  GLU A OE1 1 
ATOM   425  O OE2 . GLU A 1 59  ? 1.145   5.246   -8.116  1.00 27.35 ? 56  GLU A OE2 1 
ATOM   426  N N   . SER A 1 60  ? 7.743   6.456   -7.027  1.00 15.87 ? 57  SER A N   1 
ATOM   427  C CA  . SER A 1 60  ? 8.792   6.754   -6.062  1.00 15.78 ? 57  SER A CA  1 
ATOM   428  C C   . SER A 1 60  ? 10.116  7.062   -6.678  1.00 16.18 ? 57  SER A C   1 
ATOM   429  O O   . SER A 1 60  ? 10.947  7.609   -5.992  1.00 17.81 ? 57  SER A O   1 
ATOM   430  C CB  . SER A 1 60  ? 8.979   5.600   -5.082  1.00 16.18 ? 57  SER A CB  1 
ATOM   431  O OG  . SER A 1 60  ? 9.744   4.553   -5.620  1.00 14.73 ? 57  SER A OG  1 
ATOM   432  N N   . GLY A 1 61  ? 10.334  6.619   -7.911  1.00 16.16 ? 58  GLY A N   1 
ATOM   433  C CA  . GLY A 1 61  ? 11.625  6.759   -8.596  1.00 17.12 ? 58  GLY A CA  1 
ATOM   434  C C   . GLY A 1 61  ? 12.601  5.642   -8.296  1.00 18.85 ? 58  GLY A C   1 
ATOM   435  O O   . GLY A 1 61  ? 13.713  5.615   -8.886  1.00 18.14 ? 58  GLY A O   1 
ATOM   436  N N   . LEU A 1 62  ? 12.263  4.742   -7.366  1.00 17.29 ? 59  LEU A N   1 
ATOM   437  C CA  . LEU A 1 62  ? 13.175  3.646   -7.041  1.00 16.69 ? 59  LEU A CA  1 
ATOM   438  C C   . LEU A 1 62  ? 13.128  2.539   -8.057  1.00 18.46 ? 59  LEU A C   1 
ATOM   439  O O   . LEU A 1 62  ? 12.109  2.338   -8.692  1.00 23.21 ? 59  LEU A O   1 
ATOM   440  C CB  . LEU A 1 62  ? 12.847  3.037   -5.679  1.00 16.79 ? 59  LEU A CB  1 
ATOM   441  C CG  . LEU A 1 62  ? 12.970  3.977   -4.513  1.00 15.62 ? 59  LEU A CG  1 
ATOM   442  C CD1 . LEU A 1 62  ? 12.422  3.390   -3.202  1.00 16.39 ? 59  LEU A CD1 1 
ATOM   443  C CD2 . LEU A 1 62  ? 14.408  4.479   -4.340  1.00 16.19 ? 59  LEU A CD2 1 
ATOM   444  N N   . THR A 1 63  ? 14.209  1.772   -8.157  1.00 18.56 ? 60  THR A N   1 
ATOM   445  C CA  . THR A 1 63  ? 14.231  0.506   -8.910  1.00 19.90 ? 60  THR A CA  1 
ATOM   446  C C   . THR A 1 63  ? 14.185  -0.659  -7.956  1.00 19.95 ? 60  THR A C   1 
ATOM   447  O O   . THR A 1 63  ? 15.002  -0.729  -7.040  1.00 18.70 ? 60  THR A O   1 
ATOM   448  C CB  . THR A 1 63  ? 15.497  0.422   -9.767  1.00 20.32 ? 60  THR A CB  1 
ATOM   449  O OG1 . THR A 1 63  ? 15.411  1.436   -10.762 1.00 23.07 ? 60  THR A OG1 1 
ATOM   450  C CG2 . THR A 1 63  ? 15.651  -0.960  -10.429 1.00 22.68 ? 60  THR A CG2 1 
ATOM   451  N N   . VAL A 1 64  ? 13.222  -1.570  -8.147  1.00 20.99 ? 61  VAL A N   1 
ATOM   452  C CA  . VAL A 1 64  ? 13.072  -2.697  -7.237  1.00 24.81 ? 61  VAL A CA  1 
ATOM   453  C C   . VAL A 1 64  ? 13.485  -3.954  -7.955  1.00 26.16 ? 61  VAL A C   1 
ATOM   454  O O   . VAL A 1 64  ? 13.131  -4.157  -9.102  1.00 28.95 ? 61  VAL A O   1 
ATOM   455  C CB  . VAL A 1 64  ? 11.662  -2.852  -6.597  1.00 25.76 ? 61  VAL A CB  1 
ATOM   456  C CG1 . VAL A 1 64  ? 10.562  -3.031  -7.636  1.00 27.10 ? 61  VAL A CG1 1 
ATOM   457  C CG2 . VAL A 1 64  ? 11.616  -4.036  -5.645  1.00 26.86 ? 61  VAL A CG2 1 
ATOM   458  N N   . ASP A 1 65  ? 14.198  -4.787  -7.225  1.00 30.87 ? 62  ASP A N   1 
ATOM   459  C CA  . ASP A 1 65  ? 14.571  -6.102  -7.683  1.00 37.77 ? 62  ASP A CA  1 
ATOM   460  C C   . ASP A 1 65  ? 13.465  -7.064  -7.134  1.00 34.96 ? 62  ASP A C   1 
ATOM   461  O O   . ASP A 1 65  ? 12.367  -7.156  -7.728  1.00 39.51 ? 62  ASP A O   1 
ATOM   462  C CB  . ASP A 1 65  ? 16.025  -6.381  -7.230  1.00 41.15 ? 62  ASP A CB  1 
ATOM   463  C CG  . ASP A 1 65  ? 16.952  -5.142  -7.411  1.00 49.33 ? 62  ASP A CG  1 
ATOM   464  O OD1 . ASP A 1 65  ? 16.961  -4.519  -8.518  1.00 55.04 ? 62  ASP A OD1 1 
ATOM   465  O OD2 . ASP A 1 65  ? 17.645  -4.771  -6.429  1.00 51.46 ? 62  ASP A OD2 1 
ATOM   466  N N   . ALA A 1 66  ? 13.682  -7.717  -5.998  1.00 31.72 ? 63  ALA A N   1 
ATOM   467  C CA  . ALA A 1 66  ? 12.718  -8.709  -5.498  1.00 28.53 ? 63  ALA A CA  1 
ATOM   468  C C   . ALA A 1 66  ? 11.555  -8.002  -4.780  1.00 22.82 ? 63  ALA A C   1 
ATOM   469  O O   . ALA A 1 66  ? 11.803  -7.053  -4.015  1.00 23.86 ? 63  ALA A O   1 
ATOM   470  C CB  . ALA A 1 66  ? 13.397  -9.695  -4.551  1.00 28.33 ? 63  ALA A CB  1 
ATOM   471  N N   . LEU A 1 67  ? 10.333  -8.435  -5.089  1.00 21.14 ? 64  LEU A N   1 
ATOM   472  C CA  . LEU A 1 67  ? 9.101   -8.074  -4.339  1.00 19.20 ? 64  LEU A CA  1 
ATOM   473  C C   . LEU A 1 67  ? 8.556   -9.313  -3.663  1.00 19.71 ? 64  LEU A C   1 
ATOM   474  O O   . LEU A 1 67  ? 8.597   -10.381 -4.245  1.00 22.91 ? 64  LEU A O   1 
ATOM   475  C CB  . LEU A 1 67  ? 7.975   -7.560  -5.275  1.00 21.19 ? 64  LEU A CB  1 
ATOM   476  C CG  . LEU A 1 67  ? 8.054   -6.170  -5.822  1.00 22.87 ? 64  LEU A CG  1 
ATOM   477  C CD1 . LEU A 1 67  ? 6.978   -5.934  -6.877  1.00 25.38 ? 64  LEU A CD1 1 
ATOM   478  C CD2 . LEU A 1 67  ? 7.953   -5.186  -4.685  1.00 23.01 ? 64  LEU A CD2 1 
ATOM   479  N N   . HIS A 1 68  ? 8.008   -9.174  -2.469  1.00 16.42 ? 65  HIS A N   1 
ATOM   480  C CA  . HIS A 1 68  ? 7.440   -10.286 -1.717  1.00 19.14 ? 65  HIS A CA  1 
ATOM   481  C C   . HIS A 1 68  ? 5.979   -9.991  -1.497  1.00 17.35 ? 65  HIS A C   1 
ATOM   482  O O   . HIS A 1 68  ? 5.647   -8.921  -1.063  1.00 14.84 ? 65  HIS A O   1 
ATOM   483  C CB  . HIS A 1 68  ? 8.178   -10.471 -0.389  1.00 20.66 ? 65  HIS A CB  1 
ATOM   484  C CG  . HIS A 1 68  ? 9.609   -10.843 -0.590  1.00 28.11 ? 65  HIS A CG  1 
ATOM   485  N ND1 . HIS A 1 68  ? 10.638  -9.922  -0.537  1.00 32.59 ? 65  HIS A ND1 1 
ATOM   486  C CD2 . HIS A 1 68  ? 10.175  -12.027 -0.918  1.00 31.89 ? 65  HIS A CD2 1 
ATOM   487  C CE1 . HIS A 1 68  ? 11.781  -10.528 -0.812  1.00 35.28 ? 65  HIS A CE1 1 
ATOM   488  N NE2 . HIS A 1 68  ? 11.528  -11.810 -1.036  1.00 35.56 ? 65  HIS A NE2 1 
ATOM   489  N N   . LYS A 1 69  ? 5.110   -10.935 -1.832  1.00 18.42 ? 66  LYS A N   1 
ATOM   490  C CA  . LYS A 1 69  ? 3.698   -10.820 -1.505  1.00 19.28 ? 66  LYS A CA  1 
ATOM   491  C C   . LYS A 1 69  ? 3.501   -10.850 -0.039  1.00 17.93 ? 66  LYS A C   1 
ATOM   492  O O   . LYS A 1 69  ? 4.000   -11.754 0.655   1.00 17.96 ? 66  LYS A O   1 
ATOM   493  C CB  . LYS A 1 69  ? 2.939   -12.049 -2.014  1.00 23.41 ? 66  LYS A CB  1 
ATOM   494  C CG  . LYS A 1 69  ? 2.784   -12.117 -3.483  1.00 27.81 ? 66  LYS A CG  1 
ATOM   495  C CD  . LYS A 1 69  ? 2.014   -13.391 -3.846  1.00 30.87 ? 66  LYS A CD  1 
ATOM   496  C CE  . LYS A 1 69  ? 2.883   -14.639 -3.832  1.00 33.52 ? 66  LYS A CE  1 
ATOM   497  N NZ  . LYS A 1 69  ? 2.176   -15.722 -4.574  1.00 38.55 ? 66  LYS A NZ  1 
ATOM   498  N N   . VAL A 1 70  ? 2.760   -9.893  0.502   1.00 14.19 ? 67  VAL A N   1 
ATOM   499  C CA  . VAL A 1 70  ? 2.518   -9.939  1.910   1.00 14.80 ? 67  VAL A CA  1 
ATOM   500  C C   . VAL A 1 70  ? 1.071   -9.924  2.318   1.00 12.76 ? 67  VAL A C   1 
ATOM   501  O O   . VAL A 1 70  ? 0.735   -10.402 3.386   1.00 12.94 ? 67  VAL A O   1 
ATOM   502  C CB  . VAL A 1 70  ? 3.336   -8.898  2.666   1.00 17.43 ? 67  VAL A CB  1 
ATOM   503  C CG1 . VAL A 1 70  ? 4.818   -9.165  2.461   1.00 19.98 ? 67  VAL A CG1 1 
ATOM   504  C CG2 . VAL A 1 70  ? 2.936   -7.511  2.265   1.00 17.43 ? 67  VAL A CG2 1 
ATOM   505  N N   . GLY A 1 71  ? 0.179   -9.460  1.456   1.00 11.66 ? 68  GLY A N   1 
ATOM   506  C CA  . GLY A 1 71  ? -1.213  -9.460  1.827   1.00 11.66 ? 68  GLY A CA  1 
ATOM   507  C C   . GLY A 1 71  ? -2.178  -9.187  0.683   1.00 11.14 ? 68  GLY A C   1 
ATOM   508  O O   . GLY A 1 71  ? -1.770  -8.802  -0.392  1.00 10.73 ? 68  GLY A O   1 
ATOM   509  N N   . GLN A 1 72  ? -3.458  -9.382  0.953   1.00 10.63 ? 69  GLN A N   1 
ATOM   510  C CA  . GLN A 1 72  ? -4.516  -9.026  0.030   1.00 11.78 ? 69  GLN A CA  1 
ATOM   511  C C   . GLN A 1 72  ? -5.602  -8.396  0.884   1.00 11.36 ? 69  GLN A C   1 
ATOM   512  O O   . GLN A 1 72  ? -6.016  -9.008  1.885   1.00 12.29 ? 69  GLN A O   1 
ATOM   513  C CB  . GLN A 1 72  ? -5.026  -10.255 -0.721  1.00 13.87 ? 69  GLN A CB  1 
ATOM   514  C CG  . GLN A 1 72  ? -6.035  -9.903  -1.780  1.00 16.56 ? 69  GLN A CG  1 
ATOM   515  C CD  . GLN A 1 72  ? -6.479  -11.114 -2.616  1.00 20.14 ? 69  GLN A CD  1 
ATOM   516  O OE1 . GLN A 1 72  ? -6.071  -12.231 -2.362  1.00 25.43 ? 69  GLN A OE1 1 
ATOM   517  N NE2 . GLN A 1 72  ? -7.310  -10.876 -3.586  1.00 21.01 ? 69  GLN A NE2 1 
ATOM   518  N N   . ILE A 1 73  ? -6.057  -7.206  0.484   1.00 10.13 ? 70  ILE A N   1 
ATOM   519  C CA  . ILE A 1 73  ? -7.100  -6.479  1.220   1.00 10.87 ? 70  ILE A CA  1 
ATOM   520  C C   . ILE A 1 73  ? -8.148  -6.066  0.210   1.00 10.77 ? 70  ILE A C   1 
ATOM   521  O O   . ILE A 1 73  ? -7.833  -5.437  -0.771  1.00 10.82 ? 70  ILE A O   1 
ATOM   522  C CB  . ILE A 1 73  ? -6.569  -5.205  1.956   1.00 12.37 ? 70  ILE A CB  1 
ATOM   523  C CG1 . ILE A 1 73  ? -5.376  -5.532  2.826   1.00 14.14 ? 70  ILE A CG1 1 
ATOM   524  C CG2 . ILE A 1 73  ? -7.694  -4.639  2.828   1.00 12.02 ? 70  ILE A CG2 1 
ATOM   525  C CD1 . ILE A 1 73  ? -4.668  -4.295  3.348   1.00 15.81 ? 70  ILE A CD1 1 
ATOM   526  N N   . VAL A 1 74  ? -9.389  -6.425  0.497   1.00 10.17 ? 71  VAL A N   1 
ATOM   527  C CA  . VAL A 1 74  ? -10.515 -5.948  -0.298  1.00 10.98 ? 71  VAL A CA  1 
ATOM   528  C C   . VAL A 1 74  ? -11.167 -4.786  0.401   1.00 10.44 ? 71  VAL A C   1 
ATOM   529  O O   . VAL A 1 74  ? -11.531 -4.887  1.570   1.00 11.53 ? 71  VAL A O   1 
ATOM   530  C CB  . VAL A 1 74  ? -11.538 -7.108  -0.560  1.00 12.40 ? 71  VAL A CB  1 
ATOM   531  C CG1 . VAL A 1 74  ? -12.789 -6.578  -1.234  1.00 13.16 ? 71  VAL A CG1 1 
ATOM   532  C CG2 . VAL A 1 74  ? -10.845 -8.265  -1.333  1.00 13.09 ? 71  VAL A CG2 1 
ATOM   533  N N   . PHE A 1 75  ? -11.377 -3.684  -0.325  1.00 9.43  ? 72  PHE A N   1 
ATOM   534  C CA  . PHE A 1 75  ? -12.033 -2.522  0.219   1.00 9.56  ? 72  PHE A CA  1 
ATOM   535  C C   . PHE A 1 75  ? -13.368 -2.312  -0.467  1.00 9.61  ? 72  PHE A C   1 
ATOM   536  O O   . PHE A 1 75  ? -13.481 -2.401  -1.690  1.00 9.39  ? 72  PHE A O   1 
ATOM   537  C CB  . PHE A 1 75  ? -11.220 -1.271  0.017   1.00 9.54  ? 72  PHE A CB  1 
ATOM   538  C CG  . PHE A 1 75  ? -9.926  -1.283  0.745   1.00 10.12 ? 72  PHE A CG  1 
ATOM   539  C CD1 . PHE A 1 75  ? -9.885  -0.943  2.076   1.00 10.71 ? 72  PHE A CD1 1 
ATOM   540  C CD2 . PHE A 1 75  ? -8.752  -1.618  0.094   1.00 10.41 ? 72  PHE A CD2 1 
ATOM   541  C CE1 . PHE A 1 75  ? -8.697  -0.941  2.799   1.00 10.63 ? 72  PHE A CE1 1 
ATOM   542  C CE2 . PHE A 1 75  ? -7.551  -1.659  0.813   1.00 10.37 ? 72  PHE A CE2 1 
ATOM   543  C CZ  . PHE A 1 75  ? -7.516  -1.291  2.144   1.00 10.14 ? 72  PHE A CZ  1 
ATOM   544  N N   . GLU A 1 76  ? -14.359 -1.997  0.347   1.00 9.54  ? 73  GLU A N   1 
ATOM   545  C CA  . GLU A 1 76  ? -15.715 -1.676  -0.083  1.00 11.15 ? 73  GLU A CA  1 
ATOM   546  C C   . GLU A 1 76  ? -16.043 -0.319  0.393   1.00 11.06 ? 73  GLU A C   1 
ATOM   547  O O   . GLU A 1 76  ? -15.811 -0.025  1.547   1.00 12.12 ? 73  GLU A O   1 
ATOM   548  C CB  . GLU A 1 76  ? -16.680 -2.669  0.546   1.00 11.85 ? 73  GLU A CB  1 
ATOM   549  C CG  . GLU A 1 76  ? -18.125 -2.306  0.277   1.00 13.46 ? 73  GLU A CG  1 
ATOM   550  C CD  . GLU A 1 76  ? -19.167 -3.208  0.883   1.00 15.61 ? 73  GLU A CD  1 
ATOM   551  O OE1 . GLU A 1 76  ? -18.877 -4.349  1.292   1.00 18.93 ? 73  GLU A OE1 1 
ATOM   552  O OE2 . GLU A 1 76  ? -20.300 -2.700  0.935   1.00 16.20 ? 73  GLU A OE2 1 
ATOM   553  N N   . PHE A 1 77  ? -16.580 0.535   -0.475  1.00 11.81 ? 74  PHE A N   1 
ATOM   554  C CA  . PHE A 1 77  ? -17.159 1.803   -0.056  1.00 13.62 ? 74  PHE A CA  1 
ATOM   555  C C   . PHE A 1 77  ? -18.668 1.625   -0.196  1.00 14.53 ? 74  PHE A C   1 
ATOM   556  O O   . PHE A 1 77  ? -19.145 1.308   -1.300  1.00 14.03 ? 74  PHE A O   1 
ATOM   557  C CB  . PHE A 1 77  ? -16.722 2.945   -0.956  1.00 15.35 ? 74  PHE A CB  1 
ATOM   558  C CG  . PHE A 1 77  ? -15.314 3.368   -0.742  1.00 18.09 ? 74  PHE A CG  1 
ATOM   559  C CD1 . PHE A 1 77  ? -15.010 4.186   0.330   1.00 20.63 ? 74  PHE A CD1 1 
ATOM   560  C CD2 . PHE A 1 77  ? -14.307 2.948   -1.581  1.00 21.50 ? 74  PHE A CD2 1 
ATOM   561  C CE1 . PHE A 1 77  ? -13.721 4.608   0.540   1.00 20.47 ? 74  PHE A CE1 1 
ATOM   562  C CE2 . PHE A 1 77  ? -13.012 3.386   -1.386  1.00 21.45 ? 74  PHE A CE2 1 
ATOM   563  C CZ  . PHE A 1 77  ? -12.725 4.193   -0.304  1.00 22.72 ? 74  PHE A CZ  1 
ATOM   564  N N   . VAL A 1 78  ? -19.409 1.805   0.886   1.00 16.50 ? 75  VAL A N   1 
ATOM   565  C CA  . VAL A 1 78  ? -20.856 1.558   0.838   1.00 17.19 ? 75  VAL A CA  1 
ATOM   566  C C   . VAL A 1 78  ? -21.508 2.421   -0.231  1.00 17.64 ? 75  VAL A C   1 
ATOM   567  O O   . VAL A 1 78  ? -21.160 3.589   -0.411  1.00 15.76 ? 75  VAL A O   1 
ATOM   568  C CB  . VAL A 1 78  ? -21.561 1.737   2.198   1.00 20.81 ? 75  VAL A CB  1 
ATOM   569  C CG1 . VAL A 1 78  ? -21.055 0.720   3.200   1.00 21.55 ? 75  VAL A CG1 1 
ATOM   570  C CG2 . VAL A 1 78  ? -21.423 3.139   2.736   1.00 22.51 ? 75  VAL A CG2 1 
ATOM   571  N N   . GLY A 1 79  ? -22.406 1.779   -0.971  1.00 20.62 ? 76  GLY A N   1 
ATOM   572  C CA  . GLY A 1 79  ? -23.001 2.425   -2.133  1.00 22.69 ? 76  GLY A CA  1 
ATOM   573  C C   . GLY A 1 79  ? -22.250 2.355   -3.449  1.00 23.17 ? 76  GLY A C   1 
ATOM   574  O O   . GLY A 1 79  ? -22.867 2.560   -4.506  1.00 28.64 ? 76  GLY A O   1 
ATOM   575  N N   . GLU A 1 80  ? -20.940 2.090   -3.438  1.00 17.63 ? 77  GLU A N   1 
ATOM   576  C CA  . GLU A 1 80  ? -20.152 2.089   -4.644  1.00 18.15 ? 77  GLU A CA  1 
ATOM   577  C C   . GLU A 1 80  ? -20.042 0.689   -5.106  1.00 15.93 ? 77  GLU A C   1 
ATOM   578  O O   . GLU A 1 80  ? -19.683 -0.195  -4.334  1.00 13.61 ? 77  GLU A O   1 
ATOM   579  C CB  . GLU A 1 80  ? -18.757 2.621   -4.403  1.00 20.69 ? 77  GLU A CB  1 
ATOM   580  C CG  . GLU A 1 80  ? -18.730 4.120   -4.165  1.00 27.15 ? 77  GLU A CG  1 
ATOM   581  C CD  . GLU A 1 80  ? -19.230 4.843   -5.397  1.00 34.32 ? 77  GLU A CD  1 
ATOM   582  O OE1 . GLU A 1 80  ? -19.982 5.825   -5.229  1.00 43.21 ? 77  GLU A OE1 1 
ATOM   583  O OE2 . GLU A 1 80  ? -18.892 4.382   -6.532  1.00 38.77 ? 77  GLU A OE2 1 
ATOM   584  N N   . PRO A 1 81  ? -20.357 0.433   -6.377  1.00 14.53 ? 78  PRO A N   1 
ATOM   585  C CA  . PRO A 1 81  ? -20.398 -0.981  -6.821  1.00 13.97 ? 78  PRO A CA  1 
ATOM   586  C C   . PRO A 1 81  ? -19.057 -1.704  -6.862  1.00 13.83 ? 78  PRO A C   1 
ATOM   587  O O   . PRO A 1 81  ? -18.982 -2.878  -6.510  1.00 13.47 ? 78  PRO A O   1 
ATOM   588  C CB  . PRO A 1 81  ? -21.034 -0.896  -8.210  1.00 15.05 ? 78  PRO A CB  1 
ATOM   589  C CG  . PRO A 1 81  ? -20.697 0.473   -8.680  1.00 16.85 ? 78  PRO A CG  1 
ATOM   590  C CD  . PRO A 1 81  ? -20.744 1.359   -7.454  1.00 15.57 ? 78  PRO A CD  1 
ATOM   591  N N   . GLU A 1 82  ? -17.987 -1.014  -7.257  1.00 12.85 ? 79  GLU A N   1 
ATOM   592  C CA  . GLU A 1 82  ? -16.750 -1.692  -7.490  1.00 14.37 ? 79  GLU A CA  1 
ATOM   593  C C   . GLU A 1 82  ? -15.957 -1.811  -6.188  1.00 13.69 ? 79  GLU A C   1 
ATOM   594  O O   . GLU A 1 82  ? -15.724 -0.800  -5.531  1.00 13.08 ? 79  GLU A O   1 
ATOM   595  C CB  . GLU A 1 82  ? -15.941 -0.931  -8.510  1.00 18.26 ? 79  GLU A CB  1 
ATOM   596  C CG  . GLU A 1 82  ? -14.795 -1.675  -9.119  1.00 20.27 ? 79  GLU A CG  1 
ATOM   597  C CD  . GLU A 1 82  ? -14.328 -0.957  -10.371 1.00 25.02 ? 79  GLU A CD  1 
ATOM   598  O OE1 . GLU A 1 82  ? -13.468 -0.075  -10.247 1.00 24.27 ? 79  GLU A OE1 1 
ATOM   599  O OE2 . GLU A 1 82  ? -14.900 -1.211  -11.465 1.00 33.67 ? 79  GLU A OE2 1 
ATOM   600  N N   . LEU A 1 83  ? -15.575 -3.035  -5.885  1.00 12.79 ? 80  LEU A N   1 
ATOM   601  C CA  . LEU A 1 83  ? -14.644 -3.355  -4.776  1.00 12.87 ? 80  LEU A CA  1 
ATOM   602  C C   . LEU A 1 83  ? -13.208 -3.148  -5.259  1.00 14.24 ? 80  LEU A C   1 
ATOM   603  O O   . LEU A 1 83  ? -12.877 -3.392  -6.422  1.00 14.58 ? 80  LEU A O   1 
ATOM   604  C CB  . LEU A 1 83  ? -14.830 -4.785  -4.334  1.00 13.37 ? 80  LEU A CB  1 
ATOM   605  C CG  . LEU A 1 83  ? -16.231 -5.207  -3.847  1.00 14.46 ? 80  LEU A CG  1 
ATOM   606  C CD1 . LEU A 1 83  ? -16.281 -6.692  -3.544  1.00 16.20 ? 80  LEU A CD1 1 
ATOM   607  C CD2 . LEU A 1 83  ? -16.618 -4.354  -2.653  1.00 13.88 ? 80  LEU A CD2 1 
ATOM   608  N N   . MET A 1 84  ? -12.344 -2.704  -4.357  1.00 11.61 ? 81  MET A N   1 
ATOM   609  C CA  . MET A 1 84  ? -10.923 -2.586  -4.667  1.00 12.11 ? 81  MET A CA  1 
ATOM   610  C C   . MET A 1 84  ? -10.206 -3.778  -4.105  1.00 11.92 ? 81  MET A C   1 
ATOM   611  O O   . MET A 1 84  ? -10.211 -3.961  -2.889  1.00 12.33 ? 81  MET A O   1 
ATOM   612  C CB  . MET A 1 84  ? -10.343 -1.293  -4.100  1.00 14.13 ? 81  MET A CB  1 
ATOM   613  C CG  . MET A 1 84  ? -11.069 -0.032  -4.555  1.00 15.63 ? 81  MET A CG  1 
ATOM   614  S SD  . MET A 1 84  ? -10.366 1.464   -3.797  1.00 20.36 ? 81  MET A SD  1 
ATOM   615  C CE  . MET A 1 84  ? -9.045  1.864   -4.923  1.00 22.56 ? 81  MET A CE  1 
ATOM   616  N N   . ASP A 1 85  ? -9.577  -4.597  -4.949  1.00 11.19 ? 82  ASP A N   1 
ATOM   617  C CA  . ASP A 1 85  ? -8.860  -5.786  -4.537  1.00 11.40 ? 82  ASP A CA  1 
ATOM   618  C C   . ASP A 1 85  ? -7.373  -5.474  -4.551  1.00 10.32 ? 82  ASP A C   1 
ATOM   619  O O   . ASP A 1 85  ? -6.729  -5.446  -5.626  1.00 10.62 ? 82  ASP A O   1 
ATOM   620  C CB  . ASP A 1 85  ? -9.193  -6.935  -5.520  1.00 12.86 ? 82  ASP A CB  1 
ATOM   621  C CG  . ASP A 1 85  ? -8.467  -8.227  -5.215  1.00 16.14 ? 82  ASP A CG  1 
ATOM   622  O OD1 . ASP A 1 85  ? -7.954  -8.409  -4.097  1.00 18.66 ? 82  ASP A OD1 1 
ATOM   623  O OD2 . ASP A 1 85  ? -8.398  -9.082  -6.133  1.00 20.52 ? 82  ASP A OD2 1 
ATOM   624  N N   . VAL A 1 86  ? -6.841  -5.118  -3.372  1.00 9.28  ? 83  VAL A N   1 
ATOM   625  C CA  . VAL A 1 86  ? -5.501  -4.579  -3.252  1.00 9.16  ? 83  VAL A CA  1 
ATOM   626  C C   . VAL A 1 86  ? -4.493  -5.653  -2.875  1.00 9.61  ? 83  VAL A C   1 
ATOM   627  O O   . VAL A 1 86  ? -4.623  -6.294  -1.854  1.00 10.53 ? 83  VAL A O   1 
ATOM   628  C CB  . VAL A 1 86  ? -5.455  -3.433  -2.222  1.00 9.28  ? 83  VAL A CB  1 
ATOM   629  C CG1 . VAL A 1 86  ? -4.077  -2.831  -2.192  1.00 9.55  ? 83  VAL A CG1 1 
ATOM   630  C CG2 . VAL A 1 86  ? -6.449  -2.348  -2.599  1.00 9.92  ? 83  VAL A CG2 1 
ATOM   631  N N   . HIS A 1 87  ? -3.547  -5.895  -3.751  1.00 9.58  ? 84  HIS A N   1 
ATOM   632  C CA  . HIS A 1 87  ? -2.492  -6.869  -3.514  1.00 9.97  ? 84  HIS A CA  1 
ATOM   633  C C   . HIS A 1 87  ? -1.294  -6.109  -2.966  1.00 9.14  ? 84  HIS A C   1 
ATOM   634  O O   . HIS A 1 87  ? -0.785  -5.177  -3.598  1.00 8.85  ? 84  HIS A O   1 
ATOM   635  C CB  . HIS A 1 87  ? -2.184  -7.604  -4.802  1.00 11.03 ? 84  HIS A CB  1 
ATOM   636  C CG  . HIS A 1 87  ? -3.302  -8.490  -5.243  1.00 12.95 ? 84  HIS A CG  1 
ATOM   637  N ND1 . HIS A 1 87  ? -3.210  -9.862  -5.217  1.00 15.39 ? 84  HIS A ND1 1 
ATOM   638  C CD2 . HIS A 1 87  ? -4.559  -8.196  -5.663  1.00 13.86 ? 84  HIS A CD2 1 
ATOM   639  C CE1 . HIS A 1 87  ? -4.375  -10.373 -5.577  1.00 15.51 ? 84  HIS A CE1 1 
ATOM   640  N NE2 . HIS A 1 87  ? -5.219  -9.386  -5.831  1.00 14.99 ? 84  HIS A NE2 1 
ATOM   641  N N   . VAL A 1 88  ? -0.903  -6.477  -1.733  1.00 8.69  ? 85  VAL A N   1 
ATOM   642  C CA  . VAL A 1 88  ? 0.114   -5.759  -0.978  1.00 8.85  ? 85  VAL A CA  1 
ATOM   643  C C   . VAL A 1 88  ? 1.465   -6.510  -1.048  1.00 9.79  ? 85  VAL A C   1 
ATOM   644  O O   . VAL A 1 88  ? 1.521   -7.711  -0.842  1.00 10.23 ? 85  VAL A O   1 
ATOM   645  C CB  . VAL A 1 88  ? -0.299  -5.532  0.482   1.00 9.67  ? 85  VAL A CB  1 
ATOM   646  C CG1 . VAL A 1 88  ? 0.732   -4.664  1.191   1.00 9.91  ? 85  VAL A CG1 1 
ATOM   647  C CG2 . VAL A 1 88  ? -1.712  -4.975  0.554   1.00 10.02 ? 85  VAL A CG2 1 
ATOM   648  N N   . PHE A 1 89  ? 2.524   -5.756  -1.341  1.00 9.84  ? 86  PHE A N   1 
ATOM   649  C CA  . PHE A 1 89  ? 3.870   -6.309  -1.470  1.00 10.61 ? 86  PHE A CA  1 
ATOM   650  C C   . PHE A 1 89  ? 4.829   -5.526  -0.609  1.00 11.10 ? 86  PHE A C   1 
ATOM   651  O O   . PHE A 1 89  ? 4.597   -4.348  -0.293  1.00 10.27 ? 86  PHE A O   1 
ATOM   652  C CB  . PHE A 1 89  ? 4.387   -6.209  -2.916  1.00 11.02 ? 86  PHE A CB  1 
ATOM   653  C CG  . PHE A 1 89  ? 3.586   -6.964  -3.894  1.00 12.68 ? 86  PHE A CG  1 
ATOM   654  C CD1 . PHE A 1 89  ? 2.446   -6.441  -4.396  1.00 12.23 ? 86  PHE A CD1 1 
ATOM   655  C CD2 . PHE A 1 89  ? 3.996   -8.214  -4.321  1.00 13.05 ? 86  PHE A CD2 1 
ATOM   656  C CE1 . PHE A 1 89  ? 1.688   -7.164  -5.282  1.00 13.65 ? 86  PHE A CE1 1 
ATOM   657  C CE2 . PHE A 1 89  ? 3.243   -8.949  -5.206  1.00 13.82 ? 86  PHE A CE2 1 
ATOM   658  C CZ  . PHE A 1 89  ? 2.099   -8.397  -5.722  1.00 14.35 ? 86  PHE A CZ  1 
ATOM   659  N N   A CYS A 1 90  ? 5.928   -6.166  -0.201  0.50 11.53 ? 87  CYS A N   1 
ATOM   660  N N   B CYS A 1 90  ? 5.953   -6.172  -0.310  0.50 12.69 ? 87  CYS A N   1 
ATOM   661  C CA  A CYS A 1 90  ? 7.027   -5.419  0.381   0.50 13.15 ? 87  CYS A CA  1 
ATOM   662  C CA  B CYS A 1 90  ? 7.016   -5.566  0.432   0.50 15.20 ? 87  CYS A CA  1 
ATOM   663  C C   A CYS A 1 90  ? 8.319   -5.792  -0.270  0.50 14.01 ? 87  CYS A C   1 
ATOM   664  C C   B CYS A 1 90  ? 8.310   -5.789  -0.328  0.50 15.34 ? 87  CYS A C   1 
ATOM   665  O O   A CYS A 1 90  ? 8.436   -6.856  -0.868  0.50 13.59 ? 87  CYS A O   1 
ATOM   666  O O   B CYS A 1 90  ? 8.395   -6.738  -1.108  0.50 15.09 ? 87  CYS A O   1 
ATOM   667  C CB  A CYS A 1 90  ? 7.122   -5.638  1.888   0.50 13.98 ? 87  CYS A CB  1 
ATOM   668  C CB  B CYS A 1 90  ? 7.038   -6.203  1.811   0.50 18.14 ? 87  CYS A CB  1 
ATOM   669  S SG  A CYS A 1 90  ? 7.701   -7.290  2.274   0.50 17.73 ? 87  CYS A SG  1 
ATOM   670  S SG  B CYS A 1 90  ? 7.895   -5.235  3.023   0.50 25.12 ? 87  CYS A SG  1 
ATOM   671  N N   . THR A 1 91  ? 9.275   -4.878  -0.156  1.00 15.28 ? 88  THR A N   1 
ATOM   672  C CA  . THR A 1 91  ? 10.645  -5.103  -0.649  1.00 17.69 ? 88  THR A CA  1 
ATOM   673  C C   . THR A 1 91  ? 11.619  -4.415  0.306   1.00 19.32 ? 88  THR A C   1 
ATOM   674  O O   . THR A 1 91  ? 11.301  -3.375  0.878   1.00 17.11 ? 88  THR A O   1 
ATOM   675  C CB  . THR A 1 91  ? 10.829  -4.560  -2.044  1.00 19.09 ? 88  THR A CB  1 
ATOM   676  O OG1 . THR A 1 91  ? 12.161  -4.842  -2.494  1.00 22.78 ? 88  THR A OG1 1 
ATOM   677  C CG2 . THR A 1 91  ? 10.550  -3.068  -2.129  1.00 19.18 ? 88  THR A CG2 1 
ATOM   678  N N   . ASP A 1 92  ? 12.815  -4.992  0.461   1.00 22.15 ? 89  ASP A N   1 
ATOM   679  C CA  . ASP A 1 92  ? 13.920  -4.296  1.133   1.00 26.31 ? 89  ASP A CA  1 
ATOM   680  C C   . ASP A 1 92  ? 15.116  -4.194  0.194   1.00 28.87 ? 89  ASP A C   1 
ATOM   681  O O   . ASP A 1 92  ? 16.226  -3.910  0.632   1.00 36.33 ? 89  ASP A O   1 
ATOM   682  C CB  . ASP A 1 92  ? 14.284  -5.019  2.435   1.00 28.27 ? 89  ASP A CB  1 
ATOM   683  C CG  . ASP A 1 92  ? 14.898  -6.398  2.216   1.00 33.73 ? 89  ASP A CG  1 
ATOM   684  O OD1 . ASP A 1 92  ? 14.887  -6.938  1.080   1.00 36.78 ? 89  ASP A OD1 1 
ATOM   685  O OD2 . ASP A 1 92  ? 15.394  -6.941  3.229   1.00 38.19 ? 89  ASP A OD2 1 
ATOM   686  N N   . SER A 1 93  ? 14.884  -4.427  -1.090  1.00 26.46 ? 90  SER A N   1 
ATOM   687  C CA  . SER A 1 93  ? 15.974  -4.540  -2.075  1.00 27.92 ? 90  SER A CA  1 
ATOM   688  C C   . SER A 1 93  ? 15.678  -3.605  -3.226  1.00 23.76 ? 90  SER A C   1 
ATOM   689  O O   . SER A 1 93  ? 15.028  -3.959  -4.215  1.00 26.42 ? 90  SER A O   1 
ATOM   690  C CB  . SER A 1 93  ? 16.115  -5.958  -2.567  1.00 31.07 ? 90  SER A CB  1 
ATOM   691  O OG  . SER A 1 93  ? 14.916  -6.391  -3.187  1.00 38.16 ? 90  SER A OG  1 
ATOM   692  N N   . ILE A 1 94  ? 16.195  -2.403  -3.066  1.00 23.55 ? 91  ILE A N   1 
ATOM   693  C CA  . ILE A 1 94  ? 15.937  -1.290  -3.951  1.00 21.22 ? 91  ILE A CA  1 
ATOM   694  C C   . ILE A 1 94  ? 17.267  -0.703  -4.423  1.00 19.47 ? 91  ILE A C   1 
ATOM   695  O O   . ILE A 1 94  ? 18.298  -0.922  -3.779  1.00 20.33 ? 91  ILE A O   1 
ATOM   696  C CB  . ILE A 1 94  ? 15.095  -0.222  -3.245  1.00 22.46 ? 91  ILE A CB  1 
ATOM   697  C CG1 . ILE A 1 94  ? 15.746  0.196   -1.915  1.00 25.18 ? 91  ILE A CG1 1 
ATOM   698  C CG2 . ILE A 1 94  ? 13.671  -0.751  -3.039  1.00 24.47 ? 91  ILE A CG2 1 
ATOM   699  C CD1 . ILE A 1 94  ? 15.446  1.610   -1.501  1.00 25.71 ? 91  ILE A CD1 1 
ATOM   700  N N   . GLN A 1 95  ? 17.192  0.028   -5.531  1.00 18.08 ? 92  GLN A N   1 
ATOM   701  C CA  . GLN A 1 95  ? 18.238  0.865   -6.051  1.00 20.34 ? 92  GLN A CA  1 
ATOM   702  C C   . GLN A 1 95  ? 17.744  2.268   -6.284  1.00 19.43 ? 92  GLN A C   1 
ATOM   703  O O   . GLN A 1 95  ? 16.611  2.480   -6.694  1.00 16.71 ? 92  GLN A O   1 
ATOM   704  C CB  . GLN A 1 95  ? 18.777  0.289   -7.374  1.00 20.41 ? 92  GLN A CB  1 
ATOM   705  C CG  . GLN A 1 95  ? 19.368  -1.071  -7.208  1.00 24.20 ? 92  GLN A CG  1 
ATOM   706  C CD  . GLN A 1 95  ? 19.864  -1.615  -8.522  1.00 26.62 ? 92  GLN A CD  1 
ATOM   707  O OE1 . GLN A 1 95  ? 20.980  -1.348  -8.916  1.00 31.95 ? 92  GLN A OE1 1 
ATOM   708  N NE2 . GLN A 1 95  ? 19.042  -2.382  -9.184  1.00 27.04 ? 92  GLN A NE2 1 
ATOM   709  N N   . GLY A 1 96  ? 18.605  3.255   -6.050  1.00 20.72 ? 93  GLY A N   1 
ATOM   710  C CA  . GLY A 1 96  ? 18.260  4.633   -6.330  1.00 19.74 ? 93  GLY A CA  1 
ATOM   711  C C   . GLY A 1 96  ? 17.790  5.358   -5.089  1.00 19.36 ? 93  GLY A C   1 
ATOM   712  O O   . GLY A 1 96  ? 17.816  4.823   -3.968  1.00 19.01 ? 93  GLY A O   1 
ATOM   713  N N   . THR A 1 97  ? 17.325  6.577   -5.308  1.00 18.06 ? 94  THR A N   1 
ATOM   714  C CA  . THR A 1 97  ? 16.904  7.465   -4.223  1.00 19.59 ? 94  THR A CA  1 
ATOM   715  C C   . THR A 1 97  ? 15.503  7.928   -4.546  1.00 16.84 ? 94  THR A C   1 
ATOM   716  O O   . THR A 1 97  ? 15.202  8.207   -5.701  1.00 17.52 ? 94  THR A O   1 
ATOM   717  C CB  . THR A 1 97  ? 17.850  8.676   -4.037  1.00 22.70 ? 94  THR A CB  1 
ATOM   718  O OG1 . THR A 1 97  ? 17.313  9.585   -3.064  1.00 29.80 ? 94  THR A OG1 1 
ATOM   719  C CG2 . THR A 1 97  ? 18.008  9.420   -5.251  1.00 23.20 ? 94  THR A CG2 1 
ATOM   720  N N   . PRO A 1 98  ? 14.631  8.008   -3.534  1.00 14.55 ? 95  PRO A N   1 
ATOM   721  C CA  . PRO A 1 98  ? 13.275  8.461   -3.850  1.00 15.10 ? 95  PRO A CA  1 
ATOM   722  C C   . PRO A 1 98  ? 13.223  9.852   -4.451  1.00 15.71 ? 95  PRO A C   1 
ATOM   723  O O   . PRO A 1 98  ? 14.002  10.706  -4.079  1.00 16.93 ? 95  PRO A O   1 
ATOM   724  C CB  . PRO A 1 98  ? 12.584  8.473   -2.486  1.00 15.59 ? 95  PRO A CB  1 
ATOM   725  C CG  . PRO A 1 98  ? 13.392  7.527   -1.641  1.00 15.17 ? 95  PRO A CG  1 
ATOM   726  C CD  . PRO A 1 98  ? 14.786  7.699   -2.109  1.00 14.78 ? 95  PRO A CD  1 
ATOM   727  N N   . VAL A 1 99  ? 12.280  10.053  -5.353  1.00 15.17 ? 96  VAL A N   1 
ATOM   728  C CA  . VAL A 1 99  ? 12.168  11.278  -6.136  1.00 15.70 ? 96  VAL A CA  1 
ATOM   729  C C   . VAL A 1 99  ? 10.873  11.981  -5.754  1.00 14.73 ? 96  VAL A C   1 
ATOM   730  O O   . VAL A 1 99  ? 9.832   11.361  -5.826  1.00 15.43 ? 96  VAL A O   1 
ATOM   731  C CB  . VAL A 1 99  ? 12.121  10.933  -7.642  1.00 16.91 ? 96  VAL A CB  1 
ATOM   732  C CG1 . VAL A 1 99  ? 11.854  12.182  -8.457  1.00 17.74 ? 96  VAL A CG1 1 
ATOM   733  C CG2 . VAL A 1 99  ? 13.416  10.277  -8.109  1.00 19.37 ? 96  VAL A CG2 1 
ATOM   734  N N   . GLU A 1 100 ? 10.914  13.239  -5.369  1.00 13.79 ? 97  GLU A N   1 
ATOM   735  C CA  . GLU A 1 100 ? 9.693   14.037  -5.137  1.00 13.97 ? 97  GLU A CA  1 
ATOM   736  C C   . GLU A 1 100 ? 9.249   14.578  -6.477  1.00 15.06 ? 97  GLU A C   1 
ATOM   737  O O   . GLU A 1 100 ? 10.075  15.155  -7.222  1.00 15.28 ? 97  GLU A O   1 
ATOM   738  C CB  . GLU A 1 100 ? 9.821   15.200  -4.108  1.00 16.71 ? 97  GLU A CB  1 
ATOM   739  C CG  . GLU A 1 100 ? 8.571   16.106  -4.061  1.00 19.01 ? 97  GLU A CG  1 
ATOM   740  C CD  . GLU A 1 100 ? 8.430   17.144  -2.901  1.00 22.72 ? 97  GLU A CD  1 
ATOM   741  O OE1 . GLU A 1 100 ? 9.404   17.402  -2.289  1.00 24.46 ? 97  GLU A OE1 1 
ATOM   742  O OE2 . GLU A 1 100 ? 7.327   17.761  -2.714  1.00 29.28 ? 97  GLU A OE2 1 
ATOM   743  N N   . SER A 1 101 ? 7.970   14.422  -6.768  1.00 14.44 ? 98  SER A N   1 
ATOM   744  C CA  . SER A 1 101 ? 7.396   14.940  -7.998  1.00 14.53 ? 98  SER A CA  1 
ATOM   745  C C   . SER A 1 101 ? 6.215   15.788  -7.672  1.00 16.36 ? 98  SER A C   1 
ATOM   746  O O   . SER A 1 101 ? 5.827   15.947  -6.531  1.00 15.92 ? 98  SER A O   1 
ATOM   747  C CB  . SER A 1 101 ? 7.028   13.772  -8.896  1.00 14.57 ? 98  SER A CB  1 
ATOM   748  O OG  . SER A 1 101 ? 5.966   13.032  -8.292  1.00 15.45 ? 98  SER A OG  1 
ATOM   749  N N   . ASP A 1 102 ? 5.590   16.358  -8.689  1.00 17.39 ? 99  ASP A N   1 
ATOM   750  C CA  . ASP A 1 102 ? 4.390   17.099  -8.424  1.00 20.33 ? 99  ASP A CA  1 
ATOM   751  C C   . ASP A 1 102 ? 3.222   16.207  -7.941  1.00 20.72 ? 99  ASP A C   1 
ATOM   752  O O   . ASP A 1 102 ? 2.233   16.733  -7.415  1.00 25.18 ? 99  ASP A O   1 
ATOM   753  C CB  . ASP A 1 102 ? 3.994   17.903  -9.625  1.00 23.63 ? 99  ASP A CB  1 
ATOM   754  C CG  . ASP A 1 102 ? 2.926   18.883  -9.282  1.00 26.29 ? 99  ASP A CG  1 
ATOM   755  O OD1 . ASP A 1 102 ? 3.158   19.818  -8.443  1.00 28.74 ? 99  ASP A OD1 1 
ATOM   756  O OD2 . ASP A 1 102 ? 1.834   18.649  -9.786  1.00 30.06 ? 99  ASP A OD2 1 
ATOM   757  N N   . GLU A 1 103 ? 3.306   14.891  -8.104  1.00 17.74 ? 100 GLU A N   1 
ATOM   758  C CA  . GLU A 1 103 ? 2.226   14.014  -7.704  1.00 20.21 ? 100 GLU A CA  1 
ATOM   759  C C   . GLU A 1 103 ? 2.478   13.372  -6.361  1.00 16.71 ? 100 GLU A C   1 
ATOM   760  O O   . GLU A 1 103 ? 1.537   12.973  -5.726  1.00 16.19 ? 100 GLU A O   1 
ATOM   761  C CB  . GLU A 1 103 ? 1.980   12.872  -8.696  1.00 25.82 ? 100 GLU A CB  1 
ATOM   762  C CG  . GLU A 1 103 ? 1.458   13.318  -10.062 1.00 34.73 ? 100 GLU A CG  1 
ATOM   763  C CD  . GLU A 1 103 ? 0.010   13.830  -10.062 1.00 41.25 ? 100 GLU A CD  1 
ATOM   764  O OE1 . GLU A 1 103 ? -0.647  13.909  -8.994  1.00 47.71 ? 100 GLU A OE1 1 
ATOM   765  O OE2 . GLU A 1 103 ? -0.479  14.165  -11.169 1.00 48.09 ? 100 GLU A OE2 1 
ATOM   766  N N   . MET A 1 104 ? 3.736   13.270  -5.966  1.00 14.48 ? 101 MET A N   1 
ATOM   767  C CA  . MET A 1 104 ? 4.078   12.397  -4.837  1.00 14.24 ? 101 MET A CA  1 
ATOM   768  C C   . MET A 1 104 ? 5.280   12.943  -4.076  1.00 13.93 ? 101 MET A C   1 
ATOM   769  O O   . MET A 1 104 ? 6.276   13.293  -4.693  1.00 13.76 ? 101 MET A O   1 
ATOM   770  C CB  . MET A 1 104 ? 4.421   11.001  -5.331  1.00 16.68 ? 101 MET A CB  1 
ATOM   771  C CG  . MET A 1 104 ? 4.548   9.957   -4.228  1.00 15.86 ? 101 MET A CG  1 
ATOM   772  S SD  . MET A 1 104 ? 3.050   9.599   -3.334  1.00 19.04 ? 101 MET A SD  1 
ATOM   773  C CE  . MET A 1 104 ? 2.306   8.528   -4.532  1.00 19.23 ? 101 MET A CE  1 
ATOM   774  N N   . ARG A 1 105 ? 5.202   12.964  -2.734  1.00 13.15 ? 102 ARG A N   1 
ATOM   775  C CA  . ARG A 1 105 ? 6.310   13.410  -1.902  1.00 13.50 ? 102 ARG A CA  1 
ATOM   776  C C   . ARG A 1 105 ? 6.687   12.217  -0.997  1.00 13.31 ? 102 ARG A C   1 
ATOM   777  O O   . ARG A 1 105 ? 5.962   11.930  -0.045  1.00 12.67 ? 102 ARG A O   1 
ATOM   778  C CB  . ARG A 1 105 ? 5.907   14.599  -1.071  1.00 14.89 ? 102 ARG A CB  1 
ATOM   779  C CG  . ARG A 1 105 ? 6.887   15.091  -0.011  1.00 16.61 ? 102 ARG A CG  1 
ATOM   780  C CD  . ARG A 1 105 ? 6.520   16.470  0.591   1.00 17.65 ? 102 ARG A CD  1 
ATOM   781  N NE  . ARG A 1 105 ? 5.361   16.485  1.492   1.00 20.06 ? 102 ARG A NE  1 
ATOM   782  C CZ  . ARG A 1 105 ? 5.395   16.468  2.840   1.00 20.57 ? 102 ARG A CZ  1 
ATOM   783  N NH1 . ARG A 1 105 ? 6.543   16.425  3.496   1.00 20.32 ? 102 ARG A NH1 1 
ATOM   784  N NH2 . ARG A 1 105 ? 4.245   16.481  3.516   1.00 23.24 ? 102 ARG A NH2 1 
ATOM   785  N N   . PRO A 1 106 ? 7.761   11.495  -1.320  1.00 13.66 ? 103 PRO A N   1 
ATOM   786  C CA  . PRO A 1 106 ? 8.235   10.400  -0.478  1.00 13.79 ? 103 PRO A CA  1 
ATOM   787  C C   . PRO A 1 106 ? 9.062   10.842  0.699   1.00 13.23 ? 103 PRO A C   1 
ATOM   788  O O   . PRO A 1 106 ? 9.851   11.809  0.598   1.00 13.85 ? 103 PRO A O   1 
ATOM   789  C CB  . PRO A 1 106 ? 9.103   9.546   -1.410  1.00 14.50 ? 103 PRO A CB  1 
ATOM   790  C CG  . PRO A 1 106 ? 9.189   10.252  -2.690  1.00 16.40 ? 103 PRO A CG  1 
ATOM   791  C CD  . PRO A 1 106 ? 8.507   11.566  -2.616  1.00 15.47 ? 103 PRO A CD  1 
ATOM   792  N N   A CYS A 1 107 ? 8.959   10.093  1.792   0.50 13.23 ? 104 CYS A N   1 
ATOM   793  N N   B CYS A 1 107 ? 8.875   10.195  1.852   0.50 11.70 ? 104 CYS A N   1 
ATOM   794  C CA  A CYS A 1 107 ? 9.694   10.400  3.008   0.50 14.07 ? 104 CYS A CA  1 
ATOM   795  C CA  B CYS A 1 107 ? 9.743   10.421  3.025   0.50 11.44 ? 104 CYS A CA  1 
ATOM   796  C C   A CYS A 1 107 ? 9.915   9.105   3.772   0.50 12.53 ? 104 CYS A C   1 
ATOM   797  C C   B CYS A 1 107 ? 9.929   9.108   3.757   0.50 11.13 ? 104 CYS A C   1 
ATOM   798  O O   A CYS A 1 107 ? 9.037   8.259   3.783   0.50 11.24 ? 104 CYS A O   1 
ATOM   799  O O   B CYS A 1 107 ? 9.039   8.274   3.755   0.50 10.06 ? 104 CYS A O   1 
ATOM   800  C CB  A CYS A 1 107 ? 8.875   11.336  3.857   0.50 16.50 ? 104 CYS A CB  1 
ATOM   801  C CB  B CYS A 1 107 ? 9.145   11.389  4.021   0.50 11.56 ? 104 CYS A CB  1 
ATOM   802  S SG  A CYS A 1 107 ? 9.732   11.916  5.320   0.50 23.31 ? 104 CYS A SG  1 
ATOM   803  S SG  B CYS A 1 107 ? 8.969   13.103  3.477   0.50 12.73 ? 104 CYS A SG  1 
ATOM   804  N N   . TRP A 1 108 ? 11.094  8.947   4.362   1.00 11.61 ? 105 TRP A N   1 
ATOM   805  C CA  . TRP A 1 108 ? 11.392  7.824   5.255   1.00 11.63 ? 105 TRP A CA  1 
ATOM   806  C C   . TRP A 1 108 ? 10.876  8.084   6.646   1.00 12.74 ? 105 TRP A C   1 
ATOM   807  O O   . TRP A 1 108 ? 11.032  9.200   7.179   1.00 14.76 ? 105 TRP A O   1 
ATOM   808  C CB  . TRP A 1 108 ? 12.908  7.610   5.283   1.00 12.22 ? 105 TRP A CB  1 
ATOM   809  C CG  . TRP A 1 108 ? 13.493  7.122   4.024   1.00 12.10 ? 105 TRP A CG  1 
ATOM   810  C CD1 . TRP A 1 108 ? 14.270  7.826   3.156   1.00 13.14 ? 105 TRP A CD1 1 
ATOM   811  C CD2 . TRP A 1 108 ? 13.479  5.791   3.529   1.00 13.07 ? 105 TRP A CD2 1 
ATOM   812  N NE1 . TRP A 1 108 ? 14.700  7.031   2.140   1.00 14.00 ? 105 TRP A NE1 1 
ATOM   813  C CE2 . TRP A 1 108 ? 14.228  5.769   2.349   1.00 13.15 ? 105 TRP A CE2 1 
ATOM   814  C CE3 . TRP A 1 108 ? 12.859  4.589   3.958   1.00 13.75 ? 105 TRP A CE3 1 
ATOM   815  C CZ2 . TRP A 1 108 ? 14.365  4.614   1.570   1.00 13.47 ? 105 TRP A CZ2 1 
ATOM   816  C CZ3 . TRP A 1 108 ? 13.042  3.466   3.222   1.00 13.86 ? 105 TRP A CZ3 1 
ATOM   817  C CH2 . TRP A 1 108 ? 13.753  3.489   2.019   1.00 13.47 ? 105 TRP A CH2 1 
ATOM   818  N N   . PHE A 1 109 ? 10.321  7.057   7.270   1.00 12.25 ? 106 PHE A N   1 
ATOM   819  C CA  . PHE A 1 109 ? 9.846   7.081   8.624   1.00 12.05 ? 106 PHE A CA  1 
ATOM   820  C C   . PHE A 1 109 ? 10.515  6.008   9.458   1.00 13.30 ? 106 PHE A C   1 
ATOM   821  O O   . PHE A 1 109 ? 10.584  4.875   9.064   1.00 13.29 ? 106 PHE A O   1 
ATOM   822  C CB  . PHE A 1 109 ? 8.325   6.906   8.668   1.00 12.30 ? 106 PHE A CB  1 
ATOM   823  C CG  . PHE A 1 109 ? 7.576   8.062   8.075   1.00 11.47 ? 106 PHE A CG  1 
ATOM   824  C CD1 . PHE A 1 109 ? 7.322   8.088   6.701   1.00 12.22 ? 106 PHE A CD1 1 
ATOM   825  C CD2 . PHE A 1 109 ? 7.100   9.098   8.849   1.00 11.46 ? 106 PHE A CD2 1 
ATOM   826  C CE1 . PHE A 1 109 ? 6.666   9.156   6.153   1.00 12.14 ? 106 PHE A CE1 1 
ATOM   827  C CE2 . PHE A 1 109 ? 6.402   10.146  8.302   1.00 11.76 ? 106 PHE A CE2 1 
ATOM   828  C CZ  . PHE A 1 109 ? 6.181   10.183  6.945   1.00 11.76 ? 106 PHE A CZ  1 
ATOM   829  N N   . GLN A 1 110 ? 11.020  6.402   10.621  1.00 15.03 ? 107 GLN A N   1 
ATOM   830  C CA  . GLN A 1 110 ? 11.435  5.403   11.595  1.00 15.96 ? 107 GLN A CA  1 
ATOM   831  C C   . GLN A 1 110 ? 10.215  4.598   12.022  1.00 15.25 ? 107 GLN A C   1 
ATOM   832  O O   . GLN A 1 110 ? 9.106   5.128   12.103  1.00 15.41 ? 107 GLN A O   1 
ATOM   833  C CB  . GLN A 1 110 ? 12.038  6.070   12.849  1.00 18.54 ? 107 GLN A CB  1 
ATOM   834  C CG  . GLN A 1 110 ? 13.241  6.957   12.539  1.00 22.29 ? 107 GLN A CG  1 
ATOM   835  C CD  . GLN A 1 110 ? 14.362  6.215   11.792  1.00 29.83 ? 107 GLN A CD  1 
ATOM   836  O OE1 . GLN A 1 110 ? 14.686  6.529   10.634  1.00 38.51 ? 107 GLN A OE1 1 
ATOM   837  N NE2 . GLN A 1 110 ? 14.955  5.214   12.449  1.00 32.25 ? 107 GLN A NE2 1 
ATOM   838  N N   . LEU A 1 111 ? 10.448  3.347   12.390  1.00 17.22 ? 108 LEU A N   1 
ATOM   839  C CA  . LEU A 1 111 ? 9.321   2.433   12.624  1.00 18.31 ? 108 LEU A CA  1 
ATOM   840  C C   . LEU A 1 111 ? 8.511   2.805   13.821  1.00 20.37 ? 108 LEU A C   1 
ATOM   841  O O   . LEU A 1 111 ? 7.336   2.529   13.850  1.00 26.02 ? 108 LEU A O   1 
ATOM   842  C CB  . LEU A 1 111 ? 9.732   0.964   12.610  1.00 20.27 ? 108 LEU A CB  1 
ATOM   843  C CG  . LEU A 1 111 ? 10.452  0.577   11.321  1.00 20.32 ? 108 LEU A CG  1 
ATOM   844  C CD1 . LEU A 1 111 ? 10.945  -0.857  11.339  1.00 24.19 ? 108 LEU A CD1 1 
ATOM   845  C CD2 . LEU A 1 111 ? 9.597   0.799   10.112  1.00 20.54 ? 108 LEU A CD2 1 
ATOM   846  N N   . ASP A 1 112 ? 9.048   3.556   14.761  1.00 21.47 ? 109 ASP A N   1 
ATOM   847  C CA  . ASP A 1 112 ? 8.214   3.979   15.882  1.00 24.23 ? 109 ASP A CA  1 
ATOM   848  C C   . ASP A 1 112 ? 7.581   5.357   15.683  1.00 23.59 ? 109 ASP A C   1 
ATOM   849  O O   . ASP A 1 112 ? 7.031   5.916   16.616  1.00 24.70 ? 109 ASP A O   1 
ATOM   850  C CB  . ASP A 1 112 ? 9.041   3.911   17.182  1.00 27.51 ? 109 ASP A CB  1 
ATOM   851  C CG  . ASP A 1 112 ? 10.302  4.754   17.122  1.00 34.26 ? 109 ASP A CG  1 
ATOM   852  O OD1 . ASP A 1 112 ? 10.587  5.441   16.079  1.00 39.83 ? 109 ASP A OD1 1 
ATOM   853  O OD2 . ASP A 1 112 ? 11.042  4.728   18.128  1.00 36.20 ? 109 ASP A OD2 1 
ATOM   854  N N   . GLN A 1 113 ? 7.654   5.924   14.465  1.00 19.96 ? 110 GLN A N   1 
ATOM   855  C CA  . GLN A 1 113 ? 7.077   7.212   14.152  1.00 20.52 ? 110 GLN A CA  1 
ATOM   856  C C   . GLN A 1 113 ? 6.237   7.132   12.872  1.00 17.66 ? 110 GLN A C   1 
ATOM   857  O O   . GLN A 1 113 ? 6.122   8.099   12.124  1.00 18.36 ? 110 GLN A O   1 
ATOM   858  C CB  . GLN A 1 113 ? 8.169   8.238   13.944  1.00 24.43 ? 110 GLN A CB  1 
ATOM   859  C CG  . GLN A 1 113 ? 9.006   8.511   15.184  1.00 28.16 ? 110 GLN A CG  1 
ATOM   860  C CD  . GLN A 1 113 ? 9.948   9.673   14.944  1.00 32.90 ? 110 GLN A CD  1 
ATOM   861  O OE1 . GLN A 1 113 ? 10.776  9.656   14.012  1.00 33.33 ? 110 GLN A OE1 1 
ATOM   862  N NE2 . GLN A 1 113 ? 9.784   10.725  15.744  1.00 40.47 ? 110 GLN A NE2 1 
ATOM   863  N N   . ILE A 1 114 ? 5.634   5.973   12.658  1.00 16.46 ? 111 ILE A N   1 
ATOM   864  C CA  . ILE A 1 114 ? 4.753   5.814   11.510  1.00 15.61 ? 111 ILE A CA  1 
ATOM   865  C C   . ILE A 1 114 ? 3.524   6.694   11.729  1.00 13.97 ? 111 ILE A C   1 
ATOM   866  O O   . ILE A 1 114 ? 2.947   6.677   12.853  1.00 13.37 ? 111 ILE A O   1 
ATOM   867  C CB  . ILE A 1 114 ? 4.396   4.356   11.316  1.00 17.10 ? 111 ILE A CB  1 
ATOM   868  C CG1 . ILE A 1 114 ? 5.697   3.616   10.911  1.00 18.84 ? 111 ILE A CG1 1 
ATOM   869  C CG2 . ILE A 1 114 ? 3.295   4.217   10.260  1.00 16.37 ? 111 ILE A CG2 1 
ATOM   870  C CD1 . ILE A 1 114 ? 5.570   2.148   10.724  1.00 20.03 ? 111 ILE A CD1 1 
ATOM   871  N N   . PRO A 1 115 ? 3.165   7.523   10.732  1.00 12.88 ? 112 PRO A N   1 
ATOM   872  C CA  . PRO A 1 115 ? 2.205   8.578   10.924  1.00 14.10 ? 112 PRO A CA  1 
ATOM   873  C C   . PRO A 1 115 ? 0.747   8.137   10.758  1.00 14.11 ? 112 PRO A C   1 
ATOM   874  O O   . PRO A 1 115 ? 0.031   8.620   9.886   1.00 14.38 ? 112 PRO A O   1 
ATOM   875  C CB  . PRO A 1 115 ? 2.594   9.597   9.843   1.00 14.48 ? 112 PRO A CB  1 
ATOM   876  C CG  . PRO A 1 115 ? 3.091   8.770   8.746   1.00 14.01 ? 112 PRO A CG  1 
ATOM   877  C CD  . PRO A 1 115 ? 3.847   7.659   9.427   1.00 13.04 ? 112 PRO A CD  1 
ATOM   878  N N   . PHE A 1 116 ? 0.319   7.214   11.604  1.00 14.29 ? 113 PHE A N   1 
ATOM   879  C CA  . PHE A 1 116 ? -1.004  6.559   11.453  1.00 14.48 ? 113 PHE A CA  1 
ATOM   880  C C   . PHE A 1 116 ? -2.195  7.541   11.381  1.00 14.71 ? 113 PHE A C   1 
ATOM   881  O O   . PHE A 1 116 ? -3.151  7.324   10.644  1.00 15.58 ? 113 PHE A O   1 
ATOM   882  C CB  . PHE A 1 116 ? -1.214  5.525   12.571  1.00 14.92 ? 113 PHE A CB  1 
ATOM   883  C CG  . PHE A 1 116 ? -0.387  4.290   12.406  1.00 13.84 ? 113 PHE A CG  1 
ATOM   884  C CD1 . PHE A 1 116 ? -0.603  3.444   11.326  1.00 13.66 ? 113 PHE A CD1 1 
ATOM   885  C CD2 . PHE A 1 116 ? 0.630   3.972   13.311  1.00 14.83 ? 113 PHE A CD2 1 
ATOM   886  C CE1 . PHE A 1 116 ? 0.184   2.334   11.159  1.00 14.67 ? 113 PHE A CE1 1 
ATOM   887  C CE2 . PHE A 1 116 ? 1.417   2.839   13.150  1.00 15.83 ? 113 PHE A CE2 1 
ATOM   888  C CZ  . PHE A 1 116 ? 1.144   2.000   12.084  1.00 15.33 ? 113 PHE A CZ  1 
ATOM   889  N N   . LYS A 1 117 ? -2.125  8.643   12.135  1.00 16.74 ? 114 LYS A N   1 
ATOM   890  C CA  . LYS A 1 117 ? -3.176  9.639   12.088  1.00 18.87 ? 114 LYS A CA  1 
ATOM   891  C C   . LYS A 1 117 ? -3.348  10.322  10.731  1.00 16.83 ? 114 LYS A C   1 
ATOM   892  O O   . LYS A 1 117 ? -4.404  10.848  10.466  1.00 17.99 ? 114 LYS A O   1 
ATOM   893  C CB  . LYS A 1 117 ? -2.964  10.698  13.162  1.00 24.81 ? 114 LYS A CB  1 
ATOM   894  C CG  . LYS A 1 117 ? -1.817  11.662  12.861  1.00 30.58 ? 114 LYS A CG  1 
ATOM   895  C CD  . LYS A 1 117 ? -1.476  12.558  14.052  1.00 35.35 ? 114 LYS A CD  1 
ATOM   896  C CE  . LYS A 1 117 ? -0.853  13.872  13.601  1.00 38.36 ? 114 LYS A CE  1 
ATOM   897  N NZ  . LYS A 1 117 ? 0.453   13.659  12.897  1.00 43.29 ? 114 LYS A NZ  1 
ATOM   898  N N   . ASP A 1 118 ? -2.336  10.269  9.851   1.00 14.95 ? 115 ASP A N   1 
ATOM   899  C CA  . ASP A 1 118 ? -2.356  10.895  8.550   1.00 16.21 ? 115 ASP A CA  1 
ATOM   900  C C   . ASP A 1 118 ? -2.206  9.813   7.478   1.00 14.38 ? 115 ASP A C   1 
ATOM   901  O O   . ASP A 1 118 ? -1.710  10.090  6.370   1.00 13.76 ? 115 ASP A O   1 
ATOM   902  C CB  . ASP A 1 118 ? -1.215  11.917  8.402   1.00 19.04 ? 115 ASP A CB  1 
ATOM   903  C CG  . ASP A 1 118 ? -1.451  13.180  9.210   1.00 25.80 ? 115 ASP A CG  1 
ATOM   904  O OD1 . ASP A 1 118 ? -2.599  13.653  9.262   1.00 30.99 ? 115 ASP A OD1 1 
ATOM   905  O OD2 . ASP A 1 118 ? -0.471  13.715  9.763   1.00 29.64 ? 115 ASP A OD2 1 
ATOM   906  N N   . MET A 1 119 ? -2.638  8.581   7.813   1.00 12.67 ? 116 MET A N   1 
ATOM   907  C CA  . MET A 1 119 ? -2.705  7.511   6.835   1.00 11.93 ? 116 MET A CA  1 
ATOM   908  C C   . MET A 1 119 ? -4.163  7.013   6.724   1.00 11.56 ? 116 MET A C   1 
ATOM   909  O O   . MET A 1 119 ? -5.017  7.409   7.522   1.00 13.07 ? 116 MET A O   1 
ATOM   910  C CB  . MET A 1 119 ? -1.793  6.371   7.294   1.00 12.01 ? 116 MET A CB  1 
ATOM   911  C CG  . MET A 1 119 ? -0.305  6.700   7.298   1.00 12.74 ? 116 MET A CG  1 
ATOM   912  S SD  . MET A 1 119 ? 0.770   5.640   8.246   1.00 13.68 ? 116 MET A SD  1 
ATOM   913  C CE  . MET A 1 119 ? 0.950   4.191   7.200   1.00 13.87 ? 116 MET A CE  1 
ATOM   914  N N   . TRP A 1 120 ? -4.449  6.192   5.741   1.00 10.86 ? 117 TRP A N   1 
ATOM   915  C CA  . TRP A 1 120 ? -5.770  5.553   5.701   1.00 11.13 ? 117 TRP A CA  1 
ATOM   916  C C   . TRP A 1 120 ? -5.984  4.812   7.006   1.00 10.19 ? 117 TRP A C   1 
ATOM   917  O O   . TRP A 1 120 ? -5.084  4.224   7.568   1.00 9.91  ? 117 TRP A O   1 
ATOM   918  C CB  . TRP A 1 120 ? -5.897  4.612   4.518   1.00 11.81 ? 117 TRP A CB  1 
ATOM   919  C CG  . TRP A 1 120 ? -6.073  5.272   3.197   1.00 13.37 ? 117 TRP A CG  1 
ATOM   920  C CD1 . TRP A 1 120 ? -5.104  5.661   2.324   1.00 14.50 ? 117 TRP A CD1 1 
ATOM   921  C CD2 . TRP A 1 120 ? -7.324  5.551   2.556   1.00 15.43 ? 117 TRP A CD2 1 
ATOM   922  N NE1 . TRP A 1 120 ? -5.661  6.198   1.191   1.00 15.77 ? 117 TRP A NE1 1 
ATOM   923  C CE2 . TRP A 1 120 ? -7.024  6.139   1.299   1.00 15.41 ? 117 TRP A CE2 1 
ATOM   924  C CE3 . TRP A 1 120 ? -8.665  5.355   2.913   1.00 16.39 ? 117 TRP A CE3 1 
ATOM   925  C CZ2 . TRP A 1 120 ? -8.019  6.540   0.402   1.00 17.72 ? 117 TRP A CZ2 1 
ATOM   926  C CZ3 . TRP A 1 120 ? -9.673  5.754   1.997   1.00 17.35 ? 117 TRP A CZ3 1 
ATOM   927  C CH2 . TRP A 1 120 ? -9.342  6.352   0.788   1.00 18.61 ? 117 TRP A CH2 1 
ATOM   928  N N   . PRO A 1 121 ? -7.224  4.858   7.524   1.00 11.01 ? 118 PRO A N   1 
ATOM   929  C CA  . PRO A 1 121 ? -7.386  4.301   8.849   1.00 11.07 ? 118 PRO A CA  1 
ATOM   930  C C   . PRO A 1 121 ? -7.224  2.786   8.955   1.00 11.15 ? 118 PRO A C   1 
ATOM   931  O O   . PRO A 1 121 ? -6.967  2.261   10.054  1.00 11.29 ? 118 PRO A O   1 
ATOM   932  C CB  . PRO A 1 121 ? -8.810  4.659   9.218   1.00 12.24 ? 118 PRO A CB  1 
ATOM   933  C CG  . PRO A 1 121 ? -9.465  5.090   8.014   1.00 12.72 ? 118 PRO A CG  1 
ATOM   934  C CD  . PRO A 1 121 ? -8.398  5.637   7.100   1.00 11.45 ? 118 PRO A CD  1 
ATOM   935  N N   . ASP A 1 122 ? -7.352  2.071   7.834   1.00 10.22 ? 119 ASP A N   1 
ATOM   936  C CA  . ASP A 1 122 ? -7.129  0.616   7.900   1.00 10.48 ? 119 ASP A CA  1 
ATOM   937  C C   . ASP A 1 122 ? -5.675  0.275   8.234   1.00 9.61  ? 119 ASP A C   1 
ATOM   938  O O   . ASP A 1 122 ? -5.377  -0.798  8.739   1.00 9.59  ? 119 ASP A O   1 
ATOM   939  C CB  . ASP A 1 122 ? -7.486  -0.075  6.573   1.00 10.62 ? 119 ASP A CB  1 
ATOM   940  C CG  . ASP A 1 122 ? -6.800  0.557   5.379   1.00 11.56 ? 119 ASP A CG  1 
ATOM   941  O OD1 . ASP A 1 122 ? -7.170  1.706   5.106   1.00 12.89 ? 119 ASP A OD1 1 
ATOM   942  O OD2 . ASP A 1 122 ? -5.980  -0.120  4.764   1.00 12.22 ? 119 ASP A OD2 1 
ATOM   943  N N   . ASP A 1 123 ? -4.734  1.164   7.903   1.00 10.00 ? 120 ASP A N   1 
ATOM   944  C CA  . ASP A 1 123 ? -3.313  0.875   8.078   1.00 10.25 ? 120 ASP A CA  1 
ATOM   945  C C   . ASP A 1 123 ? -2.969  0.550   9.534   1.00 10.50 ? 120 ASP A C   1 
ATOM   946  O O   . ASP A 1 123 ? -2.121  -0.267  9.770   1.00 10.09 ? 120 ASP A O   1 
ATOM   947  C CB  . ASP A 1 123 ? -2.452  2.037   7.598   1.00 11.33 ? 120 ASP A CB  1 
ATOM   948  C CG  . ASP A 1 123 ? -2.567  2.293   6.114   1.00 12.88 ? 120 ASP A CG  1 
ATOM   949  O OD1 . ASP A 1 123 ? -3.492  1.804   5.451   1.00 14.78 ? 120 ASP A OD1 1 
ATOM   950  O OD2 . ASP A 1 123 ? -1.716  2.978   5.592   1.00 14.16 ? 120 ASP A OD2 1 
ATOM   951  N N   . SER A 1 124 ? -3.670  1.178   10.466  1.00 10.06 ? 121 SER A N   1 
ATOM   952  C CA  . SER A 1 124 ? -3.455  0.926   11.924  1.00 11.43 ? 121 SER A CA  1 
ATOM   953  C C   . SER A 1 124 ? -3.683  -0.529  12.271  1.00 11.67 ? 121 SER A C   1 
ATOM   954  O O   . SER A 1 124 ? -3.096  -1.026  13.224  1.00 12.48 ? 121 SER A O   1 
ATOM   955  C CB  . SER A 1 124 ? -4.377  1.826   12.750  1.00 13.43 ? 121 SER A CB  1 
ATOM   956  O OG  . SER A 1 124 ? -3.978  3.183   12.554  1.00 18.82 ? 121 SER A OG  1 
ATOM   957  N N   . TYR A 1 125 ? -4.524  -1.220  11.486  1.00 11.44 ? 122 TYR A N   1 
ATOM   958  C CA  . TYR A 1 125 ? -4.824  -2.616  11.708  1.00 12.09 ? 122 TYR A CA  1 
ATOM   959  C C   . TYR A 1 125 ? -3.795  -3.546  11.135  1.00 11.76 ? 122 TYR A C   1 
ATOM   960  O O   . TYR A 1 125 ? -3.359  -4.450  11.816  1.00 12.29 ? 122 TYR A O   1 
ATOM   961  C CB  . TYR A 1 125 ? -6.198  -2.979  11.148  1.00 12.90 ? 122 TYR A CB  1 
ATOM   962  C CG  . TYR A 1 125 ? -7.321  -2.264  11.862  1.00 16.07 ? 122 TYR A CG  1 
ATOM   963  C CD1 . TYR A 1 125 ? -7.769  -1.025  11.452  1.00 15.84 ? 122 TYR A CD1 1 
ATOM   964  C CD2 . TYR A 1 125 ? -7.937  -2.880  12.923  1.00 20.70 ? 122 TYR A CD2 1 
ATOM   965  C CE1 . TYR A 1 125 ? -8.820  -0.373  12.101  1.00 18.84 ? 122 TYR A CE1 1 
ATOM   966  C CE2 . TYR A 1 125 ? -8.978  -2.263  13.570  1.00 22.28 ? 122 TYR A CE2 1 
ATOM   967  C CZ  . TYR A 1 125 ? -9.412  -1.014  13.134  1.00 21.29 ? 122 TYR A CZ  1 
ATOM   968  O OH  . TYR A 1 125 ? -10.466 -0.420  13.823  1.00 28.28 ? 122 TYR A OH  1 
ATOM   969  N N   . TRP A 1 126 ? -3.407  -3.380  9.863   1.00 11.13 ? 123 TRP A N   1 
ATOM   970  C CA  . TRP A 1 126 ? -2.513  -4.342  9.227   1.00 11.21 ? 123 TRP A CA  1 
ATOM   971  C C   . TRP A 1 126 ? -1.053  -3.980  9.149   1.00 11.52 ? 123 TRP A C   1 
ATOM   972  O O   . TRP A 1 126 ? -0.214  -4.855  8.964   1.00 11.61 ? 123 TRP A O   1 
ATOM   973  C CB  . TRP A 1 126 ? -3.011  -4.681  7.821   1.00 11.43 ? 123 TRP A CB  1 
ATOM   974  C CG  . TRP A 1 126 ? -3.117  -3.515  6.864   1.00 10.89 ? 123 TRP A CG  1 
ATOM   975  C CD1 . TRP A 1 126 ? -4.235  -2.759  6.602   1.00 10.83 ? 123 TRP A CD1 1 
ATOM   976  C CD2 . TRP A 1 126 ? -2.103  -3.003  6.051   1.00 11.14 ? 123 TRP A CD2 1 
ATOM   977  N NE1 . TRP A 1 126 ? -3.970  -1.823  5.684   1.00 10.41 ? 123 TRP A NE1 1 
ATOM   978  C CE2 . TRP A 1 126 ? -2.672  -1.941  5.299   1.00 11.03 ? 123 TRP A CE2 1 
ATOM   979  C CE3 . TRP A 1 126 ? -0.766  -3.341  5.847   1.00 11.57 ? 123 TRP A CE3 1 
ATOM   980  C CZ2 . TRP A 1 126 ? -1.938  -1.185  4.389   1.00 12.47 ? 123 TRP A CZ2 1 
ATOM   981  C CZ3 . TRP A 1 126 ? -0.042  -2.616  4.941   1.00 13.04 ? 123 TRP A CZ3 1 
ATOM   982  C CH2 . TRP A 1 126 ? -0.635  -1.537  4.220   1.00 13.59 ? 123 TRP A CH2 1 
ATOM   983  N N   . PHE A 1 127 ? -0.703  -2.704  9.262   1.00 11.97 ? 124 PHE A N   1 
ATOM   984  C CA  . PHE A 1 127 ? 0.726   -2.349  9.264   1.00 13.65 ? 124 PHE A CA  1 
ATOM   985  C C   . PHE A 1 127 ? 1.549   -3.093  10.320  1.00 14.17 ? 124 PHE A C   1 
ATOM   986  O O   . PHE A 1 127 ? 2.664   -3.558  10.004  1.00 15.34 ? 124 PHE A O   1 
ATOM   987  C CB  . PHE A 1 127 ? 0.891   -0.841  9.419   1.00 15.82 ? 124 PHE A CB  1 
ATOM   988  C CG  . PHE A 1 127 ? 1.754   -0.231  8.398   1.00 17.27 ? 124 PHE A CG  1 
ATOM   989  C CD1 . PHE A 1 127 ? 1.273   0.057   7.126   1.00 20.84 ? 124 PHE A CD1 1 
ATOM   990  C CD2 . PHE A 1 127 ? 3.058   0.068   8.716   1.00 19.55 ? 124 PHE A CD2 1 
ATOM   991  C CE1 . PHE A 1 127 ? 2.112   0.666   6.213   1.00 23.29 ? 124 PHE A CE1 1 
ATOM   992  C CE2 . PHE A 1 127 ? 3.904   0.668   7.792   1.00 23.24 ? 124 PHE A CE2 1 
ATOM   993  C CZ  . PHE A 1 127 ? 3.418   0.952   6.545   1.00 21.67 ? 124 PHE A CZ  1 
ATOM   994  N N   . PRO A 1 128 ? 1.044   -3.207  11.551  1.00 13.48 ? 125 PRO A N   1 
ATOM   995  C CA  . PRO A 1 128 ? 1.773   -3.985  12.561  1.00 15.59 ? 125 PRO A CA  1 
ATOM   996  C C   . PRO A 1 128 ? 2.052   -5.427  12.162  1.00 15.71 ? 125 PRO A C   1 
ATOM   997  O O   . PRO A 1 128 ? 3.113   -5.993  12.531  1.00 17.60 ? 125 PRO A O   1 
ATOM   998  C CB  . PRO A 1 128 ? 0.879   -3.889  13.816  1.00 15.99 ? 125 PRO A CB  1 
ATOM   999  C CG  . PRO A 1 128 ? 0.110   -2.615  13.605  1.00 17.21 ? 125 PRO A CG  1 
ATOM   1000 C CD  . PRO A 1 128 ? -0.149  -2.543  12.127  1.00 15.61 ? 125 PRO A CD  1 
ATOM   1001 N N   . LEU A 1 129 ? 1.166   -6.036  11.377  1.00 14.71 ? 126 LEU A N   1 
ATOM   1002 C CA  . LEU A 1 129 ? 1.411   -7.381  10.846  1.00 14.38 ? 126 LEU A CA  1 
ATOM   1003 C C   . LEU A 1 129 ? 2.497   -7.339  9.824   1.00 14.59 ? 126 LEU A C   1 
ATOM   1004 O O   . LEU A 1 129 ? 3.411   -8.148  9.876   1.00 15.00 ? 126 LEU A O   1 
ATOM   1005 C CB  . LEU A 1 129 ? 0.114   -7.978  10.250  1.00 14.67 ? 126 LEU A CB  1 
ATOM   1006 C CG  . LEU A 1 129 ? -1.126  -8.064  11.159  1.00 15.97 ? 126 LEU A CG  1 
ATOM   1007 C CD1 . LEU A 1 129 ? -2.256  -8.753  10.429  1.00 16.62 ? 126 LEU A CD1 1 
ATOM   1008 C CD2 . LEU A 1 129 ? -0.813  -8.823  12.443  1.00 18.02 ? 126 LEU A CD2 1 
ATOM   1009 N N   . LEU A 1 130 ? 2.445   -6.355  8.894   1.00 15.13 ? 127 LEU A N   1 
ATOM   1010 C CA  . LEU A 1 130 ? 3.509   -6.239  7.889   1.00 17.55 ? 127 LEU A CA  1 
ATOM   1011 C C   . LEU A 1 130 ? 4.883   -6.084  8.542   1.00 17.45 ? 127 LEU A C   1 
ATOM   1012 O O   . LEU A 1 130 ? 5.834   -6.777  8.148   1.00 17.93 ? 127 LEU A O   1 
ATOM   1013 C CB  . LEU A 1 130 ? 3.193   -5.070  6.940   1.00 18.21 ? 127 LEU A CB  1 
ATOM   1014 C CG  . LEU A 1 130 ? 4.082   -4.995  5.687   1.00 21.55 ? 127 LEU A CG  1 
ATOM   1015 C CD1 . LEU A 1 130 ? 3.293   -4.632  4.443   1.00 22.69 ? 127 LEU A CD1 1 
ATOM   1016 C CD2 . LEU A 1 130 ? 5.104   -3.941  5.939   1.00 23.97 ? 127 LEU A CD2 1 
ATOM   1017 N N   . LEU A 1 131 ? 4.948   -5.292  9.589   1.00 16.82 ? 128 LEU A N   1 
ATOM   1018 C CA  . LEU A 1 131 ? 6.227   -5.001  10.288  1.00 19.20 ? 128 LEU A CA  1 
ATOM   1019 C C   . LEU A 1 131 ? 6.807   -6.213  11.001  1.00 21.29 ? 128 LEU A C   1 
ATOM   1020 O O   . LEU A 1 131 ? 8.015   -6.248  11.236  1.00 21.16 ? 128 LEU A O   1 
ATOM   1021 C CB  . LEU A 1 131 ? 6.067   -3.860  11.255  1.00 20.34 ? 128 LEU A CB  1 
ATOM   1022 C CG  . LEU A 1 131 ? 5.778   -2.507  10.586  1.00 20.62 ? 128 LEU A CG  1 
ATOM   1023 C CD1 . LEU A 1 131 ? 5.607   -1.498  11.711  1.00 22.29 ? 128 LEU A CD1 1 
ATOM   1024 C CD2 . LEU A 1 131 ? 6.856   -2.116  9.593   1.00 22.04 ? 128 LEU A CD2 1 
ATOM   1025 N N   . GLN A 1 132 ? 5.945   -7.169  11.370  1.00 18.75 ? 129 GLN A N   1 
ATOM   1026 C CA  . GLN A 1 132 ? 6.357   -8.386  12.063  1.00 20.09 ? 129 GLN A CA  1 
ATOM   1027 C C   . GLN A 1 132 ? 6.512   -9.545  11.078  1.00 19.15 ? 129 GLN A C   1 
ATOM   1028 O O   . GLN A 1 132 ? 6.605   -10.692 11.487  1.00 18.97 ? 129 GLN A O   1 
ATOM   1029 C CB  . GLN A 1 132 ? 5.319   -8.658  13.161  1.00 21.95 ? 129 GLN A CB  1 
ATOM   1030 C CG  . GLN A 1 132 ? 5.554   -9.819  14.101  1.00 26.33 ? 129 GLN A CG  1 
ATOM   1031 C CD  . GLN A 1 132 ? 4.571   -9.833  15.257  1.00 28.42 ? 129 GLN A CD  1 
ATOM   1032 O OE1 . GLN A 1 132 ? 3.995   -8.786  15.617  1.00 27.61 ? 129 GLN A OE1 1 
ATOM   1033 N NE2 . GLN A 1 132 ? 4.383   -11.026 15.870  1.00 28.56 ? 129 GLN A NE2 1 
ATOM   1034 N N   . LYS A 1 133 ? 6.547   -9.238  9.784   1.00 19.08 ? 130 LYS A N   1 
ATOM   1035 C CA  . LYS A 1 133 ? 6.747   -10.184 8.699   1.00 21.59 ? 130 LYS A CA  1 
ATOM   1036 C C   . LYS A 1 133 ? 5.628   -11.234 8.627   1.00 21.02 ? 130 LYS A C   1 
ATOM   1037 O O   . LYS A 1 133 ? 5.858   -12.396 8.236   1.00 22.29 ? 130 LYS A O   1 
ATOM   1038 C CB  . LYS A 1 133 ? 8.125   -10.845 8.813   1.00 23.90 ? 130 LYS A CB  1 
ATOM   1039 C CG  . LYS A 1 133 ? 9.274   -9.866  8.691   1.00 27.67 ? 130 LYS A CG  1 
ATOM   1040 C CD  . LYS A 1 133 ? 10.562  -10.639 8.424   1.00 32.81 ? 130 LYS A CD  1 
ATOM   1041 C CE  . LYS A 1 133 ? 10.711  -11.092 6.964   1.00 38.07 ? 130 LYS A CE  1 
ATOM   1042 N NZ  . LYS A 1 133 ? 11.067  -9.968  6.029   1.00 41.33 ? 130 LYS A NZ  1 
ATOM   1043 N N   . LYS A 1 134 ? 4.405   -10.833 8.987   1.00 17.32 ? 131 LYS A N   1 
ATOM   1044 C CA  . LYS A 1 134 ? 3.271   -11.697 8.873   1.00 16.72 ? 131 LYS A CA  1 
ATOM   1045 C C   . LYS A 1 134 ? 2.573   -11.409 7.541   1.00 16.74 ? 131 LYS A C   1 
ATOM   1046 O O   . LYS A 1 134 ? 2.723   -10.298 6.957   1.00 19.11 ? 131 LYS A O   1 
ATOM   1047 C CB  . LYS A 1 134 ? 2.321   -11.489 10.032  1.00 18.67 ? 131 LYS A CB  1 
ATOM   1048 C CG  . LYS A 1 134 ? 2.939   -11.717 11.417  1.00 21.80 ? 131 LYS A CG  1 
ATOM   1049 C CD  . LYS A 1 134 ? 1.882   -11.444 12.455  1.00 25.37 ? 131 LYS A CD  1 
ATOM   1050 C CE  . LYS A 1 134 ? 2.020   -12.216 13.765  1.00 25.87 ? 131 LYS A CE  1 
ATOM   1051 N NZ  . LYS A 1 134 ? 0.987   -11.819 14.799  1.00 24.39 ? 131 LYS A NZ  1 
ATOM   1052 N N   . LYS A 1 135 ? 1.862   -12.408 7.039   1.00 14.89 ? 132 LYS A N   1 
ATOM   1053 C CA  . LYS A 1 135 ? 1.042   -12.262 5.831   1.00 13.85 ? 132 LYS A CA  1 
ATOM   1054 C C   . LYS A 1 135 ? -0.390  -12.234 6.213   1.00 12.53 ? 132 LYS A C   1 
ATOM   1055 O O   . LYS A 1 135 ? -0.764  -12.798 7.235   1.00 12.95 ? 132 LYS A O   1 
ATOM   1056 C CB  . LYS A 1 135 ? 1.309   -13.410 4.864   1.00 15.27 ? 132 LYS A CB  1 
ATOM   1057 C CG  . LYS A 1 135 ? 2.717   -13.356 4.303   1.00 17.93 ? 132 LYS A CG  1 
ATOM   1058 C CD  . LYS A 1 135 ? 3.122   -14.554 3.493   1.00 21.70 ? 132 LYS A CD  1 
ATOM   1059 C CE  . LYS A 1 135 ? 4.587   -14.409 3.105   1.00 26.25 ? 132 LYS A CE  1 
ATOM   1060 N NZ  . LYS A 1 135 ? 4.987   -15.424 2.106   1.00 30.96 ? 132 LYS A NZ  1 
ATOM   1061 N N   . PHE A 1 136 ? -1.233  -11.571 5.423   1.00 11.65 ? 133 PHE A N   1 
ATOM   1062 C CA  . PHE A 1 136 ? -2.627  -11.406 5.845   1.00 12.13 ? 133 PHE A CA  1 
ATOM   1063 C C   . PHE A 1 136 ? -3.639  -11.284 4.702   1.00 11.28 ? 133 PHE A C   1 
ATOM   1064 O O   . PHE A 1 136 ? -3.260  -10.951 3.585   1.00 10.83 ? 133 PHE A O   1 
ATOM   1065 C CB  . PHE A 1 136 ? -2.716  -10.170 6.727   1.00 12.27 ? 133 PHE A CB  1 
ATOM   1066 C CG  . PHE A 1 136 ? -2.206  -8.915  6.066   1.00 12.46 ? 133 PHE A CG  1 
ATOM   1067 C CD1 . PHE A 1 136 ? -3.032  -8.130  5.235   1.00 13.33 ? 133 PHE A CD1 1 
ATOM   1068 C CD2 . PHE A 1 136 ? -0.887  -8.524  6.243   1.00 14.08 ? 133 PHE A CD2 1 
ATOM   1069 C CE1 . PHE A 1 136 ? -2.519  -7.018  4.609   1.00 13.73 ? 133 PHE A CE1 1 
ATOM   1070 C CE2 . PHE A 1 136 ? -0.369  -7.397  5.623   1.00 14.99 ? 133 PHE A CE2 1 
ATOM   1071 C CZ  . PHE A 1 136 ? -1.201  -6.633  4.801   1.00 14.43 ? 133 PHE A CZ  1 
ATOM   1072 N N   . HIS A 1 137 ? -4.901  -11.596 5.026   1.00 10.73 ? 134 HIS A N   1 
ATOM   1073 C CA  . HIS A 1 137 ? -6.071  -11.343 4.203   1.00 11.39 ? 134 HIS A CA  1 
ATOM   1074 C C   . HIS A 1 137 ? -6.964  -10.444 4.985   1.00 12.17 ? 134 HIS A C   1 
ATOM   1075 O O   . HIS A 1 137 ? -7.291  -10.729 6.169   1.00 12.97 ? 134 HIS A O   1 
ATOM   1076 C CB  . HIS A 1 137 ? -6.850  -12.587 3.846   1.00 12.27 ? 134 HIS A CB  1 
ATOM   1077 C CG  . HIS A 1 137 ? -6.179  -13.459 2.847   1.00 13.56 ? 134 HIS A CG  1 
ATOM   1078 N ND1 . HIS A 1 137 ? -6.680  -14.699 2.511   1.00 17.78 ? 134 HIS A ND1 1 
ATOM   1079 C CD2 . HIS A 1 137 ? -5.072  -13.284 2.089   1.00 15.73 ? 134 HIS A CD2 1 
ATOM   1080 C CE1 . HIS A 1 137 ? -5.901  -15.252 1.600   1.00 18.18 ? 134 HIS A CE1 1 
ATOM   1081 N NE2 . HIS A 1 137 ? -4.934  -14.406 1.303   1.00 18.86 ? 134 HIS A NE2 1 
ATOM   1082 N N   . GLY A 1 138 ? -7.408  -9.366  4.344   1.00 11.47 ? 135 GLY A N   1 
ATOM   1083 C CA  . GLY A 1 138 ? -8.266  -8.388  5.021   1.00 11.60 ? 135 GLY A CA  1 
ATOM   1084 C C   . GLY A 1 138 ? -9.444  -7.935  4.159   1.00 11.22 ? 135 GLY A C   1 
ATOM   1085 O O   . GLY A 1 138 ? -9.430  -8.063  2.923   1.00 10.38 ? 135 GLY A O   1 
ATOM   1086 N N   . TYR A 1 139 ? -10.440 -7.352  4.836   1.00 11.10 ? 136 TYR A N   1 
ATOM   1087 C CA  . TYR A 1 139 ? -11.588 -6.753  4.188   1.00 12.27 ? 136 TYR A CA  1 
ATOM   1088 C C   . TYR A 1 139 ? -11.985 -5.601  5.046   1.00 11.18 ? 136 TYR A C   1 
ATOM   1089 O O   . TYR A 1 139 ? -12.163 -5.760  6.245   1.00 12.64 ? 136 TYR A O   1 
ATOM   1090 C CB  . TYR A 1 139 ? -12.753 -7.755  4.092   1.00 14.22 ? 136 TYR A CB  1 
ATOM   1091 C CG  . TYR A 1 139 ? -14.089 -7.094  3.933   1.00 16.44 ? 136 TYR A CG  1 
ATOM   1092 C CD1 . TYR A 1 139 ? -14.484 -6.634  2.714   1.00 17.10 ? 136 TYR A CD1 1 
ATOM   1093 C CD2 . TYR A 1 139 ? -14.941 -6.877  5.024   1.00 18.33 ? 136 TYR A CD2 1 
ATOM   1094 C CE1 . TYR A 1 139 ? -15.690 -5.989  2.537   1.00 16.19 ? 136 TYR A CE1 1 
ATOM   1095 C CE2 . TYR A 1 139 ? -16.176 -6.244  4.847   1.00 19.16 ? 136 TYR A CE2 1 
ATOM   1096 C CZ  . TYR A 1 139 ? -16.533 -5.823  3.580   1.00 20.58 ? 136 TYR A CZ  1 
ATOM   1097 O OH  . TYR A 1 139 ? -17.752 -5.221  3.358   1.00 24.02 ? 136 TYR A OH  1 
ATOM   1098 N N   . PHE A 1 140 ? -12.219 -4.459  4.441   1.00 9.29  ? 137 PHE A N   1 
ATOM   1099 C CA  . PHE A 1 140 ? -12.635 -3.276  5.164   1.00 9.38  ? 137 PHE A CA  1 
ATOM   1100 C C   . PHE A 1 140 ? -13.768 -2.637  4.407   1.00 9.70  ? 137 PHE A C   1 
ATOM   1101 O O   . PHE A 1 140 ? -13.652 -2.358  3.216   1.00 9.73  ? 137 PHE A O   1 
ATOM   1102 C CB  . PHE A 1 140 ? -11.494 -2.250  5.300   1.00 9.51  ? 137 PHE A CB  1 
ATOM   1103 C CG  . PHE A 1 140 ? -10.380 -2.718  6.187   1.00 9.59  ? 137 PHE A CG  1 
ATOM   1104 C CD1 . PHE A 1 140 ? -9.372  -3.533  5.699   1.00 10.21 ? 137 PHE A CD1 1 
ATOM   1105 C CD2 . PHE A 1 140 ? -10.340 -2.311  7.483   1.00 9.57  ? 137 PHE A CD2 1 
ATOM   1106 C CE1 . PHE A 1 140 ? -8.354  -4.007  6.549   1.00 10.60 ? 137 PHE A CE1 1 
ATOM   1107 C CE2 . PHE A 1 140 ? -9.375  -2.783  8.336   1.00 10.22 ? 137 PHE A CE2 1 
ATOM   1108 C CZ  . PHE A 1 140 ? -8.373  -3.595  7.867   1.00 10.53 ? 137 PHE A CZ  1 
ATOM   1109 N N   . LYS A 1 141 ? -14.842 -2.340  5.147   1.00 9.37  ? 138 LYS A N   1 
ATOM   1110 C CA  . LYS A 1 141 ? -16.003 -1.631  4.614   1.00 10.42 ? 138 LYS A CA  1 
ATOM   1111 C C   . LYS A 1 141 ? -15.982 -0.226  5.139   1.00 10.27 ? 138 LYS A C   1 
ATOM   1112 O O   . LYS A 1 141 ? -16.031 -0.026  6.374   1.00 10.35 ? 138 LYS A O   1 
ATOM   1113 C CB  . LYS A 1 141 ? -17.308 -2.355  5.060   1.00 12.49 ? 138 LYS A CB  1 
ATOM   1114 C CG  . LYS A 1 141 ? -18.573 -1.602  4.606   1.00 14.65 ? 138 LYS A CG  1 
ATOM   1115 C CD  . LYS A 1 141 ? -19.892 -2.232  5.096   1.00 18.83 ? 138 LYS A CD  1 
ATOM   1116 C CE  . LYS A 1 141 ? -20.075 -3.711  4.892   1.00 21.57 ? 138 LYS A CE  1 
ATOM   1117 N NZ  . LYS A 1 141 ? -21.290 -4.119  5.701   1.00 23.07 ? 138 LYS A NZ  1 
ATOM   1118 N N   . PHE A 1 142 ? -15.901 0.738   4.224   1.00 9.74  ? 139 PHE A N   1 
ATOM   1119 C CA  . PHE A 1 142 ? -15.819 2.150   4.556   1.00 11.16 ? 139 PHE A CA  1 
ATOM   1120 C C   . PHE A 1 142 ? -17.120 2.869   4.239   1.00 12.49 ? 139 PHE A C   1 
ATOM   1121 O O   . PHE A 1 142 ? -17.778 2.518   3.279   1.00 13.23 ? 139 PHE A O   1 
ATOM   1122 C CB  . PHE A 1 142 ? -14.733 2.799   3.684   1.00 11.55 ? 139 PHE A CB  1 
ATOM   1123 C CG  . PHE A 1 142 ? -13.351 2.696   4.210   1.00 11.72 ? 139 PHE A CG  1 
ATOM   1124 C CD1 . PHE A 1 142 ? -12.594 1.585   4.023   1.00 13.05 ? 139 PHE A CD1 1 
ATOM   1125 C CD2 . PHE A 1 142 ? -12.763 3.807   4.795   1.00 12.77 ? 139 PHE A CD2 1 
ATOM   1126 C CE1 . PHE A 1 142 ? -11.285 1.495   4.519   1.00 12.53 ? 139 PHE A CE1 1 
ATOM   1127 C CE2 . PHE A 1 142 ? -11.427 3.749   5.254   1.00 13.07 ? 139 PHE A CE2 1 
ATOM   1128 C CZ  . PHE A 1 142 ? -10.694 2.585   5.096   1.00 12.00 ? 139 PHE A CZ  1 
ATOM   1129 N N   . GLN A 1 143 ? -17.424 3.876   5.041   1.00 13.22 ? 140 GLN A N   1 
ATOM   1130 C CA  . GLN A 1 143 ? -18.431 4.868   4.699   1.00 15.90 ? 140 GLN A CA  1 
ATOM   1131 C C   . GLN A 1 143 ? -17.710 6.182   4.541   1.00 16.17 ? 140 GLN A C   1 
ATOM   1132 O O   . GLN A 1 143 ? -17.167 6.710   5.486   1.00 18.34 ? 140 GLN A O   1 
ATOM   1133 C CB  . GLN A 1 143 ? -19.535 4.953   5.773   1.00 18.93 ? 140 GLN A CB  1 
ATOM   1134 C CG  . GLN A 1 143 ? -20.744 5.804   5.286   1.00 21.94 ? 140 GLN A CG  1 
ATOM   1135 C CD  . GLN A 1 143 ? -22.061 5.382   5.932   1.00 26.50 ? 140 GLN A CD  1 
ATOM   1136 O OE1 . GLN A 1 143 ? -22.122 5.211   7.133   1.00 32.88 ? 140 GLN A OE1 1 
ATOM   1137 N NE2 . GLN A 1 143 ? -23.138 5.283   5.134   1.00 32.27 ? 140 GLN A NE2 1 
ATOM   1138 N N   . GLY A 1 144 ? -17.622 6.645   3.307   1.00 16.04 ? 141 GLY A N   1 
ATOM   1139 C CA  . GLY A 1 144 ? -16.725 7.720   2.958   1.00 17.71 ? 141 GLY A CA  1 
ATOM   1140 C C   . GLY A 1 144 ? -15.290 7.300   3.166   1.00 18.17 ? 141 GLY A C   1 
ATOM   1141 O O   . GLY A 1 144 ? -15.006 6.099   3.248   1.00 22.07 ? 141 GLY A O   1 
ATOM   1142 N N   . GLN A 1 145 ? -14.378 8.257   3.265   1.00 18.57 ? 142 GLN A N   1 
ATOM   1143 C CA  . GLN A 1 145 ? -12.942 7.876   3.354   1.00 19.46 ? 142 GLN A CA  1 
ATOM   1144 C C   . GLN A 1 145 ? -12.361 7.818   4.762   1.00 18.95 ? 142 GLN A C   1 
ATOM   1145 O O   . GLN A 1 145 ? -11.204 7.414   4.919   1.00 18.13 ? 142 GLN A O   1 
ATOM   1146 C CB  . GLN A 1 145 ? -12.088 8.774   2.480   1.00 23.55 ? 142 GLN A CB  1 
ATOM   1147 C CG  . GLN A 1 145 ? -12.536 8.694   1.024   1.00 26.10 ? 142 GLN A CG  1 
ATOM   1148 C CD  . GLN A 1 145 ? -11.678 9.495   0.037   1.00 30.91 ? 142 GLN A CD  1 
ATOM   1149 O OE1 . GLN A 1 145 ? -10.736 10.185  0.409   1.00 31.46 ? 142 GLN A OE1 1 
ATOM   1150 N NE2 . GLN A 1 145 ? -12.021 9.379   -1.253  1.00 33.98 ? 142 GLN A NE2 1 
ATOM   1151 N N   . ASP A 1 146 ? -13.141 8.181   5.786   1.00 17.43 ? 143 ASP A N   1 
ATOM   1152 C CA  . ASP A 1 146 ? -12.613 8.284   7.134   1.00 19.16 ? 143 ASP A CA  1 
ATOM   1153 C C   . ASP A 1 146 ? -13.184 7.259   8.102   1.00 18.10 ? 143 ASP A C   1 
ATOM   1154 O O   . ASP A 1 146 ? -12.632 7.141   9.216   1.00 18.74 ? 143 ASP A O   1 
ATOM   1155 C CB  . ASP A 1 146 ? -12.898 9.673   7.695   1.00 21.93 ? 143 ASP A CB  1 
ATOM   1156 C CG  . ASP A 1 146 ? -12.273 10.781  6.882   1.00 26.55 ? 143 ASP A CG  1 
ATOM   1157 O OD1 . ASP A 1 146 ? -11.255 10.564  6.174   1.00 25.90 ? 143 ASP A OD1 1 
ATOM   1158 O OD2 . ASP A 1 146 ? -12.836 11.892  6.948   1.00 31.93 ? 143 ASP A OD2 1 
ATOM   1159 N N   . THR A 1 147 ? -14.253 6.529   7.706   1.00 15.05 ? 144 THR A N   1 
ATOM   1160 C CA  . THR A 1 147 ? -14.965 5.705   8.666   1.00 14.06 ? 144 THR A CA  1 
ATOM   1161 C C   . THR A 1 147 ? -14.972 4.258   8.265   1.00 12.45 ? 144 THR A C   1 
ATOM   1162 O O   . THR A 1 147 ? -15.495 3.917   7.202   1.00 12.25 ? 144 THR A O   1 
ATOM   1163 C CB  . THR A 1 147 ? -16.423 6.187   8.851   1.00 15.26 ? 144 THR A CB  1 
ATOM   1164 O OG1 . THR A 1 147 ? -16.389 7.560   9.209   1.00 17.20 ? 144 THR A OG1 1 
ATOM   1165 C CG2 . THR A 1 147 ? -17.161 5.373   9.941   1.00 15.12 ? 144 THR A CG2 1 
ATOM   1166 N N   . ILE A 1 148 ? -14.405 3.412   9.122   1.00 11.11 ? 145 ILE A N   1 
ATOM   1167 C CA  . ILE A 1 148 ? -14.519 1.951   8.962   1.00 10.71 ? 145 ILE A CA  1 
ATOM   1168 C C   . ILE A 1 148 ? -15.777 1.454   9.676   1.00 11.12 ? 145 ILE A C   1 
ATOM   1169 O O   . ILE A 1 148 ? -15.897 1.612   10.885  1.00 11.18 ? 145 ILE A O   1 
ATOM   1170 C CB  . ILE A 1 148 ? -13.256 1.229   9.467   1.00 11.04 ? 145 ILE A CB  1 
ATOM   1171 C CG1 . ILE A 1 148 ? -12.052 1.648   8.618   1.00 12.39 ? 145 ILE A CG1 1 
ATOM   1172 C CG2 . ILE A 1 148 ? -13.426 -0.265  9.417   1.00 11.19 ? 145 ILE A CG2 1 
ATOM   1173 C CD1 . ILE A 1 148 ? -10.735 1.241   9.252   1.00 13.07 ? 145 ILE A CD1 1 
ATOM   1174 N N   . LEU A 1 149 ? -16.722 0.943   8.913   1.00 10.90 ? 146 LEU A N   1 
ATOM   1175 C CA  . LEU A 1 149 ? -17.969 0.390   9.482   1.00 12.83 ? 146 LEU A CA  1 
ATOM   1176 C C   . LEU A 1 149 ? -17.720 -0.981  10.052  1.00 14.05 ? 146 LEU A C   1 
ATOM   1177 O O   . LEU A 1 149 ? -18.236 -1.281  11.133  1.00 16.52 ? 146 LEU A O   1 
ATOM   1178 C CB  . LEU A 1 149 ? -19.055 0.315   8.462   1.00 12.88 ? 146 LEU A CB  1 
ATOM   1179 C CG  . LEU A 1 149 ? -19.505 1.652   7.879   1.00 14.05 ? 146 LEU A CG  1 
ATOM   1180 C CD1 . LEU A 1 149 ? -20.540 1.331   6.844   1.00 15.47 ? 146 LEU A CD1 1 
ATOM   1181 C CD2 . LEU A 1 149 ? -20.038 2.615   8.944   1.00 15.40 ? 146 LEU A CD2 1 
ATOM   1182 N N   . ASP A 1 150 ? -17.025 -1.841  9.313   1.00 13.95 ? 147 ASP A N   1 
ATOM   1183 C CA  . ASP A 1 150 ? -16.666 -3.175  9.754   1.00 14.76 ? 147 ASP A CA  1 
ATOM   1184 C C   . ASP A 1 150 ? -15.506 -3.717  8.968   1.00 12.64 ? 147 ASP A C   1 
ATOM   1185 O O   . ASP A 1 150 ? -15.127 -3.167  7.958   1.00 11.94 ? 147 ASP A O   1 
ATOM   1186 C CB  . ASP A 1 150 ? -17.805 -4.211  9.770   1.00 20.26 ? 147 ASP A CB  1 
ATOM   1187 C CG  . ASP A 1 150 ? -18.552 -4.279  8.530   1.00 26.48 ? 147 ASP A CG  1 
ATOM   1188 O OD1 . ASP A 1 150 ? -18.052 -4.908  7.581   1.00 36.91 ? 147 ASP A OD1 1 
ATOM   1189 O OD2 . ASP A 1 150 ? -19.693 -3.740  8.524   1.00 36.04 ? 147 ASP A OD2 1 
ATOM   1190 N N   . TYR A 1 151 ? -14.870 -4.718  9.527   1.00 11.68 ? 148 TYR A N   1 
ATOM   1191 C CA  . TYR A 1 151 ? -13.715 -5.290  8.873   1.00 11.76 ? 148 TYR A CA  1 
ATOM   1192 C C   . TYR A 1 151 ? -13.453 -6.686  9.310   1.00 11.83 ? 148 TYR A C   1 
ATOM   1193 O O   . TYR A 1 151 ? -13.946 -7.116  10.363  1.00 13.52 ? 148 TYR A O   1 
ATOM   1194 C CB  . TYR A 1 151 ? -12.435 -4.459  9.135   1.00 11.62 ? 148 TYR A CB  1 
ATOM   1195 C CG  . TYR A 1 151 ? -11.811 -4.733  10.481  1.00 12.75 ? 148 TYR A CG  1 
ATOM   1196 C CD1 . TYR A 1 151 ? -12.393 -4.264  11.622  1.00 13.61 ? 148 TYR A CD1 1 
ATOM   1197 C CD2 . TYR A 1 151 ? -10.663 -5.475  10.601  1.00 13.11 ? 148 TYR A CD2 1 
ATOM   1198 C CE1 . TYR A 1 151 ? -11.857 -4.523  12.868  1.00 16.04 ? 148 TYR A CE1 1 
ATOM   1199 C CE2 . TYR A 1 151 ? -10.100 -5.741  11.832  1.00 14.90 ? 148 TYR A CE2 1 
ATOM   1200 C CZ  . TYR A 1 151 ? -10.694 -5.255  12.952  1.00 15.86 ? 148 TYR A CZ  1 
ATOM   1201 O OH  . TYR A 1 151 ? -10.126 -5.570  14.162  1.00 19.45 ? 148 TYR A OH  1 
ATOM   1202 N N   . THR A 1 152 ? -12.676 -7.389  8.507   1.00 12.36 ? 149 THR A N   1 
ATOM   1203 C CA  . THR A 1 152 ? -12.085 -8.645  8.947   1.00 13.37 ? 149 THR A CA  1 
ATOM   1204 C C   . THR A 1 152 ? -10.614 -8.641  8.615   1.00 12.58 ? 149 THR A C   1 
ATOM   1205 O O   . THR A 1 152 ? -10.167 -8.046  7.626   1.00 12.54 ? 149 THR A O   1 
ATOM   1206 C CB  . THR A 1 152 ? -12.751 -9.889  8.267   1.00 15.26 ? 149 THR A CB  1 
ATOM   1207 O OG1 . THR A 1 152 ? -12.504 -9.878  6.867   1.00 18.42 ? 149 THR A OG1 1 
ATOM   1208 C CG2 . THR A 1 152 ? -14.230 -9.951  8.547   1.00 16.87 ? 149 THR A CG2 1 
ATOM   1209 N N   . LEU A 1 153 ? -9.812  -9.310  9.422   1.00 11.98 ? 150 LEU A N   1 
ATOM   1210 C CA  . LEU A 1 153 ? -8.385  -9.375  9.165   1.00 12.66 ? 150 LEU A CA  1 
ATOM   1211 C C   . LEU A 1 153 ? -7.817  -10.633 9.766   1.00 14.22 ? 150 LEU A C   1 
ATOM   1212 O O   . LEU A 1 153 ? -7.954  -10.838 10.989  1.00 16.75 ? 150 LEU A O   1 
ATOM   1213 C CB  . LEU A 1 153 ? -7.677  -8.154  9.797   1.00 12.44 ? 150 LEU A CB  1 
ATOM   1214 C CG  . LEU A 1 153 ? -6.173  -8.020  9.507   1.00 12.70 ? 150 LEU A CG  1 
ATOM   1215 C CD1 . LEU A 1 153 ? -5.832  -7.934  8.021   1.00 13.03 ? 150 LEU A CD1 1 
ATOM   1216 C CD2 . LEU A 1 153 ? -5.638  -6.823  10.311  1.00 14.05 ? 150 LEU A CD2 1 
ATOM   1217 N N   . ARG A 1 154 ? -7.171  -11.444 8.956   1.00 15.42 ? 151 ARG A N   1 
ATOM   1218 C CA  . ARG A 1 154 ? -6.558  -12.652 9.498   1.00 17.05 ? 151 ARG A CA  1 
ATOM   1219 C C   . ARG A 1 154 ? -5.220  -12.917 8.919   1.00 15.80 ? 151 ARG A C   1 
ATOM   1220 O O   . ARG A 1 154 ? -4.928  -12.637 7.744   1.00 15.20 ? 151 ARG A O   1 
ATOM   1221 C CB  . ARG A 1 154 ? -7.504  -13.843 9.337   1.00 21.31 ? 151 ARG A CB  1 
ATOM   1222 C CG  . ARG A 1 154 ? -7.581  -14.445 7.976   1.00 23.99 ? 151 ARG A CG  1 
ATOM   1223 C CD  . ARG A 1 154 ? -8.647  -15.544 7.845   1.00 29.21 ? 151 ARG A CD  1 
ATOM   1224 N NE  . ARG A 1 154 ? -8.746  -15.934 6.427   1.00 32.28 ? 151 ARG A NE  1 
ATOM   1225 C CZ  . ARG A 1 154 ? -8.114  -16.961 5.861   1.00 36.22 ? 151 ARG A CZ  1 
ATOM   1226 N NH1 . ARG A 1 154 ? -8.241  -17.178 4.542   1.00 39.25 ? 151 ARG A NH1 1 
ATOM   1227 N NH2 . ARG A 1 154 ? -7.361  -17.780 6.590   1.00 37.43 ? 151 ARG A NH2 1 
ATOM   1228 N N   . GLU A 1 155 ? -4.385  -13.490 9.762   1.00 14.94 ? 152 GLU A N   1 
ATOM   1229 C CA  . GLU A 1 155 ? -3.070  -13.948 9.330   1.00 15.58 ? 152 GLU A CA  1 
ATOM   1230 C C   . GLU A 1 155 ? -3.133  -15.238 8.526   1.00 15.64 ? 152 GLU A C   1 
ATOM   1231 O O   . GLU A 1 155 ? -3.975  -16.102 8.786   1.00 16.32 ? 152 GLU A O   1 
ATOM   1232 C CB  . GLU A 1 155 ? -2.198  -14.153 10.559  1.00 18.38 ? 152 GLU A CB  1 
ATOM   1233 C CG  . GLU A 1 155 ? -1.832  -12.860 11.169  1.00 21.07 ? 152 GLU A CG  1 
ATOM   1234 C CD  . GLU A 1 155 ? -1.037  -13.027 12.436  1.00 24.23 ? 152 GLU A CD  1 
ATOM   1235 O OE1 . GLU A 1 155 ? -0.229  -13.981 12.530  1.00 27.70 ? 152 GLU A OE1 1 
ATOM   1236 O OE2 . GLU A 1 155 ? -1.208  -12.157 13.307  1.00 25.77 ? 152 GLU A OE2 1 
ATOM   1237 N N   . VAL A 1 156 ? -2.287  -15.363 7.508   1.00 13.87 ? 153 VAL A N   1 
ATOM   1238 C CA  . VAL A 1 156 ? -2.301  -16.522 6.664   1.00 14.87 ? 153 VAL A CA  1 
ATOM   1239 C C   . VAL A 1 156 ? -0.871  -16.968 6.403   1.00 15.35 ? 153 VAL A C   1 
ATOM   1240 O O   . VAL A 1 156 ? 0.059   -16.161 6.507   1.00 14.20 ? 153 VAL A O   1 
ATOM   1241 C CB  . VAL A 1 156 ? -3.017  -16.232 5.336   1.00 15.10 ? 153 VAL A CB  1 
ATOM   1242 C CG1 . VAL A 1 156 ? -4.485  -15.853 5.584   1.00 15.27 ? 153 VAL A CG1 1 
ATOM   1243 C CG2 . VAL A 1 156 ? -2.284  -15.188 4.543   1.00 15.30 ? 153 VAL A CG2 1 
ATOM   1244 N N   . ASP A 1 157 ? -0.674  -18.231 6.028   1.00 16.18 ? 154 ASP A N   1 
ATOM   1245 C CA  . ASP A 1 157 ? 0.652   -18.677 5.642   1.00 18.37 ? 154 ASP A CA  1 
ATOM   1246 C C   . ASP A 1 157 ? 0.983   -18.380 4.195   1.00 18.41 ? 154 ASP A C   1 
ATOM   1247 O O   . ASP A 1 157 ? 2.154   -18.166 3.874   1.00 20.88 ? 154 ASP A O   1 
ATOM   1248 C CB  . ASP A 1 157 ? 0.869   -20.166 5.896   1.00 20.10 ? 154 ASP A CB  1 
ATOM   1249 C CG  . ASP A 1 157 ? 0.810   -20.524 7.338   1.00 22.90 ? 154 ASP A CG  1 
ATOM   1250 O OD1 . ASP A 1 157 ? 1.305   -19.776 8.203   1.00 25.49 ? 154 ASP A OD1 1 
ATOM   1251 O OD2 . ASP A 1 157 ? 0.295   -21.618 7.607   1.00 28.94 ? 154 ASP A OD2 1 
ATOM   1252 N N   . THR A 1 158 ? -0.001  -18.376 3.313   1.00 20.70 ? 155 THR A N   1 
ATOM   1253 C CA  . THR A 1 158 ? 0.261   -17.942 1.947   1.00 20.90 ? 155 THR A CA  1 
ATOM   1254 C C   . THR A 1 158 ? -0.856  -17.004 1.498   1.00 18.14 ? 155 THR A C   1 
ATOM   1255 O O   . THR A 1 158 ? -2.015  -17.185 1.847   1.00 18.10 ? 155 THR A O   1 
ATOM   1256 C CB  . THR A 1 158 ? 0.424   -19.095 0.950   1.00 24.90 ? 155 THR A CB  1 
ATOM   1257 O OG1 . THR A 1 158 ? -0.777  -19.834 0.880   1.00 24.08 ? 155 THR A OG1 1 
ATOM   1258 C CG2 . THR A 1 158 ? 1.560   -20.018 1.337   1.00 27.33 ? 155 THR A CG2 1 
ATOM   1259 N N   . VAL A 1 159 ? -0.468  -15.997 0.742   1.00 18.93 ? 156 VAL A N   1 
ATOM   1260 C CA  . VAL A 1 159 ? -1.366  -14.891 0.368   1.00 19.61 ? 156 VAL A CA  1 
ATOM   1261 C C   . VAL A 1 159 ? -2.262  -15.340 -0.770  1.00 23.33 ? 156 VAL A C   1 
ATOM   1262 O O   . VAL A 1 159 ? -3.485  -15.059 -0.772  1.00 24.50 ? 156 VAL A O   1 
ATOM   1263 C CB  . VAL A 1 159 ? -0.552  -13.639 -0.054  1.00 20.97 ? 156 VAL A CB  1 
ATOM   1264 C CG1 . VAL A 1 159 ? -1.482  -12.475 -0.397  1.00 21.37 ? 156 VAL A CG1 1 
ATOM   1265 C CG2 . VAL A 1 159 ? 0.404   -13.215 1.026   1.00 22.68 ? 156 VAL A CG2 1 
ATOM   1266 O OXT . VAL A 1 159 ? -1.773  -16.010 -1.702  1.00 22.99 ? 156 VAL A OXT 1 
HETATM 1267 C C10 . 8WZ B 2 .   ? -5.754  1.926   0.436   1.00 19.43 ? 201 8WZ A C10 1 
HETATM 1268 C C15 . 8WZ B 2 .   ? -6.513  2.015   1.591   1.00 16.57 ? 201 8WZ A C15 1 
HETATM 1269 C C01 . 8WZ B 2 .   ? -10.024 2.287   0.214   1.00 19.02 ? 201 8WZ A C01 1 
HETATM 1270 C C02 . 8WZ B 2 .   ? -8.515  2.141   0.298   1.00 18.69 ? 201 8WZ A C02 1 
HETATM 1271 C C03 . 8WZ B 2 .   ? -7.737  1.983   -0.880  1.00 18.84 ? 201 8WZ A C03 1 
HETATM 1272 C C04 . 8WZ B 2 .   ? -6.342  1.903   -0.845  1.00 20.71 ? 201 8WZ A C04 1 
HETATM 1273 C C05 . 8WZ B 2 .   ? -5.540  1.702   -2.004  1.00 22.00 ? 201 8WZ A C05 1 
HETATM 1274 C C06 . 8WZ B 2 .   ? -5.928  1.887   -3.324  1.00 21.30 ? 201 8WZ A C06 1 
HETATM 1275 C C07 . 8WZ B 2 .   ? -4.877  1.512   -4.170  1.00 24.23 ? 201 8WZ A C07 1 
HETATM 1276 C C08 . 8WZ B 2 .   ? -3.872  1.041   -3.377  1.00 22.25 ? 201 8WZ A C08 1 
HETATM 1277 O O09 . 8WZ B 2 .   ? -4.288  1.152   -2.065  1.00 24.43 ? 201 8WZ A O09 1 
HETATM 1278 O O11 . 8WZ B 2 .   ? -4.426  1.835   0.777   1.00 19.54 ? 201 8WZ A O11 1 
HETATM 1279 C C12 . 8WZ B 2 .   ? -4.425  1.869   2.155   1.00 16.91 ? 201 8WZ A C12 1 
HETATM 1280 N N13 . 8WZ B 2 .   ? -3.208  1.836   2.887   1.00 15.42 ? 201 8WZ A N13 1 
HETATM 1281 N N14 . 8WZ B 2 .   ? -5.656  1.971   2.636   1.00 15.87 ? 201 8WZ A N14 1 
HETATM 1282 C C16 . 8WZ B 2 .   ? -7.911  2.117   1.541   1.00 17.88 ? 201 8WZ A C16 1 
HETATM 1283 S S   . SO4 C 3 .   ? -5.899  -20.070 4.541   1.00 43.79 ? 202 SO4 A S   1 
HETATM 1284 O O1  . SO4 C 3 .   ? -6.545  -21.313 4.066   1.00 38.21 ? 202 SO4 A O1  1 
HETATM 1285 O O2  . SO4 C 3 .   ? -6.441  -18.916 3.749   1.00 51.69 ? 202 SO4 A O2  1 
HETATM 1286 O O3  . SO4 C 3 .   ? -6.188  -19.860 5.980   1.00 49.67 ? 202 SO4 A O3  1 
HETATM 1287 O O4  . SO4 C 3 .   ? -4.418  -20.214 4.425   1.00 47.62 ? 202 SO4 A O4  1 
HETATM 1288 S S   . SO4 D 3 .   ? -11.433 -9.573  12.884  1.00 53.38 ? 203 SO4 A S   1 
HETATM 1289 O O1  . SO4 D 3 .   ? -11.376 -10.479 11.700  1.00 40.02 ? 203 SO4 A O1  1 
HETATM 1290 O O2  . SO4 D 3 .   ? -12.664 -8.726  12.882  1.00 47.84 ? 203 SO4 A O2  1 
HETATM 1291 O O3  . SO4 D 3 .   ? -11.440 -10.374 14.138  1.00 56.76 ? 203 SO4 A O3  1 
HETATM 1292 O O4  . SO4 D 3 .   ? -10.220 -8.730  12.883  1.00 50.75 ? 203 SO4 A O4  1 
HETATM 1293 O O   . HOH E 4 .   ? -11.573 1.080   13.144  1.00 34.82 ? 301 HOH A O   1 
HETATM 1294 O O   . HOH E 4 .   ? -2.376  -20.059 3.865   1.00 21.07 ? 302 HOH A O   1 
HETATM 1295 O O   . HOH E 4 .   ? 13.924  7.569   8.670   1.00 35.50 ? 303 HOH A O   1 
HETATM 1296 O O   . HOH E 4 .   ? 16.838  0.645   8.473   1.00 39.94 ? 304 HOH A O   1 
HETATM 1297 O O   . HOH E 4 .   ? -7.166  -5.422  -23.980 1.00 26.55 ? 305 HOH A O   1 
HETATM 1298 O O   . HOH E 4 .   ? -0.957  12.762  -6.816  1.00 31.78 ? 306 HOH A O   1 
HETATM 1299 O O   . HOH E 4 .   ? 3.551   -8.502  -16.805 1.00 31.07 ? 307 HOH A O   1 
HETATM 1300 O O   . HOH E 4 .   ? -16.344 -8.728  -11.094 1.00 51.90 ? 308 HOH A O   1 
HETATM 1301 O O   . HOH E 4 .   ? -4.499  -18.018 2.413   1.00 24.28 ? 309 HOH A O   1 
HETATM 1302 O O   . HOH E 4 .   ? 5.132   -11.323 -13.126 1.00 29.92 ? 310 HOH A O   1 
HETATM 1303 O O   . HOH E 4 .   ? -23.810 3.125   -6.799  1.00 28.12 ? 311 HOH A O   1 
HETATM 1304 O O   . HOH E 4 .   ? -12.112 0.359   -8.127  1.00 24.68 ? 312 HOH A O   1 
HETATM 1305 O O   . HOH E 4 .   ? 10.755  9.236   11.492  1.00 22.58 ? 313 HOH A O   1 
HETATM 1306 O O   . HOH E 4 .   ? -9.984  -8.908  -8.621  1.00 36.40 ? 314 HOH A O   1 
HETATM 1307 O O   . HOH E 4 .   ? 6.792   2.237   0.285   1.00 13.42 ? 315 HOH A O   1 
HETATM 1308 O O   . HOH E 4 .   ? 4.616   -3.987  -16.460 1.00 29.25 ? 316 HOH A O   1 
HETATM 1309 O O   . HOH E 4 .   ? -9.598  -15.106 3.690   1.00 39.25 ? 317 HOH A O   1 
HETATM 1310 O O   . HOH E 4 .   ? 7.714   10.822  -7.271  1.00 20.25 ? 318 HOH A O   1 
HETATM 1311 O O   . HOH E 4 .   ? -16.017 8.895   6.364   1.00 24.33 ? 319 HOH A O   1 
HETATM 1312 O O   . HOH E 4 .   ? -1.818  1.916   -13.314 1.00 37.89 ? 320 HOH A O   1 
HETATM 1313 O O   . HOH E 4 .   ? -8.406  9.507   1.413   1.00 35.77 ? 321 HOH A O   1 
HETATM 1314 O O   . HOH E 4 .   ? -10.167 12.440  4.685   1.00 42.14 ? 322 HOH A O   1 
HETATM 1315 O O   . HOH E 4 .   ? -18.533 -2.616  13.386  1.00 41.03 ? 323 HOH A O   1 
HETATM 1316 O O   . HOH E 4 .   ? 1.205   -15.465 10.875  1.00 33.75 ? 324 HOH A O   1 
HETATM 1317 O O   . HOH E 4 .   ? 3.362   5.487   15.189  1.00 35.86 ? 325 HOH A O   1 
HETATM 1318 O O   . HOH E 4 .   ? 6.016   10.769  12.172  1.00 31.97 ? 326 HOH A O   1 
HETATM 1319 O O   . HOH E 4 .   ? -2.419  5.109   3.993   1.00 11.06 ? 327 HOH A O   1 
HETATM 1320 O O   . HOH E 4 .   ? -0.273  -1.759  -10.272 1.00 17.45 ? 328 HOH A O   1 
HETATM 1321 O O   . HOH E 4 .   ? -7.545  3.421   12.422  1.00 23.28 ? 329 HOH A O   1 
HETATM 1322 O O   . HOH E 4 .   ? -20.885 -0.875  11.493  1.00 28.86 ? 330 HOH A O   1 
HETATM 1323 O O   . HOH E 4 .   ? -4.416  -3.194  -23.725 1.00 17.96 ? 331 HOH A O   1 
HETATM 1324 O O   . HOH E 4 .   ? -9.253  -21.561 4.155   1.00 31.46 ? 332 HOH A O   1 
HETATM 1325 O O   . HOH E 4 .   ? 6.974   9.222   -12.837 1.00 33.85 ? 333 HOH A O   1 
HETATM 1326 O O   . HOH E 4 .   ? 13.064  -7.620  -0.838  1.00 34.87 ? 334 HOH A O   1 
HETATM 1327 O O   . HOH E 4 .   ? -20.823 -1.525  -2.227  1.00 28.23 ? 335 HOH A O   1 
HETATM 1328 O O   . HOH E 4 .   ? 1.201   -10.553 -20.987 1.00 25.72 ? 336 HOH A O   1 
HETATM 1329 O O   . HOH E 4 .   ? 2.122   13.626  8.812   1.00 32.29 ? 337 HOH A O   1 
HETATM 1330 O O   . HOH E 4 .   ? -9.336  11.185  -1.760  1.00 32.43 ? 338 HOH A O   1 
HETATM 1331 O O   . HOH E 4 .   ? 5.051   -9.270  5.858   1.00 33.55 ? 339 HOH A O   1 
HETATM 1332 O O   . HOH E 4 .   ? 0.366   2.235   3.795   1.00 21.90 ? 340 HOH A O   1 
HETATM 1333 O O   . HOH E 4 .   ? -1.050  -11.384 -4.371  1.00 31.40 ? 341 HOH A O   1 
HETATM 1334 O O   . HOH E 4 .   ? -3.977  4.565   10.091  1.00 12.20 ? 342 HOH A O   1 
HETATM 1335 O O   . HOH E 4 .   ? -10.164 -11.231 6.218   1.00 29.81 ? 343 HOH A O   1 
HETATM 1336 O O   . HOH E 4 .   ? -4.155  4.713   14.892  1.00 34.47 ? 344 HOH A O   1 
HETATM 1337 O O   . HOH E 4 .   ? -17.140 -0.514  -3.125  1.00 13.33 ? 345 HOH A O   1 
HETATM 1338 O O   . HOH E 4 .   ? -2.499  8.354   -0.120  1.00 27.52 ? 346 HOH A O   1 
HETATM 1339 O O   . HOH E 4 .   ? 7.148   -3.993  -14.233 1.00 27.95 ? 347 HOH A O   1 
HETATM 1340 O O   . HOH E 4 .   ? -3.691  6.513   -0.939  1.00 27.62 ? 348 HOH A O   1 
HETATM 1341 O O   . HOH E 4 .   ? -2.943  -19.815 6.794   1.00 33.05 ? 349 HOH A O   1 
HETATM 1342 O O   . HOH E 4 .   ? 4.517   -4.996  14.789  1.00 31.15 ? 350 HOH A O   1 
HETATM 1343 O O   . HOH E 4 .   ? 1.848   -14.924 8.369   1.00 22.72 ? 351 HOH A O   1 
HETATM 1344 O O   . HOH E 4 .   ? -6.261  7.387   10.091  1.00 28.43 ? 352 HOH A O   1 
HETATM 1345 O O   . HOH E 4 .   ? 15.932  8.058   7.094   1.00 30.14 ? 353 HOH A O   1 
HETATM 1346 O O   . HOH E 4 .   ? 1.059   7.275   -1.392  1.00 32.38 ? 354 HOH A O   1 
HETATM 1347 O O   . HOH E 4 .   ? -5.124  9.579   -8.817  1.00 41.65 ? 355 HOH A O   1 
HETATM 1348 O O   . HOH E 4 .   ? -5.979  10.895  7.421   1.00 35.33 ? 356 HOH A O   1 
HETATM 1349 O O   . HOH E 4 .   ? 4.397   16.599  -4.110  1.00 27.49 ? 357 HOH A O   1 
HETATM 1350 O O   . HOH E 4 .   ? 0.258   -9.748  -2.451  1.00 24.21 ? 358 HOH A O   1 
HETATM 1351 O O   . HOH E 4 .   ? 2.965   17.345  0.127   1.00 29.77 ? 359 HOH A O   1 
HETATM 1352 O O   . HOH E 4 .   ? -0.012  9.281   14.012  1.00 28.67 ? 360 HOH A O   1 
HETATM 1353 O O   . HOH E 4 .   ? 12.980  11.147  4.138   1.00 19.17 ? 361 HOH A O   1 
HETATM 1354 O O   . HOH E 4 .   ? -4.787  -1.318  -19.254 1.00 26.03 ? 362 HOH A O   1 
HETATM 1355 O O   . HOH E 4 .   ? 1.878   -11.489 -10.323 1.00 21.40 ? 363 HOH A O   1 
HETATM 1356 O O   . HOH E 4 .   ? -0.016  5.820   -3.649  1.00 38.39 ? 364 HOH A O   1 
HETATM 1357 O O   . HOH E 4 .   ? -7.559  -7.007  13.922  1.00 28.87 ? 365 HOH A O   1 
HETATM 1358 O O   . HOH E 4 .   ? -13.278 4.424   11.661  1.00 26.20 ? 366 HOH A O   1 
HETATM 1359 O O   . HOH E 4 .   ? -5.177  -14.037 12.562  1.00 26.08 ? 367 HOH A O   1 
HETATM 1360 O O   . HOH E 4 .   ? -17.678 1.996   -7.846  1.00 19.18 ? 368 HOH A O   1 
HETATM 1361 O O   . HOH E 4 .   ? 5.469   21.732  -8.391  1.00 36.00 ? 369 HOH A O   1 
HETATM 1362 O O   . HOH E 4 .   ? -13.926 1.461   -6.343  1.00 36.59 ? 370 HOH A O   1 
HETATM 1363 O O   . HOH E 4 .   ? -15.251 11.133  3.149   1.00 38.95 ? 371 HOH A O   1 
HETATM 1364 O O   . HOH E 4 .   ? -3.589  3.913   -10.969 1.00 28.84 ? 372 HOH A O   1 
HETATM 1365 O O   . HOH E 4 .   ? 2.553   15.697  -2.697  1.00 27.68 ? 373 HOH A O   1 
HETATM 1366 O O   . HOH E 4 .   ? -19.084 5.337   0.961   1.00 21.47 ? 374 HOH A O   1 
HETATM 1367 O O   . HOH E 4 .   ? 4.144   15.105  -11.068 1.00 24.10 ? 375 HOH A O   1 
HETATM 1368 O O   . HOH E 4 .   ? 5.868   -11.936 -5.225  1.00 37.69 ? 376 HOH A O   1 
HETATM 1369 O O   . HOH E 4 .   ? 2.468   -16.074 -0.169  1.00 24.47 ? 377 HOH A O   1 
HETATM 1370 O O   . HOH E 4 .   ? -9.133  -10.637 1.267   1.00 31.96 ? 378 HOH A O   1 
HETATM 1371 O O   . HOH E 4 .   ? 8.638   0.555   -14.688 1.00 39.31 ? 379 HOH A O   1 
HETATM 1372 O O   . HOH E 4 .   ? -22.853 -1.271  -0.748  1.00 43.74 ? 380 HOH A O   1 
HETATM 1373 O O   . HOH E 4 .   ? 13.792  14.378  -5.214  1.00 30.91 ? 381 HOH A O   1 
HETATM 1374 O O   . HOH E 4 .   ? 18.348  -2.099  -0.803  1.00 39.63 ? 382 HOH A O   1 
HETATM 1375 O O   . HOH E 4 .   ? -14.378 -9.584  -9.797  1.00 54.29 ? 383 HOH A O   1 
HETATM 1376 O O   . HOH E 4 .   ? 9.009   9.493   -9.523  1.00 37.01 ? 384 HOH A O   1 
HETATM 1377 O O   . HOH E 4 .   ? 21.237  2.692   -4.355  1.00 33.63 ? 385 HOH A O   1 
HETATM 1378 O O   . HOH E 4 .   ? 18.093  2.781   0.444   1.00 37.85 ? 386 HOH A O   1 
HETATM 1379 O O   . HOH E 4 .   ? 12.191  2.715   15.504  1.00 40.11 ? 387 HOH A O   1 
HETATM 1380 O O   . HOH E 4 .   ? 7.726   -14.027 10.303  1.00 47.61 ? 388 HOH A O   1 
HETATM 1381 O O   . HOH E 4 .   ? -1.398  3.853   -4.046  1.00 46.79 ? 389 HOH A O   1 
HETATM 1382 O O   . HOH E 4 .   ? -1.027  0.838   15.189  1.00 38.71 ? 390 HOH A O   1 
HETATM 1383 O O   . HOH E 4 .   ? -19.449 8.481   10.452  1.00 34.92 ? 391 HOH A O   1 
HETATM 1384 O O   . HOH E 4 .   ? -12.568 -9.333  -4.559  1.00 46.02 ? 392 HOH A O   1 
HETATM 1385 O O   . HOH E 4 .   ? 6.881   -14.010 -2.065  1.00 33.43 ? 393 HOH A O   1 
HETATM 1386 O O   . HOH E 4 .   ? -9.626  3.550   -16.132 1.00 47.48 ? 394 HOH A O   1 
HETATM 1387 O O   . HOH E 4 .   ? 3.516   10.198  14.120  1.00 42.49 ? 395 HOH A O   1 
HETATM 1388 O O   . HOH E 4 .   ? 6.400   -11.736 4.530   1.00 42.21 ? 396 HOH A O   1 
HETATM 1389 O O   . HOH E 4 .   ? -6.202  -0.560  15.390  1.00 38.68 ? 397 HOH A O   1 
HETATM 1390 O O   . HOH E 4 .   ? -1.479  -22.627 3.895   1.00 32.69 ? 398 HOH A O   1 
HETATM 1391 O O   . HOH E 4 .   ? 4.073   -15.945 8.056   1.00 44.11 ? 399 HOH A O   1 
HETATM 1392 O O   . HOH E 4 .   ? -5.678  4.396   -9.120  1.00 46.48 ? 400 HOH A O   1 
HETATM 1393 O O   . HOH E 4 .   ? 4.433   13.634  9.959   1.00 39.48 ? 401 HOH A O   1 
# 
